data_4OYC
# 
_entry.id   4OYC 
# 
_audit_conform.dict_name       mmcif_pdbx.dic 
_audit_conform.dict_version    5.379 
_audit_conform.dict_location   http://mmcif.pdb.org/dictionaries/ascii/mmcif_pdbx.dic 
# 
loop_
_database_2.database_id 
_database_2.database_code 
_database_2.pdbx_database_accession 
_database_2.pdbx_DOI 
PDB   4OYC         pdb_00004oyc 10.2210/pdb4oyc/pdb 
WWPDB D_1000200247 ?            ?                   
# 
_pdbx_database_status.status_code                     REL 
_pdbx_database_status.status_code_sf                  REL 
_pdbx_database_status.status_code_mr                  ? 
_pdbx_database_status.entry_id                        4OYC 
_pdbx_database_status.recvd_initial_deposition_date   2014-02-11 
_pdbx_database_status.SG_entry                        N 
_pdbx_database_status.deposit_site                    RCSB 
_pdbx_database_status.process_site                    RCSB 
_pdbx_database_status.status_code_cs                  ? 
_pdbx_database_status.methods_development_category    ? 
_pdbx_database_status.status_code_nmr_data            ? 
_pdbx_database_status.pdb_format_compatible           Y 
# 
loop_
_audit_author.name 
_audit_author.pdbx_ordinal 
'Bergeron, J.R.C.'  1 
'Strynadka, N.C.J.' 2 
# 
_citation.abstract                  ? 
_citation.abstract_id_CAS           ? 
_citation.book_id_ISBN              ? 
_citation.book_publisher            ? 
_citation.book_publisher_city       ? 
_citation.book_title                ? 
_citation.coordinate_linkage        ? 
_citation.country                   UK 
_citation.database_id_Medline       ? 
_citation.details                   ? 
_citation.id                        primary 
_citation.journal_abbrev            Structure 
_citation.journal_id_ASTM           STRUE6 
_citation.journal_id_CSD            2005 
_citation.journal_id_ISSN           0969-2126 
_citation.journal_full              ? 
_citation.journal_issue             ? 
_citation.journal_volume            23 
_citation.language                  ? 
_citation.page_first                161 
_citation.page_last                 172 
_citation.title                     
'The Modular Structure of the Inner-Membrane Ring Component PrgK Facilitates Assembly of the Type III Secretion System Basal Body.' 
_citation.year                      2015 
_citation.database_id_CSD           ? 
_citation.pdbx_database_id_DOI      10.1016/j.str.2014.10.021 
_citation.pdbx_database_id_PubMed   25533490 
_citation.unpublished_flag          ? 
# 
loop_
_citation_author.citation_id 
_citation_author.name 
_citation_author.ordinal 
_citation_author.identifier_ORCID 
primary 'Bergeron, J.R.'  1  ? 
primary 'Worrall, L.J.'   2  ? 
primary 'De, S.'          3  ? 
primary 'Sgourakis, N.G.' 4  ? 
primary 'Cheung, A.H.'    5  ? 
primary 'Lameignere, E.'  6  ? 
primary 'Okon, M.'        7  ? 
primary 'Wasney, G.A.'    8  ? 
primary 'Baker, D.'       9  ? 
primary 'McIntosh, L.P.'  10 ? 
primary 'Strynadka, N.C.' 11 ? 
# 
_cell.entry_id           4OYC 
_cell.length_a           77.190 
_cell.length_b           34.740 
_cell.length_c           64.030 
_cell.angle_alpha        90.00 
_cell.angle_beta         110.77 
_cell.angle_gamma        90.00 
_cell.Z_PDB              8 
_cell.pdbx_unique_axis   ? 
# 
_symmetry.entry_id                         4OYC 
_symmetry.space_group_name_H-M             'C 1 2 1' 
_symmetry.pdbx_full_space_group_name_H-M   ? 
_symmetry.cell_setting                     ? 
_symmetry.Int_Tables_number                5 
# 
loop_
_entity.id 
_entity.type 
_entity.src_method 
_entity.pdbx_description 
_entity.formula_weight 
_entity.pdbx_number_of_molecules 
_entity.pdbx_ec 
_entity.pdbx_mutation 
_entity.pdbx_fragment 
_entity.details 
1 polymer man 'Lipoprotein PrgK' 12007.386 2 ? ? 96-200 ? 
2 water   nat water              18.015    7 ? ? ?      ? 
# 
_entity_poly.entity_id                      1 
_entity_poly.type                           'polypeptide(L)' 
_entity_poly.nstd_linkage                   no 
_entity_poly.nstd_monomer                   no 
_entity_poly.pdbx_seq_one_letter_code       
;GSHMSSPRAEKARLYSAIEQRLEQSLQTMEGVLSARVHISYDIDAGENGRPPKPVHLSALAVYERGSPLAHQISDIKRFL
KNSFADVDYDNISVVLSERSDAQLQAPGT
;
_entity_poly.pdbx_seq_one_letter_code_can   
;GSHMSSPRAEKARLYSAIEQRLEQSLQTMEGVLSARVHISYDIDAGENGRPPKPVHLSALAVYERGSPLAHQISDIKRFL
KNSFADVDYDNISVVLSERSDAQLQAPGT
;
_entity_poly.pdbx_strand_id                 A,B 
_entity_poly.pdbx_target_identifier         ? 
# 
loop_
_entity_poly_seq.entity_id 
_entity_poly_seq.num 
_entity_poly_seq.mon_id 
_entity_poly_seq.hetero 
1 1   GLY n 
1 2   SER n 
1 3   HIS n 
1 4   MET n 
1 5   SER n 
1 6   SER n 
1 7   PRO n 
1 8   ARG n 
1 9   ALA n 
1 10  GLU n 
1 11  LYS n 
1 12  ALA n 
1 13  ARG n 
1 14  LEU n 
1 15  TYR n 
1 16  SER n 
1 17  ALA n 
1 18  ILE n 
1 19  GLU n 
1 20  GLN n 
1 21  ARG n 
1 22  LEU n 
1 23  GLU n 
1 24  GLN n 
1 25  SER n 
1 26  LEU n 
1 27  GLN n 
1 28  THR n 
1 29  MET n 
1 30  GLU n 
1 31  GLY n 
1 32  VAL n 
1 33  LEU n 
1 34  SER n 
1 35  ALA n 
1 36  ARG n 
1 37  VAL n 
1 38  HIS n 
1 39  ILE n 
1 40  SER n 
1 41  TYR n 
1 42  ASP n 
1 43  ILE n 
1 44  ASP n 
1 45  ALA n 
1 46  GLY n 
1 47  GLU n 
1 48  ASN n 
1 49  GLY n 
1 50  ARG n 
1 51  PRO n 
1 52  PRO n 
1 53  LYS n 
1 54  PRO n 
1 55  VAL n 
1 56  HIS n 
1 57  LEU n 
1 58  SER n 
1 59  ALA n 
1 60  LEU n 
1 61  ALA n 
1 62  VAL n 
1 63  TYR n 
1 64  GLU n 
1 65  ARG n 
1 66  GLY n 
1 67  SER n 
1 68  PRO n 
1 69  LEU n 
1 70  ALA n 
1 71  HIS n 
1 72  GLN n 
1 73  ILE n 
1 74  SER n 
1 75  ASP n 
1 76  ILE n 
1 77  LYS n 
1 78  ARG n 
1 79  PHE n 
1 80  LEU n 
1 81  LYS n 
1 82  ASN n 
1 83  SER n 
1 84  PHE n 
1 85  ALA n 
1 86  ASP n 
1 87  VAL n 
1 88  ASP n 
1 89  TYR n 
1 90  ASP n 
1 91  ASN n 
1 92  ILE n 
1 93  SER n 
1 94  VAL n 
1 95  VAL n 
1 96  LEU n 
1 97  SER n 
1 98  GLU n 
1 99  ARG n 
1 100 SER n 
1 101 ASP n 
1 102 ALA n 
1 103 GLN n 
1 104 LEU n 
1 105 GLN n 
1 106 ALA n 
1 107 PRO n 
1 108 GLY n 
1 109 THR n 
# 
_entity_src_gen.entity_id                          1 
_entity_src_gen.pdbx_src_id                        1 
_entity_src_gen.pdbx_alt_source_flag               sample 
_entity_src_gen.pdbx_seq_type                      'Biological sequence' 
_entity_src_gen.pdbx_beg_seq_num                   1 
_entity_src_gen.pdbx_end_seq_num                   109 
_entity_src_gen.gene_src_common_name               ? 
_entity_src_gen.gene_src_genus                     ? 
_entity_src_gen.pdbx_gene_src_gene                 'prgK, STM2871' 
_entity_src_gen.gene_src_species                   ? 
_entity_src_gen.gene_src_strain                    'LT2 / SGSC1412 / ATCC 700720' 
_entity_src_gen.gene_src_tissue                    ? 
_entity_src_gen.gene_src_tissue_fraction           ? 
_entity_src_gen.gene_src_details                   ? 
_entity_src_gen.pdbx_gene_src_fragment             ? 
_entity_src_gen.pdbx_gene_src_scientific_name      'Salmonella typhimurium' 
_entity_src_gen.pdbx_gene_src_ncbi_taxonomy_id     99287 
_entity_src_gen.pdbx_gene_src_variant              ? 
_entity_src_gen.pdbx_gene_src_cell_line            ? 
_entity_src_gen.pdbx_gene_src_atcc                 ? 
_entity_src_gen.pdbx_gene_src_organ                ? 
_entity_src_gen.pdbx_gene_src_organelle            ? 
_entity_src_gen.pdbx_gene_src_cell                 ? 
_entity_src_gen.pdbx_gene_src_cellular_location    ? 
_entity_src_gen.host_org_common_name               ? 
_entity_src_gen.pdbx_host_org_scientific_name      'Escherichia coli' 
_entity_src_gen.pdbx_host_org_ncbi_taxonomy_id     469008 
_entity_src_gen.host_org_genus                     ? 
_entity_src_gen.pdbx_host_org_gene                 ? 
_entity_src_gen.pdbx_host_org_organ                ? 
_entity_src_gen.host_org_species                   ? 
_entity_src_gen.pdbx_host_org_tissue               ? 
_entity_src_gen.pdbx_host_org_tissue_fraction      ? 
_entity_src_gen.pdbx_host_org_strain               'BL21(DE3)' 
_entity_src_gen.pdbx_host_org_variant              ? 
_entity_src_gen.pdbx_host_org_cell_line            ? 
_entity_src_gen.pdbx_host_org_atcc                 ? 
_entity_src_gen.pdbx_host_org_culture_collection   ? 
_entity_src_gen.pdbx_host_org_cell                 ? 
_entity_src_gen.pdbx_host_org_organelle            ? 
_entity_src_gen.pdbx_host_org_cellular_location    ? 
_entity_src_gen.pdbx_host_org_vector_type          ? 
_entity_src_gen.pdbx_host_org_vector               ? 
_entity_src_gen.host_org_details                   ? 
_entity_src_gen.expression_system_id               ? 
_entity_src_gen.plasmid_name                       ? 
_entity_src_gen.plasmid_details                    ? 
_entity_src_gen.pdbx_description                   ? 
# 
_struct_ref.db_code                    PRGK_SALTY 
_struct_ref.db_name                    UNP 
_struct_ref.details                    ? 
_struct_ref.entity_id                  1 
_struct_ref.id                         1 
_struct_ref.seq_align                  ? 
_struct_ref.seq_dif                    ? 
_struct_ref.pdbx_db_accession          P41786 
_struct_ref.pdbx_seq_one_letter_code   
;SSPRAEKARLYSAIEQRLEQSLQTMEGVLSARVHISYDIDAGENGRPPKPVHLSALAVYERGSPLAHQISDIKRFLKNSF
ADVDYDNISVVLSERSDAQLQAPGT
;
_struct_ref.pdbx_align_begin           96 
_struct_ref.pdbx_align_end             ? 
_struct_ref.pdbx_db_isoform            ? 
# 
loop_
_struct_ref_seq.align_id 
_struct_ref_seq.ref_id 
_struct_ref_seq.pdbx_PDB_id_code 
_struct_ref_seq.pdbx_strand_id 
_struct_ref_seq.seq_align_beg 
_struct_ref_seq.pdbx_seq_align_beg_ins_code 
_struct_ref_seq.seq_align_end 
_struct_ref_seq.pdbx_seq_align_end_ins_code 
_struct_ref_seq.pdbx_db_accession 
_struct_ref_seq.db_align_beg 
_struct_ref_seq.pdbx_db_align_beg_ins_code 
_struct_ref_seq.db_align_end 
_struct_ref_seq.pdbx_db_align_end_ins_code 
_struct_ref_seq.pdbx_auth_seq_align_beg 
_struct_ref_seq.pdbx_auth_seq_align_end 
1 1 4OYC A 5 ? 109 ? P41786 96 ? 200 ? 96 187 
2 1 4OYC B 5 ? 109 ? P41786 96 ? 200 ? 96 194 
# 
loop_
_struct_ref_seq_dif.align_id 
_struct_ref_seq_dif.pdbx_pdb_id_code 
_struct_ref_seq_dif.mon_id 
_struct_ref_seq_dif.pdbx_pdb_strand_id 
_struct_ref_seq_dif.seq_num 
_struct_ref_seq_dif.pdbx_pdb_ins_code 
_struct_ref_seq_dif.pdbx_seq_db_name 
_struct_ref_seq_dif.pdbx_seq_db_accession_code 
_struct_ref_seq_dif.db_mon_id 
_struct_ref_seq_dif.pdbx_seq_db_seq_num 
_struct_ref_seq_dif.details 
_struct_ref_seq_dif.pdbx_auth_seq_num 
_struct_ref_seq_dif.pdbx_ordinal 
1 4OYC GLY A 1 ? UNP P41786 ? ? 'expression tag' 92 1 
1 4OYC SER A 2 ? UNP P41786 ? ? 'expression tag' 93 2 
1 4OYC HIS A 3 ? UNP P41786 ? ? 'expression tag' 94 3 
1 4OYC MET A 4 ? UNP P41786 ? ? 'expression tag' 95 4 
2 4OYC GLY B 1 ? UNP P41786 ? ? 'expression tag' 92 5 
2 4OYC SER B 2 ? UNP P41786 ? ? 'expression tag' 93 6 
2 4OYC HIS B 3 ? UNP P41786 ? ? 'expression tag' 94 7 
2 4OYC MET B 4 ? UNP P41786 ? ? 'expression tag' 95 8 
# 
loop_
_chem_comp.id 
_chem_comp.type 
_chem_comp.mon_nstd_flag 
_chem_comp.name 
_chem_comp.pdbx_synonyms 
_chem_comp.formula 
_chem_comp.formula_weight 
ALA 'L-peptide linking' y ALANINE         ? 'C3 H7 N O2'     89.093  
ARG 'L-peptide linking' y ARGININE        ? 'C6 H15 N4 O2 1' 175.209 
ASN 'L-peptide linking' y ASPARAGINE      ? 'C4 H8 N2 O3'    132.118 
ASP 'L-peptide linking' y 'ASPARTIC ACID' ? 'C4 H7 N O4'     133.103 
GLN 'L-peptide linking' y GLUTAMINE       ? 'C5 H10 N2 O3'   146.144 
GLU 'L-peptide linking' y 'GLUTAMIC ACID' ? 'C5 H9 N O4'     147.129 
GLY 'peptide linking'   y GLYCINE         ? 'C2 H5 N O2'     75.067  
HIS 'L-peptide linking' y HISTIDINE       ? 'C6 H10 N3 O2 1' 156.162 
HOH non-polymer         . WATER           ? 'H2 O'           18.015  
ILE 'L-peptide linking' y ISOLEUCINE      ? 'C6 H13 N O2'    131.173 
LEU 'L-peptide linking' y LEUCINE         ? 'C6 H13 N O2'    131.173 
LYS 'L-peptide linking' y LYSINE          ? 'C6 H15 N2 O2 1' 147.195 
MET 'L-peptide linking' y METHIONINE      ? 'C5 H11 N O2 S'  149.211 
PHE 'L-peptide linking' y PHENYLALANINE   ? 'C9 H11 N O2'    165.189 
PRO 'L-peptide linking' y PROLINE         ? 'C5 H9 N O2'     115.130 
SER 'L-peptide linking' y SERINE          ? 'C3 H7 N O3'     105.093 
THR 'L-peptide linking' y THREONINE       ? 'C4 H9 N O3'     119.119 
TYR 'L-peptide linking' y TYROSINE        ? 'C9 H11 N O3'    181.189 
VAL 'L-peptide linking' y VALINE          ? 'C5 H11 N O2'    117.146 
# 
_exptl.absorpt_coefficient_mu     ? 
_exptl.absorpt_correction_T_max   ? 
_exptl.absorpt_correction_T_min   ? 
_exptl.absorpt_correction_type    ? 
_exptl.absorpt_process_details    ? 
_exptl.entry_id                   4OYC 
_exptl.crystals_number            ? 
_exptl.details                    ? 
_exptl.method                     'X-RAY DIFFRACTION' 
_exptl.method_details             ? 
# 
_exptl_crystal.colour                      ? 
_exptl_crystal.density_diffrn              ? 
_exptl_crystal.density_Matthews            1.67 
_exptl_crystal.density_method              ? 
_exptl_crystal.density_percent_sol         26.40 
_exptl_crystal.description                 ? 
_exptl_crystal.F_000                       ? 
_exptl_crystal.id                          1 
_exptl_crystal.preparation                 ? 
_exptl_crystal.size_max                    ? 
_exptl_crystal.size_mid                    ? 
_exptl_crystal.size_min                    ? 
_exptl_crystal.size_rad                    ? 
_exptl_crystal.colour_lustre               ? 
_exptl_crystal.colour_modifier             ? 
_exptl_crystal.colour_primary              ? 
_exptl_crystal.density_meas                ? 
_exptl_crystal.density_meas_esd            ? 
_exptl_crystal.density_meas_gt             ? 
_exptl_crystal.density_meas_lt             ? 
_exptl_crystal.density_meas_temp           ? 
_exptl_crystal.density_meas_temp_esd       ? 
_exptl_crystal.density_meas_temp_gt        ? 
_exptl_crystal.density_meas_temp_lt        ? 
_exptl_crystal.pdbx_crystal_image_url      ? 
_exptl_crystal.pdbx_crystal_image_format   ? 
_exptl_crystal.pdbx_mosaicity              ? 
_exptl_crystal.pdbx_mosaicity_esd          ? 
# 
_exptl_crystal_grow.apparatus       ? 
_exptl_crystal_grow.atmosphere      ? 
_exptl_crystal_grow.crystal_id      1 
_exptl_crystal_grow.details         ? 
_exptl_crystal_grow.method          'VAPOR DIFFUSION, SITTING DROP' 
_exptl_crystal_grow.method_ref      ? 
_exptl_crystal_grow.pH              ? 
_exptl_crystal_grow.pressure        ? 
_exptl_crystal_grow.pressure_esd    ? 
_exptl_crystal_grow.seeding         ? 
_exptl_crystal_grow.seeding_ref     ? 
_exptl_crystal_grow.temp            277 
_exptl_crystal_grow.temp_details    ? 
_exptl_crystal_grow.temp_esd        ? 
_exptl_crystal_grow.time            ? 
_exptl_crystal_grow.pdbx_details    '100 mM sodium acetate pH 5.5, 20 % PEG 6000, 50 mM NaCl, 50 mM MgCl2' 
_exptl_crystal_grow.pdbx_pH_range   ? 
# 
_diffrn.ambient_environment    ? 
_diffrn.ambient_temp           100 
_diffrn.ambient_temp_details   ? 
_diffrn.ambient_temp_esd       ? 
_diffrn.crystal_id             1 
_diffrn.crystal_support        ? 
_diffrn.crystal_treatment      ? 
_diffrn.details                ? 
_diffrn.id                     1 
_diffrn.ambient_pressure       ? 
_diffrn.ambient_pressure_esd   ? 
_diffrn.ambient_pressure_gt    ? 
_diffrn.ambient_pressure_lt    ? 
_diffrn.ambient_temp_gt        ? 
_diffrn.ambient_temp_lt        ? 
# 
_diffrn_detector.details                      ? 
_diffrn_detector.detector                     CCD 
_diffrn_detector.diffrn_id                    1 
_diffrn_detector.type                         'RAYONIX MX300HE' 
_diffrn_detector.area_resol_mean              ? 
_diffrn_detector.dtime                        ? 
_diffrn_detector.pdbx_frames_total            ? 
_diffrn_detector.pdbx_collection_time_total   ? 
_diffrn_detector.pdbx_collection_date         2013-06-22 
# 
_diffrn_radiation.collimation                      ? 
_diffrn_radiation.diffrn_id                        1 
_diffrn_radiation.filter_edge                      ? 
_diffrn_radiation.inhomogeneity                    ? 
_diffrn_radiation.monochromator                    ? 
_diffrn_radiation.polarisn_norm                    ? 
_diffrn_radiation.polarisn_ratio                   ? 
_diffrn_radiation.probe                            ? 
_diffrn_radiation.type                             ? 
_diffrn_radiation.xray_symbol                      ? 
_diffrn_radiation.wavelength_id                    1 
_diffrn_radiation.pdbx_monochromatic_or_laue_m_l   ? 
_diffrn_radiation.pdbx_wavelength_list             ? 
_diffrn_radiation.pdbx_wavelength                  ? 
_diffrn_radiation.pdbx_diffrn_protocol             'SINGLE WAVELENGTH' 
_diffrn_radiation.pdbx_analyzer                    ? 
_diffrn_radiation.pdbx_scattering_type             x-ray 
# 
_diffrn_radiation_wavelength.id           1 
_diffrn_radiation_wavelength.wavelength   0.98 
_diffrn_radiation_wavelength.wt           1.0 
# 
_diffrn_source.current                     ? 
_diffrn_source.details                     ? 
_diffrn_source.diffrn_id                   1 
_diffrn_source.power                       ? 
_diffrn_source.size                        ? 
_diffrn_source.source                      SYNCHROTRON 
_diffrn_source.target                      ? 
_diffrn_source.type                        'CLSI BEAMLINE 08B1-1' 
_diffrn_source.voltage                     ? 
_diffrn_source.take-off_angle              ? 
_diffrn_source.pdbx_wavelength_list        0.98 
_diffrn_source.pdbx_wavelength             ? 
_diffrn_source.pdbx_synchrotron_beamline   08B1-1 
_diffrn_source.pdbx_synchrotron_site       CLSI 
# 
_reflns.B_iso_Wilson_estimate            54.04 
_reflns.entry_id                         4OYC 
_reflns.data_reduction_details           ? 
_reflns.data_reduction_method            ? 
_reflns.d_resolution_high                2.6 
_reflns.d_resolution_low                 36.09 
_reflns.details                          ? 
_reflns.limit_h_max                      ? 
_reflns.limit_h_min                      ? 
_reflns.limit_k_max                      ? 
_reflns.limit_k_min                      ? 
_reflns.limit_l_max                      ? 
_reflns.limit_l_min                      ? 
_reflns.number_all                       ? 
_reflns.number_obs                       4992 
_reflns.observed_criterion               ? 
_reflns.observed_criterion_F_max         ? 
_reflns.observed_criterion_F_min         ? 
_reflns.observed_criterion_I_max         ? 
_reflns.observed_criterion_I_min         ? 
_reflns.observed_criterion_sigma_F       ? 
_reflns.observed_criterion_sigma_I       ? 
_reflns.percent_possible_obs             99.9 
_reflns.R_free_details                   ? 
_reflns.Rmerge_F_all                     ? 
_reflns.Rmerge_F_obs                     ? 
_reflns.Friedel_coverage                 ? 
_reflns.number_gt                        ? 
_reflns.threshold_expression             ? 
_reflns.pdbx_redundancy                  3.5 
_reflns.pdbx_Rmerge_I_obs                ? 
_reflns.pdbx_Rmerge_I_all                ? 
_reflns.pdbx_Rsym_value                  ? 
_reflns.pdbx_netI_over_av_sigmaI         ? 
_reflns.pdbx_netI_over_sigmaI            4.5 
_reflns.pdbx_res_netI_over_av_sigmaI_2   ? 
_reflns.pdbx_res_netI_over_sigmaI_2      ? 
_reflns.pdbx_chi_squared                 ? 
_reflns.pdbx_scaling_rejects             ? 
_reflns.pdbx_d_res_high_opt              ? 
_reflns.pdbx_d_res_low_opt               ? 
_reflns.pdbx_d_res_opt_method            ? 
_reflns.phase_calculation_details        ? 
_reflns.pdbx_Rrim_I_all                  ? 
_reflns.pdbx_Rpim_I_all                  ? 
_reflns.pdbx_d_opt                       ? 
_reflns.pdbx_number_measured_all         ? 
_reflns.pdbx_diffrn_id                   1 
_reflns.pdbx_ordinal                     1 
_reflns.pdbx_CC_half                     ? 
_reflns.pdbx_R_split                     ? 
# 
_refine.pdbx_refine_id                           'X-RAY DIFFRACTION' 
_refine.entry_id                                 4OYC 
_refine.pdbx_diffrn_id                           1 
_refine.pdbx_TLS_residual_ADP_flag               ? 
_refine.ls_number_reflns_obs                     4992 
_refine.ls_number_reflns_all                     ? 
_refine.pdbx_ls_sigma_I                          ? 
_refine.pdbx_ls_sigma_F                          0.0 
_refine.pdbx_data_cutoff_high_absF               ? 
_refine.pdbx_data_cutoff_low_absF                ? 
_refine.pdbx_data_cutoff_high_rms_absF           ? 
_refine.ls_d_res_low                             36.09 
_refine.ls_d_res_high                            2.60 
_refine.ls_percent_reflns_obs                    98.95 
_refine.ls_R_factor_obs                          0.2290 
_refine.ls_R_factor_all                          ? 
_refine.ls_R_factor_R_work                       0.2273 
_refine.ls_R_factor_R_free                       0.2586 
_refine.ls_R_factor_R_free_error                 ? 
_refine.ls_R_factor_R_free_error_details         ? 
_refine.ls_percent_reflns_R_free                 5.53 
_refine.ls_number_reflns_R_free                  276 
_refine.ls_number_parameters                     ? 
_refine.ls_number_restraints                     ? 
_refine.occupancy_min                            ? 
_refine.occupancy_max                            ? 
_refine.correlation_coeff_Fo_to_Fc               0.8703 
_refine.correlation_coeff_Fo_to_Fc_free          0.8491 
_refine.B_iso_mean                               48.68 
_refine.aniso_B[1][1]                            14.7306 
_refine.aniso_B[2][2]                            -33.1022 
_refine.aniso_B[3][3]                            18.3717 
_refine.aniso_B[1][2]                            0.0000 
_refine.aniso_B[1][3]                            -0.3369 
_refine.aniso_B[2][3]                            0.0000 
_refine.solvent_model_details                    ? 
_refine.solvent_model_param_ksol                 ? 
_refine.solvent_model_param_bsol                 ? 
_refine.pdbx_solvent_vdw_probe_radii             ? 
_refine.pdbx_solvent_ion_probe_radii             ? 
_refine.pdbx_solvent_shrinkage_radii             ? 
_refine.pdbx_ls_cross_valid_method               THROUGHOUT 
_refine.details                                  ? 
_refine.pdbx_starting_model                      'PDB entry 1YJ7' 
_refine.pdbx_method_to_determine_struct          'MOLECULAR REPLACEMENT' 
_refine.pdbx_isotropic_thermal_model             ? 
_refine.pdbx_stereochemistry_target_values       ? 
_refine.pdbx_stereochem_target_val_spec_case     ? 
_refine.pdbx_R_Free_selection_details            RANDOM 
_refine.pdbx_overall_ESU_R                       ? 
_refine.pdbx_overall_ESU_R_Free                  ? 
_refine.overall_SU_ML                            ? 
_refine.pdbx_overall_phase_error                 ? 
_refine.overall_SU_B                             ? 
_refine.overall_SU_R_Cruickshank_DPI             ? 
_refine.pdbx_overall_SU_R_free_Cruickshank_DPI   ? 
_refine.pdbx_overall_SU_R_Blow_DPI               ? 
_refine.pdbx_overall_SU_R_free_Blow_DPI          0.341 
# 
_refine_analyze.pdbx_refine_id                  'X-RAY DIFFRACTION' 
_refine_analyze.entry_id                        4OYC 
_refine_analyze.Luzzati_coordinate_error_obs    0.381 
_refine_analyze.Luzzati_sigma_a_obs             ? 
_refine_analyze.Luzzati_d_res_low_obs           ? 
_refine_analyze.Luzzati_coordinate_error_free   ? 
_refine_analyze.Luzzati_sigma_a_free            ? 
_refine_analyze.Luzzati_d_res_low_free          ? 
_refine_analyze.number_disordered_residues      ? 
_refine_analyze.occupancy_sum_hydrogen          ? 
_refine_analyze.occupancy_sum_non_hydrogen      ? 
# 
_refine_hist.pdbx_refine_id                   'X-RAY DIFFRACTION' 
_refine_hist.cycle_id                         LAST 
_refine_hist.pdbx_number_atoms_protein        1337 
_refine_hist.pdbx_number_atoms_nucleic_acid   0 
_refine_hist.pdbx_number_atoms_ligand         0 
_refine_hist.number_atoms_solvent             7 
_refine_hist.number_atoms_total               1344 
_refine_hist.d_res_high                       2.60 
_refine_hist.d_res_low                        36.09 
# 
loop_
_refine_ls_restr.type 
_refine_ls_restr.dev_ideal 
_refine_ls_restr.dev_ideal_target 
_refine_ls_restr.weight 
_refine_ls_restr.number 
_refine_ls_restr.pdbx_refine_id 
_refine_ls_restr.pdbx_restraint_function 
t_bond_d                  0.009 ? 2.00  1357 'X-RAY DIFFRACTION' HARMONIC     
t_angle_deg               1.09  ? 2.00  1832 'X-RAY DIFFRACTION' HARMONIC     
t_dihedral_angle_d        ?     ? 2.00  475  'X-RAY DIFFRACTION' SINUSOIDAL   
t_incorr_chiral_ct        ?     ? ?     ?    'X-RAY DIFFRACTION' ?            
t_pseud_angle             ?     ? ?     ?    'X-RAY DIFFRACTION' ?            
t_trig_c_planes           ?     ? 2.00  32   'X-RAY DIFFRACTION' HARMONIC     
t_gen_planes              ?     ? 5.00  197  'X-RAY DIFFRACTION' HARMONIC     
t_it                      ?     ? 20.00 1357 'X-RAY DIFFRACTION' HARMONIC     
t_nbd                     ?     ? ?     ?    'X-RAY DIFFRACTION' ?            
t_omega_torsion           2.20  ? ?     ?    'X-RAY DIFFRACTION' ?            
t_other_torsion           20.17 ? ?     ?    'X-RAY DIFFRACTION' ?            
t_improper_torsion        ?     ? ?     ?    'X-RAY DIFFRACTION' ?            
t_chiral_improper_torsion ?     ? 5.00  181  'X-RAY DIFFRACTION' SEMIHARMONIC 
t_sum_occupancies         ?     ? ?     ?    'X-RAY DIFFRACTION' ?            
t_utility_distance        ?     ? ?     ?    'X-RAY DIFFRACTION' ?            
t_utility_angle           ?     ? ?     ?    'X-RAY DIFFRACTION' ?            
t_utility_torsion         ?     ? ?     ?    'X-RAY DIFFRACTION' ?            
t_ideal_dist_contact      ?     ? 4.00  1455 'X-RAY DIFFRACTION' SEMIHARMONIC 
# 
_refine_ls_shell.pdbx_refine_id                   'X-RAY DIFFRACTION' 
_refine_ls_shell.pdbx_total_number_of_bins_used   5 
_refine_ls_shell.d_res_high                       2.60 
_refine_ls_shell.d_res_low                        2.91 
_refine_ls_shell.number_reflns_R_work             1296 
_refine_ls_shell.R_factor_R_work                  0.2513 
_refine_ls_shell.percent_reflns_obs               98.95 
_refine_ls_shell.R_factor_R_free                  0.3191 
_refine_ls_shell.R_factor_R_free_error            ? 
_refine_ls_shell.percent_reflns_R_free            5.26 
_refine_ls_shell.number_reflns_R_free             72 
_refine_ls_shell.number_reflns_all                1368 
_refine_ls_shell.R_factor_all                     0.2551 
_refine_ls_shell.R_factor_obs                     ? 
_refine_ls_shell.number_reflns_obs                ? 
# 
_struct.entry_id                     4OYC 
_struct.title                        'Crystal structure of the PrgK periplasmic domain 2' 
_struct.pdbx_model_details           ? 
_struct.pdbx_formula_weight          ? 
_struct.pdbx_formula_weight_method   ? 
_struct.pdbx_model_type_details      ? 
_struct.pdbx_CASP_flag               ? 
# 
_struct_keywords.entry_id        4OYC 
_struct_keywords.text            'T3SS, macromolecular assembly, inner-membrane, Protein Transport' 
_struct_keywords.pdbx_keywords   'PROTEIN TRANSPORT' 
# 
loop_
_struct_asym.id 
_struct_asym.pdbx_blank_PDB_chainid_flag 
_struct_asym.pdbx_modified 
_struct_asym.entity_id 
_struct_asym.details 
A N N 1 ? 
B N N 1 ? 
C N N 2 ? 
D N N 2 ? 
# 
_struct_biol.details                      'Oligomeric state is 24-mer as determined by Electron Microscopy' 
_struct_biol.id                           1 
_struct_biol.pdbx_aggregation_state       ? 
_struct_biol.pdbx_assembly_method         ? 
_struct_biol.pdbx_formula_weight          ? 
_struct_biol.pdbx_formula_weight_method   ? 
_struct_biol.pdbx_parent_biol_id          ? 
# 
loop_
_struct_conf.conf_type_id 
_struct_conf.id 
_struct_conf.pdbx_PDB_helix_id 
_struct_conf.beg_label_comp_id 
_struct_conf.beg_label_asym_id 
_struct_conf.beg_label_seq_id 
_struct_conf.pdbx_beg_PDB_ins_code 
_struct_conf.end_label_comp_id 
_struct_conf.end_label_asym_id 
_struct_conf.end_label_seq_id 
_struct_conf.pdbx_end_PDB_ins_code 
_struct_conf.beg_auth_comp_id 
_struct_conf.beg_auth_asym_id 
_struct_conf.beg_auth_seq_id 
_struct_conf.end_auth_comp_id 
_struct_conf.end_auth_asym_id 
_struct_conf.end_auth_seq_id 
_struct_conf.pdbx_PDB_helix_class 
_struct_conf.details 
_struct_conf.pdbx_PDB_helix_length 
HELX_P HELX_P1 AA1 SER A 6  ? GLN A 27 ? SER A 97  GLN A 118 1 ? 22 
HELX_P HELX_P2 AA2 PRO A 68 ? PHE A 84 ? PRO A 146 PHE A 162 1 ? 17 
HELX_P HELX_P3 AA3 ASP A 88 ? ASP A 90 ? ASP A 166 ASP A 168 5 ? 3  
HELX_P HELX_P4 AA4 PRO B 7  ? GLU B 30 ? PRO B 98  GLU B 121 1 ? 24 
HELX_P HELX_P5 AA5 HIS B 71 ? ALA B 85 ? HIS B 156 ALA B 170 1 ? 15 
HELX_P HELX_P6 AA6 ASP B 88 ? ASP B 90 ? ASP B 173 ASP B 175 5 ? 3  
# 
_struct_conf_type.id          HELX_P 
_struct_conf_type.criteria    ? 
_struct_conf_type.reference   ? 
# 
loop_
_struct_sheet.id 
_struct_sheet.type 
_struct_sheet.number_strands 
_struct_sheet.details 
AA1 ? 3 ? 
AA2 ? 3 ? 
# 
loop_
_struct_sheet_order.sheet_id 
_struct_sheet_order.range_id_1 
_struct_sheet_order.range_id_2 
_struct_sheet_order.offset 
_struct_sheet_order.sense 
AA1 1 2 ? anti-parallel 
AA1 2 3 ? parallel      
AA2 1 2 ? anti-parallel 
AA2 2 3 ? parallel      
# 
loop_
_struct_sheet_range.sheet_id 
_struct_sheet_range.id 
_struct_sheet_range.beg_label_comp_id 
_struct_sheet_range.beg_label_asym_id 
_struct_sheet_range.beg_label_seq_id 
_struct_sheet_range.pdbx_beg_PDB_ins_code 
_struct_sheet_range.end_label_comp_id 
_struct_sheet_range.end_label_asym_id 
_struct_sheet_range.end_label_seq_id 
_struct_sheet_range.pdbx_end_PDB_ins_code 
_struct_sheet_range.beg_auth_comp_id 
_struct_sheet_range.beg_auth_asym_id 
_struct_sheet_range.beg_auth_seq_id 
_struct_sheet_range.end_auth_comp_id 
_struct_sheet_range.end_auth_asym_id 
_struct_sheet_range.end_auth_seq_id 
AA1 1 VAL A 32 ? SER A 40 ? VAL A 123 SER A 131 
AA1 2 HIS A 56 ? TYR A 63 ? HIS A 134 TYR A 141 
AA1 3 ILE A 92 ? SER A 97 ? ILE A 170 SER A 175 
AA2 1 SER B 34 ? SER B 40 ? SER B 125 SER B 131 
AA2 2 HIS B 56 ? VAL B 62 ? HIS B 141 VAL B 147 
AA2 3 ILE B 92 ? SER B 97 ? ILE B 177 SER B 182 
# 
loop_
_pdbx_struct_sheet_hbond.sheet_id 
_pdbx_struct_sheet_hbond.range_id_1 
_pdbx_struct_sheet_hbond.range_id_2 
_pdbx_struct_sheet_hbond.range_1_label_atom_id 
_pdbx_struct_sheet_hbond.range_1_label_comp_id 
_pdbx_struct_sheet_hbond.range_1_label_asym_id 
_pdbx_struct_sheet_hbond.range_1_label_seq_id 
_pdbx_struct_sheet_hbond.range_1_PDB_ins_code 
_pdbx_struct_sheet_hbond.range_1_auth_atom_id 
_pdbx_struct_sheet_hbond.range_1_auth_comp_id 
_pdbx_struct_sheet_hbond.range_1_auth_asym_id 
_pdbx_struct_sheet_hbond.range_1_auth_seq_id 
_pdbx_struct_sheet_hbond.range_2_label_atom_id 
_pdbx_struct_sheet_hbond.range_2_label_comp_id 
_pdbx_struct_sheet_hbond.range_2_label_asym_id 
_pdbx_struct_sheet_hbond.range_2_label_seq_id 
_pdbx_struct_sheet_hbond.range_2_PDB_ins_code 
_pdbx_struct_sheet_hbond.range_2_auth_atom_id 
_pdbx_struct_sheet_hbond.range_2_auth_comp_id 
_pdbx_struct_sheet_hbond.range_2_auth_asym_id 
_pdbx_struct_sheet_hbond.range_2_auth_seq_id 
AA1 1 2 N HIS A 38 ? N HIS A 129 O SER A 58 ? O SER A 136 
AA1 2 3 N ALA A 59 ? N ALA A 137 O SER A 93 ? O SER A 171 
AA2 1 2 N SER B 40 ? N SER B 131 O HIS B 56 ? O HIS B 141 
AA2 2 3 N ALA B 59 ? N ALA B 144 O SER B 93 ? O SER B 178 
# 
_atom_sites.entry_id                    4OYC 
_atom_sites.fract_transf_matrix[1][1]   0.01359807 
_atom_sites.fract_transf_matrix[1][2]   -0.00082137 
_atom_sites.fract_transf_matrix[1][3]   0.00252736 
_atom_sites.fract_transf_matrix[2][1]   -0.00488720 
_atom_sites.fract_transf_matrix[2][2]   0.00500626 
_atom_sites.fract_transf_matrix[2][3]   0.02792184 
_atom_sites.fract_transf_matrix[3][1]   0.00441926 
_atom_sites.fract_transf_matrix[3][2]   -0.01570286 
_atom_sites.fract_transf_matrix[3][3]   0.00358896 
_atom_sites.fract_transf_vector[1]      1.116814 
_atom_sites.fract_transf_vector[2]      1.312879 
_atom_sites.fract_transf_vector[3]      3.278845 
# 
loop_
_atom_type.symbol 
C 
N 
O 
S 
# 
loop_
_atom_site.group_PDB 
_atom_site.id 
_atom_site.type_symbol 
_atom_site.label_atom_id 
_atom_site.label_alt_id 
_atom_site.label_comp_id 
_atom_site.label_asym_id 
_atom_site.label_entity_id 
_atom_site.label_seq_id 
_atom_site.pdbx_PDB_ins_code 
_atom_site.Cartn_x 
_atom_site.Cartn_y 
_atom_site.Cartn_z 
_atom_site.occupancy 
_atom_site.B_iso_or_equiv 
_atom_site.pdbx_formal_charge 
_atom_site.auth_seq_id 
_atom_site.auth_comp_id 
_atom_site.auth_asym_id 
_atom_site.auth_atom_id 
_atom_site.pdbx_PDB_model_num 
ATOM   1    N N   . HIS A 1 3  ? -18.624 33.490  -4.359  1.00 40.07  ? 94  HIS A N   1 
ATOM   2    C CA  . HIS A 1 3  ? -18.466 32.076  -4.639  1.00 38.87  ? 94  HIS A CA  1 
ATOM   3    C C   . HIS A 1 3  ? -17.198 31.751  -5.471  1.00 41.50  ? 94  HIS A C   1 
ATOM   4    O O   . HIS A 1 3  ? -16.133 31.532  -4.885  1.00 41.99  ? 94  HIS A O   1 
ATOM   5    C CB  . HIS A 1 3  ? -19.756 31.481  -5.249  1.00 39.33  ? 94  HIS A CB  1 
ATOM   6    N N   . MET A 1 4  ? -17.306 31.730  -6.813  1.00 35.80  ? 95  MET A N   1 
ATOM   7    C CA  . MET A 1 4  ? -16.235 31.306  -7.717  1.00 34.73  ? 95  MET A CA  1 
ATOM   8    C C   . MET A 1 4  ? -14.926 32.050  -7.700  1.00 36.63  ? 95  MET A C   1 
ATOM   9    O O   . MET A 1 4  ? -13.893 31.445  -7.975  1.00 34.86  ? 95  MET A O   1 
ATOM   10   C CB  . MET A 1 4  ? -16.739 30.975  -9.130  1.00 37.15  ? 95  MET A CB  1 
ATOM   11   C CG  . MET A 1 4  ? -17.619 29.712  -9.174  1.00 41.25  ? 95  MET A CG  1 
ATOM   12   S SD  . MET A 1 4  ? -16.852 28.168  -8.553  1.00 45.62  ? 95  MET A SD  1 
ATOM   13   C CE  . MET A 1 4  ? -17.468 28.130  -6.848  1.00 42.03  ? 95  MET A CE  1 
ATOM   14   N N   . SER A 1 5  ? -14.940 33.327  -7.320  1.00 33.89  ? 96  SER A N   1 
ATOM   15   C CA  . SER A 1 5  ? -13.702 34.104  -7.249  1.00 33.59  ? 96  SER A CA  1 
ATOM   16   C C   . SER A 1 5  ? -13.305 34.406  -5.798  1.00 37.00  ? 96  SER A C   1 
ATOM   17   O O   . SER A 1 5  ? -12.428 35.228  -5.567  1.00 36.94  ? 96  SER A O   1 
ATOM   18   C CB  . SER A 1 5  ? -13.817 35.372  -8.092  1.00 35.90  ? 96  SER A CB  1 
ATOM   19   O OG  . SER A 1 5  ? -14.263 35.060  -9.403  1.00 42.23  ? 96  SER A OG  1 
ATOM   20   N N   . SER A 1 6  ? -13.919 33.713  -4.829  1.00 34.37  ? 97  SER A N   1 
ATOM   21   C CA  . SER A 1 6  ? -13.666 33.930  -3.398  1.00 35.04  ? 97  SER A CA  1 
ATOM   22   C C   . SER A 1 6  ? -12.352 33.291  -2.924  1.00 39.29  ? 97  SER A C   1 
ATOM   23   O O   . SER A 1 6  ? -11.865 32.371  -3.594  1.00 38.90  ? 97  SER A O   1 
ATOM   24   C CB  . SER A 1 6  ? -14.854 33.443  -2.560  1.00 39.07  ? 97  SER A CB  1 
ATOM   25   O OG  . SER A 1 6  ? -14.789 32.063  -2.238  1.00 46.89  ? 97  SER A OG  1 
ATOM   26   N N   . PRO A 1 7  ? -11.786 33.708  -1.756  1.00 36.07  ? 98  PRO A N   1 
ATOM   27   C CA  . PRO A 1 7  ? -10.526 33.082  -1.280  1.00 35.90  ? 98  PRO A CA  1 
ATOM   28   C C   . PRO A 1 7  ? -10.525 31.549  -1.219  1.00 39.01  ? 98  PRO A C   1 
ATOM   29   O O   . PRO A 1 7  ? -9.515  30.932  -1.527  1.00 38.43  ? 98  PRO A O   1 
ATOM   30   C CB  . PRO A 1 7  ? -10.315 33.710  0.103   1.00 37.49  ? 98  PRO A CB  1 
ATOM   31   C CG  . PRO A 1 7  ? -11.020 35.026  0.023   1.00 41.31  ? 98  PRO A CG  1 
ATOM   32   C CD  . PRO A 1 7  ? -12.222 34.788  -0.843  1.00 36.77  ? 98  PRO A CD  1 
ATOM   33   N N   . ARG A 1 8  ? -11.663 30.949  -0.857  1.00 36.83  ? 99  ARG A N   1 
ATOM   34   C CA  . ARG A 1 8  ? -11.884 29.501  -0.725  1.00 36.74  ? 99  ARG A CA  1 
ATOM   35   C C   . ARG A 1 8  ? -11.715 28.785  -2.077  1.00 40.46  ? 99  ARG A C   1 
ATOM   36   O O   . ARG A 1 8  ? -10.955 27.805  -2.167  1.00 41.97  ? 99  ARG A O   1 
ATOM   37   C CB  . ARG A 1 8  ? -13.282 29.244  -0.109  1.00 36.67  ? 99  ARG A CB  1 
ATOM   38   C CG  . ARG A 1 8  ? -13.722 27.782  -0.043  1.00 48.79  ? 99  ARG A CG  1 
ATOM   39   C CD  . ARG A 1 8  ? -15.110 27.661  0.552   1.00 57.21  ? 99  ARG A CD  1 
ATOM   40   N N   . ALA A 1 9  ? -12.410 29.283  -3.116  1.00 33.81  ? 100 ALA A N   1 
ATOM   41   C CA  . ALA A 1 9  ? -12.344 28.723  -4.463  1.00 32.94  ? 100 ALA A CA  1 
ATOM   42   C C   . ALA A 1 9  ? -10.983 28.978  -5.131  1.00 35.06  ? 100 ALA A C   1 
ATOM   43   O O   . ALA A 1 9  ? -10.517 28.117  -5.877  1.00 32.07  ? 100 ALA A O   1 
ATOM   44   C CB  . ALA A 1 9  ? -13.484 29.254  -5.323  1.00 33.59  ? 100 ALA A CB  1 
ATOM   45   N N   . GLU A 1 10 ? -10.342 30.147  -4.871  1.00 33.18  ? 101 GLU A N   1 
ATOM   46   C CA  . GLU A 1 10 ? -9.019  30.420  -5.448  1.00 33.31  ? 101 GLU A CA  1 
ATOM   47   C C   . GLU A 1 10 ? -7.945  29.559  -4.785  1.00 39.49  ? 101 GLU A C   1 
ATOM   48   O O   . GLU A 1 10 ? -7.081  29.036  -5.495  1.00 40.90  ? 101 GLU A O   1 
ATOM   49   C CB  . GLU A 1 10 ? -8.670  31.916  -5.477  1.00 34.47  ? 101 GLU A CB  1 
ATOM   50   C CG  . GLU A 1 10 ? -7.561  32.300  -6.458  1.00 39.37  ? 101 GLU A CG  1 
ATOM   51   C CD  . GLU A 1 10 ? -7.751  32.019  -7.943  1.00 48.76  ? 101 GLU A CD  1 
ATOM   52   O OE1 . GLU A 1 10 ? -8.913  31.920  -8.403  1.00 36.97  ? 101 GLU A OE1 1 
ATOM   53   O OE2 . GLU A 1 10 ? -6.725  31.918  -8.653  1.00 34.10  ? 101 GLU A OE2 1 
ATOM   54   N N   . LYS A 1 11 ? -8.057  29.314  -3.452  1.00 35.57  ? 102 LYS A N   1 
ATOM   55   C CA  . LYS A 1 11 ? -7.157  28.426  -2.695  1.00 34.71  ? 102 LYS A CA  1 
ATOM   56   C C   . LYS A 1 11 ? -7.170  27.010  -3.311  1.00 36.93  ? 102 LYS A C   1 
ATOM   57   O O   . LYS A 1 11 ? -6.110  26.395  -3.408  1.00 37.38  ? 102 LYS A O   1 
ATOM   58   C CB  . LYS A 1 11 ? -7.578  28.348  -1.216  1.00 37.29  ? 102 LYS A CB  1 
ATOM   59   C CG  . LYS A 1 11 ? -6.553  28.886  -0.215  1.00 49.76  ? 102 LYS A CG  1 
ATOM   60   C CD  . LYS A 1 11 ? -7.040  28.704  1.243   1.00 55.21  ? 102 LYS A CD  1 
ATOM   61   C CE  . LYS A 1 11 ? -6.271  29.506  2.273   1.00 59.81  ? 102 LYS A CE  1 
ATOM   62   N NZ  . LYS A 1 11 ? -6.671  30.946  2.285   1.00 66.58  ? 102 LYS A NZ  1 
ATOM   63   N N   . ALA A 1 12 ? -8.359  26.513  -3.745  1.00 31.25  ? 103 ALA A N   1 
ATOM   64   C CA  . ALA A 1 12 ? -8.512  25.196  -4.380  1.00 30.35  ? 103 ALA A CA  1 
ATOM   65   C C   . ALA A 1 12 ? -7.798  25.141  -5.732  1.00 35.03  ? 103 ALA A C   1 
ATOM   66   O O   . ALA A 1 12 ? -7.043  24.193  -5.980  1.00 34.78  ? 103 ALA A O   1 
ATOM   67   C CB  . ALA A 1 12 ? -9.983  24.850  -4.554  1.00 30.51  ? 103 ALA A CB  1 
ATOM   68   N N   . ARG A 1 13 ? -8.026  26.159  -6.595  1.00 31.02  ? 104 ARG A N   1 
ATOM   69   C CA  . ARG A 1 13 ? -7.422  26.254  -7.925  1.00 31.47  ? 104 ARG A CA  1 
ATOM   70   C C   . ARG A 1 13 ? -5.902  26.236  -7.829  1.00 38.09  ? 104 ARG A C   1 
ATOM   71   O O   . ARG A 1 13 ? -5.240  25.490  -8.563  1.00 37.89  ? 104 ARG A O   1 
ATOM   72   C CB  . ARG A 1 13 ? -7.878  27.526  -8.643  1.00 31.20  ? 104 ARG A CB  1 
ATOM   73   C CG  . ARG A 1 13 ? -9.342  27.530  -9.045  1.00 34.47  ? 104 ARG A CG  1 
ATOM   74   C CD  . ARG A 1 13 ? -9.614  28.682  -9.980  1.00 34.00  ? 104 ARG A CD  1 
ATOM   75   N NE  . ARG A 1 13 ? -11.038 28.813  -10.276 1.00 34.54  ? 104 ARG A NE  1 
ATOM   76   C CZ  . ARG A 1 13 ? -11.871 29.592  -9.600  1.00 43.08  ? 104 ARG A CZ  1 
ATOM   77   N NH1 . ARG A 1 13 ? -11.431 30.315  -8.576  1.00 31.26  ? 104 ARG A NH1 1 
ATOM   78   N NH2 . ARG A 1 13 ? -13.149 29.648  -9.931  1.00 34.94  ? 104 ARG A NH2 1 
ATOM   79   N N   . LEU A 1 14 ? -5.353  27.042  -6.891  1.00 35.55  ? 105 LEU A N   1 
ATOM   80   C CA  . LEU A 1 14 ? -3.921  27.142  -6.658  1.00 35.09  ? 105 LEU A CA  1 
ATOM   81   C C   . LEU A 1 14 ? -3.353  25.823  -6.147  1.00 39.32  ? 105 LEU A C   1 
ATOM   82   O O   . LEU A 1 14 ? -2.363  25.346  -6.706  1.00 39.77  ? 105 LEU A O   1 
ATOM   83   C CB  . LEU A 1 14 ? -3.559  28.347  -5.768  1.00 34.92  ? 105 LEU A CB  1 
ATOM   84   C CG  . LEU A 1 14 ? -3.843  29.761  -6.364  1.00 39.39  ? 105 LEU A CG  1 
ATOM   85   C CD1 . LEU A 1 14 ? -3.532  30.856  -5.356  1.00 39.10  ? 105 LEU A CD1 1 
ATOM   86   C CD2 . LEU A 1 14 ? -3.047  30.025  -7.657  1.00 41.41  ? 105 LEU A CD2 1 
ATOM   87   N N   . TYR A 1 15 ? -4.018  25.177  -5.170  1.00 35.81  ? 106 TYR A N   1 
ATOM   88   C CA  . TYR A 1 15 ? -3.555  23.864  -4.705  1.00 36.29  ? 106 TYR A CA  1 
ATOM   89   C C   . TYR A 1 15 ? -3.610  22.809  -5.814  1.00 39.56  ? 106 TYR A C   1 
ATOM   90   O O   . TYR A 1 15 ? -2.686  22.006  -5.924  1.00 39.12  ? 106 TYR A O   1 
ATOM   91   C CB  . TYR A 1 15 ? -4.246  23.409  -3.415  1.00 38.16  ? 106 TYR A CB  1 
ATOM   92   C CG  . TYR A 1 15 ? -3.730  24.111  -2.173  1.00 42.61  ? 106 TYR A CG  1 
ATOM   93   C CD1 . TYR A 1 15 ? -2.364  24.320  -1.977  1.00 44.33  ? 106 TYR A CD1 1 
ATOM   94   C CD2 . TYR A 1 15 ? -4.603  24.539  -1.176  1.00 44.61  ? 106 TYR A CD2 1 
ATOM   95   C CE1 . TYR A 1 15 ? -1.885  24.951  -0.829  1.00 44.63  ? 106 TYR A CE1 1 
ATOM   96   C CE2 . TYR A 1 15 ? -4.133  25.167  -0.020  1.00 45.71  ? 106 TYR A CE2 1 
ATOM   97   C CZ  . TYR A 1 15 ? -2.774  25.366  0.151   1.00 53.30  ? 106 TYR A CZ  1 
ATOM   98   O OH  . TYR A 1 15 ? -2.317  25.984  1.291   1.00 57.17  ? 106 TYR A OH  1 
ATOM   99   N N   . SER A 1 16 ? -4.624  22.903  -6.700  1.00 35.72  ? 107 SER A N   1 
ATOM   100  C CA  . SER A 1 16 ? -4.807  22.034  -7.861  1.00 35.38  ? 107 SER A CA  1 
ATOM   101  C C   . SER A 1 16 ? -3.649  22.205  -8.847  1.00 40.15  ? 107 SER A C   1 
ATOM   102  O O   . SER A 1 16 ? -3.150  21.213  -9.379  1.00 40.07  ? 107 SER A O   1 
ATOM   103  C CB  . SER A 1 16 ? -6.137  22.339  -8.546  1.00 37.85  ? 107 SER A CB  1 
ATOM   104  O OG  . SER A 1 16 ? -6.394  21.478  -9.643  1.00 42.07  ? 107 SER A OG  1 
ATOM   105  N N   . ALA A 1 17 ? -3.222  23.458  -9.074  1.00 37.70  ? 108 ALA A N   1 
ATOM   106  C CA  . ALA A 1 17 ? -2.121  23.795  -9.977  1.00 37.97  ? 108 ALA A CA  1 
ATOM   107  C C   . ALA A 1 17 ? -0.802  23.203  -9.489  1.00 41.61  ? 108 ALA A C   1 
ATOM   108  O O   . ALA A 1 17 ? -0.074  22.636  -10.308 1.00 42.11  ? 108 ALA A O   1 
ATOM   109  C CB  . ALA A 1 17 ? -2.007  25.304  -10.144 1.00 38.81  ? 108 ALA A CB  1 
ATOM   110  N N   . ILE A 1 18 ? -0.521  23.284  -8.154  1.00 36.57  ? 109 ILE A N   1 
ATOM   111  C CA  . ILE A 1 18 ? 0.680   22.704  -7.523  1.00 35.70  ? 109 ILE A CA  1 
ATOM   112  C C   . ILE A 1 18 ? 0.679   21.180  -7.747  1.00 41.15  ? 109 ILE A C   1 
ATOM   113  O O   . ILE A 1 18 ? 1.646   20.670  -8.304  1.00 41.89  ? 109 ILE A O   1 
ATOM   114  C CB  . ILE A 1 18 ? 0.815   23.101  -6.015  1.00 37.94  ? 109 ILE A CB  1 
ATOM   115  C CG1 . ILE A 1 18 ? 0.997   24.635  -5.847  1.00 37.48  ? 109 ILE A CG1 1 
ATOM   116  C CG2 . ILE A 1 18 ? 1.943   22.323  -5.320  1.00 37.27  ? 109 ILE A CG2 1 
ATOM   117  C CD1 . ILE A 1 18 ? 0.620   25.205  -4.472  1.00 36.44  ? 109 ILE A CD1 1 
ATOM   118  N N   . GLU A 1 19 ? -0.427  20.479  -7.368  1.00 37.12  ? 110 GLU A N   1 
ATOM   119  C CA  . GLU A 1 19 ? -0.641  19.032  -7.547  1.00 36.85  ? 110 GLU A CA  1 
ATOM   120  C C   . GLU A 1 19 ? -0.229  18.563  -8.952  1.00 40.55  ? 110 GLU A C   1 
ATOM   121  O O   . GLU A 1 19 ? 0.527   17.612  -9.085  1.00 39.76  ? 110 GLU A O   1 
ATOM   122  C CB  . GLU A 1 19 ? -2.129  18.680  -7.382  1.00 38.20  ? 110 GLU A CB  1 
ATOM   123  C CG  . GLU A 1 19 ? -2.732  18.780  -5.993  1.00 46.88  ? 110 GLU A CG  1 
ATOM   124  C CD  . GLU A 1 19 ? -4.211  18.433  -5.962  1.00 55.09  ? 110 GLU A CD  1 
ATOM   125  O OE1 . GLU A 1 19 ? -4.808  18.466  -4.862  1.00 56.10  ? 110 GLU A OE1 1 
ATOM   126  O OE2 . GLU A 1 19 ? -4.767  18.105  -7.036  1.00 35.17  ? 110 GLU A OE2 1 
ATOM   127  N N   . GLN A 1 20 ? -0.744  19.238  -9.989  1.00 37.67  ? 111 GLN A N   1 
ATOM   128  C CA  . GLN A 1 20 ? -0.504  18.946  -11.401 1.00 37.81  ? 111 GLN A CA  1 
ATOM   129  C C   . GLN A 1 20 ? 0.961   19.095  -11.823 1.00 42.67  ? 111 GLN A C   1 
ATOM   130  O O   . GLN A 1 20 ? 1.395   18.449  -12.778 1.00 42.15  ? 111 GLN A O   1 
ATOM   131  C CB  . GLN A 1 20 ? -1.438  19.791  -12.272 1.00 39.18  ? 111 GLN A CB  1 
ATOM   132  C CG  . GLN A 1 20 ? -2.882  19.310  -12.200 1.00 48.22  ? 111 GLN A CG  1 
ATOM   133  C CD  . GLN A 1 20 ? -3.828  20.289  -12.813 1.00 56.46  ? 111 GLN A CD  1 
ATOM   134  O OE1 . GLN A 1 20 ? -4.300  21.215  -12.150 1.00 51.83  ? 111 GLN A OE1 1 
ATOM   135  N NE2 . GLN A 1 20 ? -4.136  20.095  -14.087 1.00 43.23  ? 111 GLN A NE2 1 
ATOM   136  N N   . ARG A 1 21 ? 1.722   19.933  -11.106 1.00 39.96  ? 112 ARG A N   1 
ATOM   137  C CA  . ARG A 1 21 ? 3.145   20.107  -11.346 1.00 39.66  ? 112 ARG A CA  1 
ATOM   138  C C   . ARG A 1 21 ? 3.863   18.942  -10.646 1.00 42.11  ? 112 ARG A C   1 
ATOM   139  O O   . ARG A 1 21 ? 4.702   18.291  -11.270 1.00 43.13  ? 112 ARG A O   1 
ATOM   140  C CB  . ARG A 1 21 ? 3.616   21.521  -10.911 1.00 42.51  ? 112 ARG A CB  1 
ATOM   141  C CG  . ARG A 1 21 ? 4.616   21.602  -9.745  1.00 60.17  ? 112 ARG A CG  1 
ATOM   142  C CD  . ARG A 1 21 ? 4.985   23.027  -9.376  1.00 69.85  ? 112 ARG A CD  1 
ATOM   143  N NE  . ARG A 1 21 ? 5.188   23.158  -7.934  1.00 78.24  ? 112 ARG A NE  1 
ATOM   144  C CZ  . ARG A 1 21 ? 5.626   24.259  -7.333  1.00 96.49  ? 112 ARG A CZ  1 
ATOM   145  N NH1 . ARG A 1 21 ? 5.936   25.336  -8.047  1.00 85.79  ? 112 ARG A NH1 1 
ATOM   146  N NH2 . ARG A 1 21 ? 5.768   24.290  -6.014  1.00 84.37  ? 112 ARG A NH2 1 
ATOM   147  N N   . LEU A 1 22 ? 3.446   18.618  -9.391  1.00 35.84  ? 113 LEU A N   1 
ATOM   148  C CA  . LEU A 1 22 ? 3.987   17.521  -8.576  1.00 33.98  ? 113 LEU A CA  1 
ATOM   149  C C   . LEU A 1 22 ? 3.736   16.156  -9.189  1.00 38.13  ? 113 LEU A C   1 
ATOM   150  O O   . LEU A 1 22 ? 4.556   15.265  -8.998  1.00 39.03  ? 113 LEU A O   1 
ATOM   151  C CB  . LEU A 1 22 ? 3.461   17.560  -7.127  1.00 33.01  ? 113 LEU A CB  1 
ATOM   152  C CG  . LEU A 1 22 ? 3.795   18.803  -6.267  1.00 35.66  ? 113 LEU A CG  1 
ATOM   153  C CD1 . LEU A 1 22 ? 3.307   18.623  -4.847  1.00 35.58  ? 113 LEU A CD1 1 
ATOM   154  C CD2 . LEU A 1 22 ? 5.268   19.077  -6.215  1.00 34.32  ? 113 LEU A CD2 1 
ATOM   155  N N   . GLU A 1 23 ? 2.621   15.984  -9.925  1.00 34.06  ? 114 GLU A N   1 
ATOM   156  C CA  . GLU A 1 23 ? 2.296   14.737  -10.620 1.00 33.95  ? 114 GLU A CA  1 
ATOM   157  C C   . GLU A 1 23 ? 3.153   14.662  -11.889 1.00 39.74  ? 114 GLU A C   1 
ATOM   158  O O   . GLU A 1 23 ? 3.714   13.612  -12.196 1.00 38.46  ? 114 GLU A O   1 
ATOM   159  C CB  . GLU A 1 23 ? 0.825   14.708  -11.046 1.00 35.27  ? 114 GLU A CB  1 
ATOM   160  C CG  . GLU A 1 23 ? -0.193  14.663  -9.925  1.00 43.93  ? 114 GLU A CG  1 
ATOM   161  C CD  . GLU A 1 23 ? -1.633  14.810  -10.378 1.00 49.40  ? 114 GLU A CD  1 
ATOM   162  O OE1 . GLU A 1 23 ? -1.869  15.190  -11.549 1.00 42.94  ? 114 GLU A OE1 1 
ATOM   163  O OE2 . GLU A 1 23 ? -2.532  14.566  -9.542  1.00 27.51  ? 114 GLU A OE2 1 
ATOM   164  N N   . GLN A 1 24 ? 3.244   15.791  -12.626 1.00 38.85  ? 115 GLN A N   1 
ATOM   165  C CA  . GLN A 1 24 ? 4.013   15.911  -13.867 1.00 40.11  ? 115 GLN A CA  1 
ATOM   166  C C   . GLN A 1 24 ? 5.483   15.554  -13.634 1.00 44.01  ? 115 GLN A C   1 
ATOM   167  O O   . GLN A 1 24 ? 6.087   14.892  -14.483 1.00 43.62  ? 115 GLN A O   1 
ATOM   168  C CB  . GLN A 1 24 ? 3.885   17.333  -14.430 1.00 42.25  ? 115 GLN A CB  1 
ATOM   169  C CG  . GLN A 1 24 ? 3.683   17.393  -15.942 1.00 70.39  ? 115 GLN A CG  1 
ATOM   170  C CD  . GLN A 1 24 ? 3.654   18.826  -16.432 1.00 95.71  ? 115 GLN A CD  1 
ATOM   171  O OE1 . GLN A 1 24 ? 2.617   19.504  -16.391 1.00 90.85  ? 115 GLN A OE1 1 
ATOM   172  N NE2 . GLN A 1 24 ? 4.799   19.327  -16.888 1.00 87.26  ? 115 GLN A NE2 1 
ATOM   173  N N   . SER A 1 25 ? 6.026   15.954  -12.455 1.00 39.98  ? 116 SER A N   1 
ATOM   174  C CA  . SER A 1 25 ? 7.399   15.723  -11.998 1.00 39.33  ? 116 SER A CA  1 
ATOM   175  C C   . SER A 1 25 ? 7.590   14.331  -11.406 1.00 43.12  ? 116 SER A C   1 
ATOM   176  O O   . SER A 1 25 ? 8.634   13.719  -11.639 1.00 42.85  ? 116 SER A O   1 
ATOM   177  C CB  . SER A 1 25 ? 7.819   16.787  -10.990 1.00 42.27  ? 116 SER A CB  1 
ATOM   178  O OG  . SER A 1 25 ? 8.476   17.871  -11.628 1.00 49.74  ? 116 SER A OG  1 
ATOM   179  N N   . LEU A 1 26 ? 6.602   13.816  -10.651 1.00 39.46  ? 117 LEU A N   1 
ATOM   180  C CA  . LEU A 1 26 ? 6.736   12.462  -10.104 1.00 39.24  ? 117 LEU A CA  1 
ATOM   181  C C   . LEU A 1 26 ? 6.841   11.438  -11.226 1.00 41.80  ? 117 LEU A C   1 
ATOM   182  O O   . LEU A 1 26 ? 7.636   10.514  -11.127 1.00 40.75  ? 117 LEU A O   1 
ATOM   183  C CB  . LEU A 1 26 ? 5.614   12.092  -9.123  1.00 39.11  ? 117 LEU A CB  1 
ATOM   184  C CG  . LEU A 1 26 ? 5.805   12.526  -7.679  1.00 43.30  ? 117 LEU A CG  1 
ATOM   185  C CD1 . LEU A 1 26 ? 4.614   12.130  -6.855  1.00 43.56  ? 117 LEU A CD1 1 
ATOM   186  C CD2 . LEU A 1 26 ? 7.064   11.928  -7.072  1.00 44.77  ? 117 LEU A CD2 1 
ATOM   187  N N   . GLN A 1 27 ? 6.123   11.678  -12.330 1.00 38.78  ? 118 GLN A N   1 
ATOM   188  C CA  . GLN A 1 27 ? 6.137   10.846  -13.529 1.00 39.20  ? 118 GLN A CA  1 
ATOM   189  C C   . GLN A 1 27 ? 7.466   10.921  -14.318 1.00 44.88  ? 118 GLN A C   1 
ATOM   190  O O   . GLN A 1 27 ? 7.637   10.150  -15.258 1.00 44.68  ? 118 GLN A O   1 
ATOM   191  C CB  . GLN A 1 27 ? 4.928   11.168  -14.416 1.00 40.52  ? 118 GLN A CB  1 
ATOM   192  C CG  . GLN A 1 27 ? 3.616   10.618  -13.852 1.00 59.05  ? 118 GLN A CG  1 
ATOM   193  C CD  . GLN A 1 27 ? 2.367   11.157  -14.513 1.00 80.07  ? 118 GLN A CD  1 
ATOM   194  O OE1 . GLN A 1 27 ? 1.266   11.053  -13.963 1.00 76.82  ? 118 GLN A OE1 1 
ATOM   195  N NE2 . GLN A 1 27 ? 2.490   11.729  -15.706 1.00 70.62  ? 118 GLN A NE2 1 
ATOM   196  N N   . THR A 1 28 ? 8.403   11.828  -13.930 1.00 42.35  ? 119 THR A N   1 
ATOM   197  C CA  . THR A 1 28 ? 9.730   11.934  -14.557 1.00 42.77  ? 119 THR A CA  1 
ATOM   198  C C   . THR A 1 28 ? 10.696  10.933  -13.911 1.00 48.80  ? 119 THR A C   1 
ATOM   199  O O   . THR A 1 28 ? 11.705  10.598  -14.522 1.00 49.14  ? 119 THR A O   1 
ATOM   200  C CB  . THR A 1 28 ? 10.329  13.380  -14.535 1.00 50.27  ? 119 THR A CB  1 
ATOM   201  O OG1 . THR A 1 28 ? 10.816  13.724  -13.230 1.00 51.15  ? 119 THR A OG1 1 
ATOM   202  C CG2 . THR A 1 28 ? 9.383   14.444  -15.081 1.00 45.65  ? 119 THR A CG2 1 
ATOM   203  N N   . MET A 1 29 ? 10.402  10.484  -12.663 1.00 46.57  ? 120 MET A N   1 
ATOM   204  C CA  . MET A 1 29 ? 11.210  9.512   -11.905 1.00 46.29  ? 120 MET A CA  1 
ATOM   205  C C   . MET A 1 29 ? 11.203  8.121   -12.548 1.00 50.07  ? 120 MET A C   1 
ATOM   206  O O   . MET A 1 29 ? 10.146  7.648   -12.988 1.00 49.67  ? 120 MET A O   1 
ATOM   207  C CB  . MET A 1 29 ? 10.746  9.412   -10.441 1.00 48.43  ? 120 MET A CB  1 
ATOM   208  C CG  . MET A 1 29 ? 11.292  10.502  -9.567  1.00 52.41  ? 120 MET A CG  1 
ATOM   209  S SD  . MET A 1 29 ? 10.629  10.471  -7.878  1.00 57.21  ? 120 MET A SD  1 
ATOM   210  C CE  . MET A 1 29 ? 11.816  9.397   -7.073  1.00 54.02  ? 120 MET A CE  1 
ATOM   211  N N   . GLU A 1 30 ? 12.395  7.482   -12.607 1.00 46.51  ? 121 GLU A N   1 
ATOM   212  C CA  . GLU A 1 30 ? 12.630  6.123   -13.119 1.00 46.25  ? 121 GLU A CA  1 
ATOM   213  C C   . GLU A 1 30 ? 11.779  5.145   -12.304 1.00 47.48  ? 121 GLU A C   1 
ATOM   214  O O   . GLU A 1 30 ? 11.859  5.154   -11.074 1.00 47.61  ? 121 GLU A O   1 
ATOM   215  C CB  . GLU A 1 30 ? 14.118  5.732   -12.926 1.00 47.84  ? 121 GLU A CB  1 
ATOM   216  C CG  . GLU A 1 30 ? 15.101  6.279   -13.947 1.00 55.13  ? 121 GLU A CG  1 
ATOM   217  C CD  . GLU A 1 30 ? 16.564  6.165   -13.551 1.00 69.37  ? 121 GLU A CD  1 
ATOM   218  O OE1 . GLU A 1 30 ? 16.918  5.228   -12.795 1.00 50.81  ? 121 GLU A OE1 1 
ATOM   219  O OE2 . GLU A 1 30 ? 17.357  7.030   -13.988 1.00 65.28  ? 121 GLU A OE2 1 
ATOM   220  N N   . GLY A 1 31 ? 10.958  4.352   -12.980 1.00 42.10  ? 122 GLY A N   1 
ATOM   221  C CA  . GLY A 1 31 ? 10.100  3.365   -12.325 1.00 41.61  ? 122 GLY A CA  1 
ATOM   222  C C   . GLY A 1 31 ? 8.685   3.823   -12.044 1.00 44.38  ? 122 GLY A C   1 
ATOM   223  O O   . GLY A 1 31 ? 7.763   2.999   -12.035 1.00 42.87  ? 122 GLY A O   1 
ATOM   224  N N   . VAL A 1 32 ? 8.509   5.142   -11.794 1.00 41.36  ? 123 VAL A N   1 
ATOM   225  C CA  . VAL A 1 32 ? 7.205   5.774   -11.559 1.00 41.02  ? 123 VAL A CA  1 
ATOM   226  C C   . VAL A 1 32 ? 6.517   5.948   -12.932 1.00 46.01  ? 123 VAL A C   1 
ATOM   227  O O   . VAL A 1 32 ? 6.909   6.823   -13.707 1.00 47.16  ? 123 VAL A O   1 
ATOM   228  C CB  . VAL A 1 32 ? 7.287   7.107   -10.749 1.00 43.95  ? 123 VAL A CB  1 
ATOM   229  C CG1 . VAL A 1 32 ? 5.899   7.693   -10.517 1.00 43.36  ? 123 VAL A CG1 1 
ATOM   230  C CG2 . VAL A 1 32 ? 7.994   6.901   -9.413  1.00 43.72  ? 123 VAL A CG2 1 
ATOM   231  N N   . LEU A 1 33 ? 5.521   5.095   -13.231 1.00 41.81  ? 124 LEU A N   1 
ATOM   232  C CA  . LEU A 1 33 ? 4.788   5.110   -14.499 1.00 41.77  ? 124 LEU A CA  1 
ATOM   233  C C   . LEU A 1 33 ? 3.717   6.173   -14.499 1.00 46.73  ? 124 LEU A C   1 
ATOM   234  O O   . LEU A 1 33 ? 3.690   6.993   -15.421 1.00 49.29  ? 124 LEU A O   1 
ATOM   235  C CB  . LEU A 1 33 ? 4.197   3.723   -14.848 1.00 41.80  ? 124 LEU A CB  1 
ATOM   236  C CG  . LEU A 1 33 ? 5.194   2.552   -15.015 1.00 46.09  ? 124 LEU A CG  1 
ATOM   237  C CD1 . LEU A 1 33 ? 4.490   1.321   -15.499 1.00 46.09  ? 124 LEU A CD1 1 
ATOM   238  C CD2 . LEU A 1 33 ? 6.335   2.895   -15.980 1.00 48.13  ? 124 LEU A CD2 1 
ATOM   239  N N   . SER A 1 34 ? 2.854   6.182   -13.456 1.00 39.89  ? 125 SER A N   1 
ATOM   240  C CA  . SER A 1 34 ? 1.780   7.155   -13.237 1.00 37.60  ? 125 SER A CA  1 
ATOM   241  C C   . SER A 1 34 ? 1.829   7.677   -11.794 1.00 36.49  ? 125 SER A C   1 
ATOM   242  O O   . SER A 1 34 ? 2.355   7.006   -10.914 1.00 35.55  ? 125 SER A O   1 
ATOM   243  C CB  . SER A 1 34 ? 0.420   6.532   -13.553 1.00 42.56  ? 125 SER A CB  1 
ATOM   244  O OG  . SER A 1 34 ? -0.428  6.366   -12.424 1.00 52.26  ? 125 SER A OG  1 
ATOM   245  N N   . ALA A 1 35 ? 1.279   8.868   -11.556 1.00 31.28  ? 126 ALA A N   1 
ATOM   246  C CA  . ALA A 1 35 ? 1.257   9.493   -10.234 1.00 30.44  ? 126 ALA A CA  1 
ATOM   247  C C   . ALA A 1 35 ? 0.041   10.376  -10.064 1.00 34.57  ? 126 ALA A C   1 
ATOM   248  O O   . ALA A 1 35 ? -0.390  11.018  -11.022 1.00 34.00  ? 126 ALA A O   1 
ATOM   249  C CB  . ALA A 1 35 ? 2.521   10.302  -10.015 1.00 30.93  ? 126 ALA A CB  1 
ATOM   250  N N   . ARG A 1 36 ? -0.521  10.401  -8.843  1.00 31.72  ? 127 ARG A N   1 
ATOM   251  C CA  . ARG A 1 36 ? -1.683  11.216  -8.484  1.00 31.68  ? 127 ARG A CA  1 
ATOM   252  C C   . ARG A 1 36 ? -1.387  11.857  -7.161  1.00 37.45  ? 127 ARG A C   1 
ATOM   253  O O   . ARG A 1 36 ? -1.109  11.139  -6.192  1.00 36.62  ? 127 ARG A O   1 
ATOM   254  C CB  . ARG A 1 36 ? -2.938  10.354  -8.347  1.00 32.55  ? 127 ARG A CB  1 
ATOM   255  C CG  . ARG A 1 36 ? -3.648  10.032  -9.659  1.00 37.53  ? 127 ARG A CG  1 
ATOM   256  C CD  . ARG A 1 36 ? -4.880  9.198   -9.398  1.00 32.34  ? 127 ARG A CD  1 
ATOM   257  N NE  . ARG A 1 36 ? -5.890  9.913   -8.604  1.00 30.38  ? 127 ARG A NE  1 
ATOM   258  C CZ  . ARG A 1 36 ? -6.884  10.622  -9.130  1.00 42.18  ? 127 ARG A CZ  1 
ATOM   259  N NH1 . ARG A 1 36 ? -6.995  10.747  -10.448 1.00 26.53  ? 127 ARG A NH1 1 
ATOM   260  N NH2 . ARG A 1 36 ? -7.777  11.213  -8.341  1.00 25.84  ? 127 ARG A NH2 1 
ATOM   261  N N   . VAL A 1 37 ? -1.416  13.211  -7.125  1.00 35.60  ? 128 VAL A N   1 
ATOM   262  C CA  . VAL A 1 37 ? -1.132  14.018  -5.936  1.00 35.78  ? 128 VAL A CA  1 
ATOM   263  C C   . VAL A 1 37 ? -2.357  14.832  -5.538  1.00 42.58  ? 128 VAL A C   1 
ATOM   264  O O   . VAL A 1 37 ? -2.930  15.538  -6.367  1.00 42.79  ? 128 VAL A O   1 
ATOM   265  C CB  . VAL A 1 37 ? 0.162   14.882  -6.071  1.00 39.40  ? 128 VAL A CB  1 
ATOM   266  C CG1 . VAL A 1 37 ? 0.440   15.698  -4.798  1.00 38.73  ? 128 VAL A CG1 1 
ATOM   267  C CG2 . VAL A 1 37 ? 1.372   14.011  -6.410  1.00 39.15  ? 128 VAL A CG2 1 
ATOM   268  N N   . HIS A 1 38 ? -2.765  14.693  -4.265  1.00 41.13  ? 129 HIS A N   1 
ATOM   269  C CA  . HIS A 1 38 ? -3.890  15.366  -3.621  1.00 41.01  ? 129 HIS A CA  1 
ATOM   270  C C   . HIS A 1 38 ? -3.305  16.223  -2.485  1.00 43.57  ? 129 HIS A C   1 
ATOM   271  O O   . HIS A 1 38 ? -2.583  15.677  -1.637  1.00 41.78  ? 129 HIS A O   1 
ATOM   272  C CB  . HIS A 1 38 ? -4.835  14.334  -2.941  1.00 42.28  ? 129 HIS A CB  1 
ATOM   273  C CG  . HIS A 1 38 ? -5.735  13.485  -3.808  1.00 46.57  ? 129 HIS A CG  1 
ATOM   274  N ND1 . HIS A 1 38 ? -6.595  12.520  -3.234  1.00 48.02  ? 129 HIS A ND1 1 
ATOM   275  C CD2 . HIS A 1 38 ? -5.921  13.481  -5.153  1.00 48.64  ? 129 HIS A CD2 1 
ATOM   276  C CE1 . HIS A 1 38 ? -7.241  11.969  -4.243  1.00 47.52  ? 129 HIS A CE1 1 
ATOM   277  N NE2 . HIS A 1 38 ? -6.875  12.510  -5.418  1.00 48.30  ? 129 HIS A NE2 1 
ATOM   278  N N   . ILE A 1 39 ? -3.674  17.521  -2.408  1.00 40.26  ? 130 ILE A N   1 
ATOM   279  C CA  . ILE A 1 39 ? -3.278  18.351  -1.269  1.00 40.87  ? 130 ILE A CA  1 
ATOM   280  C C   . ILE A 1 39 ? -4.512  18.674  -0.366  1.00 44.31  ? 130 ILE A C   1 
ATOM   281  O O   . ILE A 1 39 ? -5.372  19.457  -0.765  1.00 44.25  ? 130 ILE A O   1 
ATOM   282  C CB  . ILE A 1 39 ? -2.424  19.607  -1.631  1.00 44.80  ? 130 ILE A CB  1 
ATOM   283  C CG1 . ILE A 1 39 ? -1.247  19.260  -2.565  1.00 45.09  ? 130 ILE A CG1 1 
ATOM   284  C CG2 . ILE A 1 39 ? -1.912  20.306  -0.348  1.00 46.75  ? 130 ILE A CG2 1 
ATOM   285  C CD1 . ILE A 1 39 ? -0.659  20.451  -3.324  1.00 50.06  ? 130 ILE A CD1 1 
ATOM   286  N N   . SER A 1 40 ? -4.579  18.076  0.847   1.00 40.55  ? 131 SER A N   1 
ATOM   287  C CA  . SER A 1 40 ? -5.653  18.285  1.845   1.00 39.86  ? 131 SER A CA  1 
ATOM   288  C C   . SER A 1 40 ? -5.296  19.442  2.781   1.00 42.83  ? 131 SER A C   1 
ATOM   289  O O   . SER A 1 40 ? -4.306  19.357  3.512   1.00 42.97  ? 131 SER A O   1 
ATOM   290  C CB  . SER A 1 40 ? -5.888  17.021  2.672   1.00 42.40  ? 131 SER A CB  1 
ATOM   291  O OG  . SER A 1 40 ? -6.245  15.916  1.863   1.00 48.75  ? 131 SER A OG  1 
ATOM   292  N N   . TYR A 1 41 ? -6.109  20.511  2.761   1.00 38.21  ? 132 TYR A N   1 
ATOM   293  C CA  . TYR A 1 41 ? -5.923  21.741  3.545   1.00 54.39  ? 132 TYR A CA  1 
ATOM   294  C C   . TYR A 1 41 ? -7.083  22.049  4.496   1.00 82.10  ? 132 TYR A C   1 
ATOM   295  O O   . TYR A 1 41 ? -8.117  21.383  4.472   1.00 48.52  ? 132 TYR A O   1 
ATOM   296  C CB  . TYR A 1 41 ? -5.647  22.939  2.611   1.00 55.37  ? 132 TYR A CB  1 
ATOM   297  C CG  . TYR A 1 41 ? -6.621  23.051  1.455   1.00 56.86  ? 132 TYR A CG  1 
ATOM   298  C CD1 . TYR A 1 41 ? -6.472  22.267  0.311   1.00 58.81  ? 132 TYR A CD1 1 
ATOM   299  C CD2 . TYR A 1 41 ? -7.698  23.932  1.506   1.00 57.23  ? 132 TYR A CD2 1 
ATOM   300  C CE1 . TYR A 1 41 ? -7.373  22.353  -0.749  1.00 59.41  ? 132 TYR A CE1 1 
ATOM   301  C CE2 . TYR A 1 41 ? -8.601  24.031  0.449   1.00 57.82  ? 132 TYR A CE2 1 
ATOM   302  C CZ  . TYR A 1 41 ? -8.436  23.239  -0.676  1.00 62.95  ? 132 TYR A CZ  1 
ATOM   303  O OH  . TYR A 1 41 ? -9.331  23.319  -1.712  1.00 60.59  ? 132 TYR A OH  1 
ATOM   304  N N   . VAL A 1 55 ? -2.140  20.957  7.123   1.00 56.24  ? 133 VAL A N   1 
ATOM   305  C CA  . VAL A 1 55 ? -1.987  20.799  5.672   1.00 55.84  ? 133 VAL A CA  1 
ATOM   306  C C   . VAL A 1 55 ? -1.219  19.517  5.297   1.00 59.50  ? 133 VAL A C   1 
ATOM   307  O O   . VAL A 1 55 ? -0.009  19.409  5.547   1.00 60.29  ? 133 VAL A O   1 
ATOM   308  C CB  . VAL A 1 55 ? -1.491  22.082  4.942   1.00 59.49  ? 133 VAL A CB  1 
ATOM   309  C CG1 . VAL A 1 55 ? -0.221  22.650  5.574   1.00 59.44  ? 133 VAL A CG1 1 
ATOM   310  C CG2 . VAL A 1 55 ? -1.311  21.853  3.440   1.00 59.06  ? 133 VAL A CG2 1 
ATOM   311  N N   . HIS A 1 56 ? -1.944  18.547  4.710   1.00 53.59  ? 134 HIS A N   1 
ATOM   312  C CA  . HIS A 1 56 ? -1.403  17.257  4.295   1.00 52.62  ? 134 HIS A CA  1 
ATOM   313  C C   . HIS A 1 56 ? -1.333  17.117  2.781   1.00 50.18  ? 134 HIS A C   1 
ATOM   314  O O   . HIS A 1 56 ? -2.015  17.830  2.044   1.00 49.13  ? 134 HIS A O   1 
ATOM   315  C CB  . HIS A 1 56 ? -2.198  16.097  4.932   1.00 54.60  ? 134 HIS A CB  1 
ATOM   316  C CG  . HIS A 1 56 ? -1.973  15.957  6.410   1.00 59.01  ? 134 HIS A CG  1 
ATOM   317  N ND1 . HIS A 1 56 ? -2.310  16.973  7.297   1.00 61.13  ? 134 HIS A ND1 1 
ATOM   318  C CD2 . HIS A 1 56 ? -1.461  14.920  7.115   1.00 61.30  ? 134 HIS A CD2 1 
ATOM   319  C CE1 . HIS A 1 56 ? -1.981  16.527  8.498   1.00 60.62  ? 134 HIS A CE1 1 
ATOM   320  N NE2 . HIS A 1 56 ? -1.463  15.302  8.442   1.00 61.05  ? 134 HIS A NE2 1 
ATOM   321  N N   . LEU A 1 57 ? -0.486  16.199  2.330   1.00 42.76  ? 135 LEU A N   1 
ATOM   322  C CA  . LEU A 1 57 ? -0.247  15.891  0.932   1.00 40.63  ? 135 LEU A CA  1 
ATOM   323  C C   . LEU A 1 57 ? -0.324  14.388  0.787   1.00 42.69  ? 135 LEU A C   1 
ATOM   324  O O   . LEU A 1 57 ? 0.203   13.663  1.638   1.00 42.69  ? 135 LEU A O   1 
ATOM   325  C CB  . LEU A 1 57 ? 1.156   16.395  0.532   1.00 40.19  ? 135 LEU A CB  1 
ATOM   326  C CG  . LEU A 1 57 ? 1.511   16.393  -0.953  1.00 43.73  ? 135 LEU A CG  1 
ATOM   327  C CD1 . LEU A 1 57 ? 2.357   17.574  -1.288  1.00 43.74  ? 135 LEU A CD1 1 
ATOM   328  C CD2 . LEU A 1 57 ? 2.236   15.117  -1.354  1.00 44.58  ? 135 LEU A CD2 1 
ATOM   329  N N   . SER A 1 58 ? -0.978  13.918  -0.289  1.00 37.81  ? 136 SER A N   1 
ATOM   330  C CA  . SER A 1 58 ? -1.116  12.493  -0.589  1.00 36.91  ? 136 SER A CA  1 
ATOM   331  C C   . SER A 1 58 ? -0.646  12.161  -1.988  1.00 39.42  ? 136 SER A C   1 
ATOM   332  O O   . SER A 1 58 ? -1.071  12.797  -2.948  1.00 39.83  ? 136 SER A O   1 
ATOM   333  C CB  . SER A 1 58 ? -2.547  12.027  -0.386  1.00 39.91  ? 136 SER A CB  1 
ATOM   334  O OG  . SER A 1 58 ? -2.790  11.911  1.004   1.00 51.42  ? 136 SER A OG  1 
ATOM   335  N N   . ALA A 1 59 ? 0.236   11.173  -2.098  1.00 33.20  ? 137 ALA A N   1 
ATOM   336  C CA  . ALA A 1 59 ? 0.761   10.737  -3.367  1.00 32.40  ? 137 ALA A CA  1 
ATOM   337  C C   . ALA A 1 59 ? 0.549   9.240   -3.563  1.00 36.68  ? 137 ALA A C   1 
ATOM   338  O O   . ALA A 1 59 ? 0.864   8.438   -2.683  1.00 35.92  ? 137 ALA A O   1 
ATOM   339  C CB  . ALA A 1 59 ? 2.231   11.088  -3.464  1.00 33.01  ? 137 ALA A CB  1 
ATOM   340  N N   . LEU A 1 60 ? -0.036  8.878   -4.708  1.00 34.33  ? 138 LEU A N   1 
ATOM   341  C CA  . LEU A 1 60 ? -0.267  7.499   -5.124  1.00 34.84  ? 138 LEU A CA  1 
ATOM   342  C C   . LEU A 1 60 ? 0.381   7.358   -6.494  1.00 39.39  ? 138 LEU A C   1 
ATOM   343  O O   . LEU A 1 60 ? -0.067  7.969   -7.470  1.00 39.55  ? 138 LEU A O   1 
ATOM   344  C CB  . LEU A 1 60 ? -1.767  7.107   -5.156  1.00 35.31  ? 138 LEU A CB  1 
ATOM   345  C CG  . LEU A 1 60 ? -2.039  5.619   -5.494  1.00 41.60  ? 138 LEU A CG  1 
ATOM   346  C CD1 . LEU A 1 60 ? -2.532  4.838   -4.278  1.00 41.98  ? 138 LEU A CD1 1 
ATOM   347  C CD2 . LEU A 1 60 ? -3.005  5.473   -6.667  1.00 46.11  ? 138 LEU A CD2 1 
ATOM   348  N N   . ALA A 1 61 ? 1.470   6.602   -6.542  1.00 36.10  ? 139 ALA A N   1 
ATOM   349  C CA  . ALA A 1 61 ? 2.226   6.369   -7.762  1.00 35.95  ? 139 ALA A CA  1 
ATOM   350  C C   . ALA A 1 61 ? 2.375   4.878   -8.038  1.00 41.18  ? 139 ALA A C   1 
ATOM   351  O O   . ALA A 1 61 ? 2.495   4.074   -7.108  1.00 39.54  ? 139 ALA A O   1 
ATOM   352  C CB  . ALA A 1 61 ? 3.598   7.022   -7.659  1.00 36.48  ? 139 ALA A CB  1 
ATOM   353  N N   . VAL A 1 62 ? 2.325   4.513   -9.328  1.00 39.84  ? 140 VAL A N   1 
ATOM   354  C CA  . VAL A 1 62 ? 2.525   3.144   -9.796  1.00 40.16  ? 140 VAL A CA  1 
ATOM   355  C C   . VAL A 1 62 ? 4.036   3.074   -10.027 1.00 45.53  ? 140 VAL A C   1 
ATOM   356  O O   . VAL A 1 62 ? 4.543   3.735   -10.942 1.00 44.93  ? 140 VAL A O   1 
ATOM   357  C CB  . VAL A 1 62 ? 1.706   2.836   -11.077 1.00 43.88  ? 140 VAL A CB  1 
ATOM   358  C CG1 . VAL A 1 62 ? 2.060   1.466   -11.649 1.00 43.44  ? 140 VAL A CG1 1 
ATOM   359  C CG2 . VAL A 1 62 ? 0.209   2.939   -10.806 1.00 43.77  ? 140 VAL A CG2 1 
ATOM   360  N N   . TYR A 1 63 ? 4.756   2.340   -9.141  1.00 42.69  ? 141 TYR A N   1 
ATOM   361  C CA  . TYR A 1 63 ? 6.204   2.220   -9.181  1.00 43.22  ? 141 TYR A CA  1 
ATOM   362  C C   . TYR A 1 63 ? 6.697   0.824   -9.534  1.00 46.60  ? 141 TYR A C   1 
ATOM   363  O O   . TYR A 1 63 ? 6.121   -0.165  -9.077  1.00 46.18  ? 141 TYR A O   1 
ATOM   364  C CB  . TYR A 1 63 ? 6.829   2.735   -7.862  1.00 45.75  ? 141 TYR A CB  1 
ATOM   365  C CG  . TYR A 1 63 ? 8.345   2.675   -7.830  1.00 49.83  ? 141 TYR A CG  1 
ATOM   366  C CD1 . TYR A 1 63 ? 9.114   3.495   -8.652  1.00 52.20  ? 141 TYR A CD1 1 
ATOM   367  C CD2 . TYR A 1 63 ? 9.012   1.775   -7.000  1.00 51.26  ? 141 TYR A CD2 1 
ATOM   368  C CE1 . TYR A 1 63 ? 10.505  3.408   -8.668  1.00 53.61  ? 141 TYR A CE1 1 
ATOM   369  C CE2 . TYR A 1 63 ? 10.407  1.698   -6.985  1.00 52.38  ? 141 TYR A CE2 1 
ATOM   370  C CZ  . TYR A 1 63 ? 11.150  2.516   -7.826  1.00 61.32  ? 141 TYR A CZ  1 
ATOM   371  O OH  . TYR A 1 63 ? 12.525  2.461   -7.824  1.00 64.28  ? 141 TYR A OH  1 
ATOM   372  N N   . GLU A 1 64 ? 7.773   0.752   -10.364 1.00 42.78  ? 142 GLU A N   1 
ATOM   373  C CA  . GLU A 1 64 ? 8.431   -0.505  -10.757 1.00 42.00  ? 142 GLU A CA  1 
ATOM   374  C C   . GLU A 1 64 ? 9.579   -0.672  -9.787  1.00 46.28  ? 142 GLU A C   1 
ATOM   375  O O   . GLU A 1 64 ? 10.562  0.060   -9.869  1.00 46.12  ? 142 GLU A O   1 
ATOM   376  C CB  . GLU A 1 64 ? 8.903   -0.486  -12.222 1.00 42.95  ? 142 GLU A CB  1 
ATOM   377  C CG  . GLU A 1 64 ? 7.756   -0.553  -13.214 1.00 52.77  ? 142 GLU A CG  1 
ATOM   378  C CD  . GLU A 1 64 ? 7.991   -1.414  -14.439 1.00 68.55  ? 142 GLU A CD  1 
ATOM   379  O OE1 . GLU A 1 64 ? 7.988   -2.660  -14.299 1.00 45.89  ? 142 GLU A OE1 1 
ATOM   380  O OE2 . GLU A 1 64 ? 8.107   -0.843  -15.551 1.00 59.98  ? 142 GLU A OE2 1 
ATOM   381  N N   . ARG A 1 65 ? 9.405   -1.579  -8.815  1.00 43.64  ? 143 ARG A N   1 
ATOM   382  C CA  . ARG A 1 65 ? 10.292  -1.855  -7.676  1.00 43.76  ? 143 ARG A CA  1 
ATOM   383  C C   . ARG A 1 65 ? 11.788  -2.121  -7.970  1.00 48.24  ? 143 ARG A C   1 
ATOM   384  O O   . ARG A 1 65 ? 12.362  -3.109  -7.482  1.00 48.13  ? 143 ARG A O   1 
ATOM   385  C CB  . ARG A 1 65 ? 9.675   -2.918  -6.744  1.00 44.26  ? 143 ARG A CB  1 
ATOM   386  C CG  . ARG A 1 65 ? 8.331   -2.525  -6.136  1.00 50.58  ? 143 ARG A CG  1 
ATOM   387  C CD  . ARG A 1 65 ? 7.715   -3.681  -5.378  1.00 59.83  ? 143 ARG A CD  1 
ATOM   388  N NE  . ARG A 1 65 ? 8.347   -3.877  -4.072  1.00 65.03  ? 143 ARG A NE  1 
ATOM   389  C CZ  . ARG A 1 65 ? 8.204   -4.964  -3.325  1.00 68.29  ? 143 ARG A CZ  1 
ATOM   390  N NH1 . ARG A 1 65 ? 7.462   -5.976  -3.752  1.00 43.70  ? 143 ARG A NH1 1 
ATOM   391  N NH2 . ARG A 1 65 ? 8.817   -5.058  -2.155  1.00 57.20  ? 143 ARG A NH2 1 
ATOM   392  N N   . GLY A 1 66 ? 12.415  -1.188  -8.693  1.00 43.71  ? 144 GLY A N   1 
ATOM   393  C CA  . GLY A 1 66 ? 13.832  -1.237  -9.030  1.00 42.46  ? 144 GLY A CA  1 
ATOM   394  C C   . GLY A 1 66 ? 14.718  -0.934  -7.842  1.00 44.50  ? 144 GLY A C   1 
ATOM   395  O O   . GLY A 1 66 ? 15.941  -0.982  -7.962  1.00 45.33  ? 144 GLY A O   1 
ATOM   396  N N   . SER A 1 67 ? 14.104  -0.595  -6.695  1.00 39.57  ? 145 SER A N   1 
ATOM   397  C CA  . SER A 1 67 ? 14.765  -0.278  -5.423  1.00 40.01  ? 145 SER A CA  1 
ATOM   398  C C   . SER A 1 67 ? 13.848  -0.661  -4.232  1.00 44.08  ? 145 SER A C   1 
ATOM   399  O O   . SER A 1 67 ? 12.631  -0.711  -4.426  1.00 43.43  ? 145 SER A O   1 
ATOM   400  C CB  . SER A 1 67 ? 15.166  1.203   -5.370  1.00 44.35  ? 145 SER A CB  1 
ATOM   401  O OG  . SER A 1 67 ? 14.309  2.020   -4.584  1.00 55.62  ? 145 SER A OG  1 
ATOM   402  N N   . PRO A 1 68 ? 14.375  -0.912  -3.002  1.00 41.29  ? 146 PRO A N   1 
ATOM   403  C CA  . PRO A 1 68 ? 13.481  -1.240  -1.870  1.00 41.47  ? 146 PRO A CA  1 
ATOM   404  C C   . PRO A 1 68 ? 12.381  -0.194  -1.630  1.00 45.71  ? 146 PRO A C   1 
ATOM   405  O O   . PRO A 1 68 ? 12.623  0.997   -1.818  1.00 44.78  ? 146 PRO A O   1 
ATOM   406  C CB  . PRO A 1 68 ? 14.440  -1.333  -0.676  1.00 43.03  ? 146 PRO A CB  1 
ATOM   407  C CG  . PRO A 1 68 ? 15.746  -1.667  -1.274  1.00 47.40  ? 146 PRO A CG  1 
ATOM   408  C CD  . PRO A 1 68 ? 15.788  -0.915  -2.570  1.00 43.03  ? 146 PRO A CD  1 
ATOM   409  N N   . LEU A 1 69 ? 11.165  -0.656  -1.246  1.00 42.93  ? 147 LEU A N   1 
ATOM   410  C CA  . LEU A 1 69 ? 9.992   0.180   -0.990  1.00 43.19  ? 147 LEU A CA  1 
ATOM   411  C C   . LEU A 1 69 ? 10.268  1.328   -0.042  1.00 47.66  ? 147 LEU A C   1 
ATOM   412  O O   . LEU A 1 69 ? 9.921   2.462   -0.371  1.00 48.29  ? 147 LEU A O   1 
ATOM   413  C CB  . LEU A 1 69 ? 8.788   -0.649  -0.503  1.00 43.51  ? 147 LEU A CB  1 
ATOM   414  C CG  . LEU A 1 69 ? 8.077   -1.551  -1.537  1.00 48.34  ? 147 LEU A CG  1 
ATOM   415  C CD1 . LEU A 1 69 ? 6.988   -2.363  -0.877  1.00 48.37  ? 147 LEU A CD1 1 
ATOM   416  C CD2 . LEU A 1 69 ? 7.479   -0.752  -2.698  1.00 49.26  ? 147 LEU A CD2 1 
ATOM   417  N N   . ALA A 1 70 ? 10.920  1.051   1.104   1.00 43.97  ? 148 ALA A N   1 
ATOM   418  C CA  . ALA A 1 70 ? 11.282  2.062   2.109   1.00 44.37  ? 148 ALA A CA  1 
ATOM   419  C C   . ALA A 1 70 ? 12.130  3.205   1.508   1.00 48.04  ? 148 ALA A C   1 
ATOM   420  O O   . ALA A 1 70 ? 11.857  4.376   1.790   1.00 47.76  ? 148 ALA A O   1 
ATOM   421  C CB  . ALA A 1 70 ? 12.026  1.408   3.265   1.00 45.32  ? 148 ALA A CB  1 
ATOM   422  N N   . HIS A 1 71 ? 13.131  2.849   0.663   1.00 43.82  ? 149 HIS A N   1 
ATOM   423  C CA  . HIS A 1 71 ? 14.032  3.754   -0.051  1.00 43.18  ? 149 HIS A CA  1 
ATOM   424  C C   . HIS A 1 71 ? 13.239  4.632   -1.014  1.00 46.36  ? 149 HIS A C   1 
ATOM   425  O O   . HIS A 1 71 ? 13.406  5.853   -0.999  1.00 46.01  ? 149 HIS A O   1 
ATOM   426  C CB  . HIS A 1 71 ? 15.086  2.955   -0.841  1.00 44.29  ? 149 HIS A CB  1 
ATOM   427  C CG  . HIS A 1 71 ? 16.155  2.315   -0.005  1.00 48.14  ? 149 HIS A CG  1 
ATOM   428  N ND1 . HIS A 1 71 ? 15.858  1.340   0.926   1.00 50.31  ? 149 HIS A ND1 1 
ATOM   429  C CD2 . HIS A 1 71 ? 17.495  2.502   -0.024  1.00 49.90  ? 149 HIS A CD2 1 
ATOM   430  C CE1 . HIS A 1 71 ? 17.017  0.970   1.443   1.00 49.61  ? 149 HIS A CE1 1 
ATOM   431  N NE2 . HIS A 1 71 ? 18.029  1.659   0.916   1.00 49.82  ? 149 HIS A NE2 1 
ATOM   432  N N   . GLN A 1 72 ? 12.362  4.014   -1.842  1.00 42.25  ? 150 GLN A N   1 
ATOM   433  C CA  . GLN A 1 72 ? 11.551  4.739   -2.818  1.00 41.67  ? 150 GLN A CA  1 
ATOM   434  C C   . GLN A 1 72 ? 10.556  5.708   -2.180  1.00 46.03  ? 150 GLN A C   1 
ATOM   435  O O   . GLN A 1 72 ? 10.445  6.857   -2.629  1.00 45.83  ? 150 GLN A O   1 
ATOM   436  C CB  . GLN A 1 72 ? 10.900  3.802   -3.841  1.00 42.48  ? 150 GLN A CB  1 
ATOM   437  C CG  . GLN A 1 72 ? 10.215  4.534   -5.002  1.00 51.97  ? 150 GLN A CG  1 
ATOM   438  C CD  . GLN A 1 72 ? 11.106  5.395   -5.886  1.00 66.87  ? 150 GLN A CD  1 
ATOM   439  O OE1 . GLN A 1 72 ? 12.347  5.307   -5.879  1.00 59.85  ? 150 GLN A OE1 1 
ATOM   440  N NE2 . GLN A 1 72 ? 10.474  6.204   -6.725  1.00 56.99  ? 150 GLN A NE2 1 
ATOM   441  N N   . ILE A 1 73 ? 9.872   5.269   -1.112  1.00 41.99  ? 151 ILE A N   1 
ATOM   442  C CA  . ILE A 1 73 ? 8.954   6.143   -0.384  1.00 41.51  ? 151 ILE A CA  1 
ATOM   443  C C   . ILE A 1 73 ? 9.754   7.360   0.123   1.00 47.14  ? 151 ILE A C   1 
ATOM   444  O O   . ILE A 1 73 ? 9.329   8.496   -0.110  1.00 47.22  ? 151 ILE A O   1 
ATOM   445  C CB  . ILE A 1 73 ? 8.200   5.384   0.740   1.00 43.57  ? 151 ILE A CB  1 
ATOM   446  C CG1 . ILE A 1 73 ? 7.152   4.423   0.137   1.00 43.17  ? 151 ILE A CG1 1 
ATOM   447  C CG2 . ILE A 1 73 ? 7.562   6.362   1.758   1.00 43.40  ? 151 ILE A CG2 1 
ATOM   448  C CD1 . ILE A 1 73 ? 6.720   3.287   1.062   1.00 50.54  ? 151 ILE A CD1 1 
ATOM   449  N N   . SER A 1 74 ? 10.944  7.110   0.732   1.00 44.01  ? 152 SER A N   1 
ATOM   450  C CA  . SER A 1 74 ? 11.853  8.147   1.239   1.00 44.40  ? 152 SER A CA  1 
ATOM   451  C C   . SER A 1 74 ? 12.288  9.127   0.146   1.00 48.12  ? 152 SER A C   1 
ATOM   452  O O   . SER A 1 74 ? 12.291  10.336  0.392   1.00 47.40  ? 152 SER A O   1 
ATOM   453  C CB  . SER A 1 74 ? 13.066  7.525   1.922   1.00 48.56  ? 152 SER A CB  1 
ATOM   454  O OG  . SER A 1 74 ? 12.649  6.651   2.960   1.00 60.94  ? 152 SER A OG  1 
ATOM   455  N N   . ASP A 1 75 ? 12.599  8.606   -1.070  1.00 44.38  ? 153 ASP A N   1 
ATOM   456  C CA  . ASP A 1 75 ? 12.990  9.400   -2.240  1.00 43.98  ? 153 ASP A CA  1 
ATOM   457  C C   . ASP A 1 75 ? 11.857  10.335  -2.694  1.00 45.92  ? 153 ASP A C   1 
ATOM   458  O O   . ASP A 1 75 ? 12.099  11.524  -2.882  1.00 46.53  ? 153 ASP A O   1 
ATOM   459  C CB  . ASP A 1 75 ? 13.437  8.492   -3.403  1.00 46.17  ? 153 ASP A CB  1 
ATOM   460  C CG  . ASP A 1 75 ? 14.707  7.703   -3.161  1.00 57.04  ? 153 ASP A CG  1 
ATOM   461  O OD1 . ASP A 1 75 ? 15.584  8.198   -2.421  1.00 57.64  ? 153 ASP A OD1 1 
ATOM   462  O OD2 . ASP A 1 75 ? 14.841  6.605   -3.742  1.00 65.38  ? 153 ASP A OD2 1 
ATOM   463  N N   . ILE A 1 76 ? 10.628  9.802   -2.851  1.00 40.05  ? 154 ILE A N   1 
ATOM   464  C CA  . ILE A 1 76 ? 9.432   10.569  -3.236  1.00 38.90  ? 154 ILE A CA  1 
ATOM   465  C C   . ILE A 1 76 ? 9.109   11.652  -2.171  1.00 42.52  ? 154 ILE A C   1 
ATOM   466  O O   . ILE A 1 76 ? 8.922   12.816  -2.538  1.00 41.57  ? 154 ILE A O   1 
ATOM   467  C CB  . ILE A 1 76 ? 8.237   9.619   -3.573  1.00 41.04  ? 154 ILE A CB  1 
ATOM   468  C CG1 . ILE A 1 76 ? 8.509   8.844   -4.877  1.00 40.57  ? 154 ILE A CG1 1 
ATOM   469  C CG2 . ILE A 1 76 ? 6.915   10.369  -3.674  1.00 40.89  ? 154 ILE A CG2 1 
ATOM   470  C CD1 . ILE A 1 76 ? 7.968   7.529   -4.901  1.00 41.63  ? 154 ILE A CD1 1 
ATOM   471  N N   . LYS A 1 77 ? 9.122   11.273  -0.864  1.00 39.26  ? 155 LYS A N   1 
ATOM   472  C CA  . LYS A 1 77 ? 8.874   12.168  0.279   1.00 39.08  ? 155 LYS A CA  1 
ATOM   473  C C   . LYS A 1 77 ? 9.830   13.356  0.352   1.00 44.81  ? 155 LYS A C   1 
ATOM   474  O O   . LYS A 1 77 ? 9.389   14.472  0.642   1.00 45.50  ? 155 LYS A O   1 
ATOM   475  C CB  . LYS A 1 77 ? 8.843   11.410  1.610   1.00 40.27  ? 155 LYS A CB  1 
ATOM   476  C CG  . LYS A 1 77 ? 7.539   10.659  1.844   1.00 39.01  ? 155 LYS A CG  1 
ATOM   477  C CD  . LYS A 1 77 ? 7.316   10.324  3.304   1.00 40.47  ? 155 LYS A CD  1 
ATOM   478  C CE  . LYS A 1 77 ? 6.141   9.395   3.494   1.00 43.82  ? 155 LYS A CE  1 
ATOM   479  N NZ  . LYS A 1 77 ? 6.017   8.941   4.909   1.00 52.15  ? 155 LYS A NZ  1 
ATOM   480  N N   . ARG A 1 78 ? 11.123  13.124  0.067   1.00 41.94  ? 156 ARG A N   1 
ATOM   481  C CA  . ARG A 1 78 ? 12.160  14.166  0.041   1.00 42.15  ? 156 ARG A CA  1 
ATOM   482  C C   . ARG A 1 78 ? 11.931  15.076  -1.178  1.00 45.43  ? 156 ARG A C   1 
ATOM   483  O O   . ARG A 1 78 ? 11.921  16.300  -1.032  1.00 44.46  ? 156 ARG A O   1 
ATOM   484  C CB  . ARG A 1 78 ? 13.573  13.530  0.047   1.00 43.67  ? 156 ARG A CB  1 
ATOM   485  C CG  . ARG A 1 78 ? 14.707  14.371  -0.545  1.00 56.43  ? 156 ARG A CG  1 
ATOM   486  C CD  . ARG A 1 78 ? 15.908  13.492  -0.829  1.00 70.71  ? 156 ARG A CD  1 
ATOM   487  N NE  . ARG A 1 78 ? 16.800  14.068  -1.839  1.00 84.82  ? 156 ARG A NE  1 
ATOM   488  C CZ  . ARG A 1 78 ? 16.721  13.825  -3.146  1.00 98.24  ? 156 ARG A CZ  1 
ATOM   489  N NH1 . ARG A 1 78 ? 17.585  14.380  -3.984  1.00 81.61  ? 156 ARG A NH1 1 
ATOM   490  N NH2 . ARG A 1 78 ? 15.774  13.022  -3.623  1.00 84.43  ? 156 ARG A NH2 1 
ATOM   491  N N   . PHE A 1 79 ? 11.716  14.469  -2.365  1.00 42.22  ? 157 PHE A N   1 
ATOM   492  C CA  . PHE A 1 79 ? 11.445  15.179  -3.610  1.00 42.36  ? 157 PHE A CA  1 
ATOM   493  C C   . PHE A 1 79 ? 10.220  16.090  -3.493  1.00 46.05  ? 157 PHE A C   1 
ATOM   494  O O   . PHE A 1 79 ? 10.284  17.246  -3.903  1.00 46.02  ? 157 PHE A O   1 
ATOM   495  C CB  . PHE A 1 79 ? 11.278  14.201  -4.781  1.00 44.71  ? 157 PHE A CB  1 
ATOM   496  C CG  . PHE A 1 79 ? 10.686  14.863  -5.998  1.00 47.23  ? 157 PHE A CG  1 
ATOM   497  C CD1 . PHE A 1 79 ? 11.473  15.647  -6.832  1.00 51.63  ? 157 PHE A CD1 1 
ATOM   498  C CD2 . PHE A 1 79 ? 9.326   14.770  -6.267  1.00 50.45  ? 157 PHE A CD2 1 
ATOM   499  C CE1 . PHE A 1 79 ? 10.913  16.319  -7.920  1.00 53.37  ? 157 PHE A CE1 1 
ATOM   500  C CE2 . PHE A 1 79 ? 8.766   15.440  -7.355  1.00 54.30  ? 157 PHE A CE2 1 
ATOM   501  C CZ  . PHE A 1 79 ? 9.564   16.208  -8.175  1.00 52.97  ? 157 PHE A CZ  1 
ATOM   502  N N   . LEU A 1 80 ? 9.107   15.565  -2.951  1.00 42.71  ? 158 LEU A N   1 
ATOM   503  C CA  . LEU A 1 80 ? 7.869   16.326  -2.775  1.00 42.30  ? 158 LEU A CA  1 
ATOM   504  C C   . LEU A 1 80 ? 8.037   17.489  -1.796  1.00 47.38  ? 158 LEU A C   1 
ATOM   505  O O   . LEU A 1 80 ? 7.435   18.542  -2.011  1.00 47.42  ? 158 LEU A O   1 
ATOM   506  C CB  . LEU A 1 80 ? 6.685   15.421  -2.377  1.00 41.89  ? 158 LEU A CB  1 
ATOM   507  C CG  . LEU A 1 80 ? 6.097   14.523  -3.477  1.00 45.82  ? 158 LEU A CG  1 
ATOM   508  C CD1 . LEU A 1 80 ? 5.243   13.442  -2.876  1.00 46.46  ? 158 LEU A CD1 1 
ATOM   509  C CD2 . LEU A 1 80 ? 5.276   15.310  -4.476  1.00 45.84  ? 158 LEU A CD2 1 
ATOM   510  N N   . LYS A 1 81 ? 8.872   17.311  -0.746  1.00 44.35  ? 159 LYS A N   1 
ATOM   511  C CA  . LYS A 1 81 ? 9.170   18.371  0.226   1.00 44.34  ? 159 LYS A CA  1 
ATOM   512  C C   . LYS A 1 81 ? 10.003  19.468  -0.442  1.00 48.17  ? 159 LYS A C   1 
ATOM   513  O O   . LYS A 1 81 ? 9.671   20.645  -0.306  1.00 47.65  ? 159 LYS A O   1 
ATOM   514  C CB  . LYS A 1 81 ? 9.884   17.815  1.481   1.00 46.52  ? 159 LYS A CB  1 
ATOM   515  C CG  . LYS A 1 81 ? 10.341  18.880  2.492   1.00 52.59  ? 159 LYS A CG  1 
ATOM   516  C CD  . LYS A 1 81 ? 9.195   19.715  3.062   1.00 61.81  ? 159 LYS A CD  1 
ATOM   517  C CE  . LYS A 1 81 ? 9.666   20.777  4.020   1.00 74.69  ? 159 LYS A CE  1 
ATOM   518  N NZ  . LYS A 1 81 ? 8.536   21.604  4.522   1.00 83.67  ? 159 LYS A NZ  1 
ATOM   519  N N   . ASN A 1 82 ? 11.056  19.075  -1.187  1.00 45.43  ? 160 ASN A N   1 
ATOM   520  C CA  . ASN A 1 82 ? 11.931  19.999  -1.910  1.00 45.59  ? 160 ASN A CA  1 
ATOM   521  C C   . ASN A 1 82 ? 11.183  20.771  -3.008  1.00 49.23  ? 160 ASN A C   1 
ATOM   522  O O   . ASN A 1 82 ? 11.582  21.896  -3.318  1.00 48.36  ? 160 ASN A O   1 
ATOM   523  C CB  . ASN A 1 82 ? 13.170  19.273  -2.465  1.00 48.39  ? 160 ASN A CB  1 
ATOM   524  C CG  . ASN A 1 82 ? 14.215  18.878  -1.423  1.00 78.61  ? 160 ASN A CG  1 
ATOM   525  O OD1 . ASN A 1 82 ? 14.178  19.288  -0.249  1.00 76.99  ? 160 ASN A OD1 1 
ATOM   526  N ND2 . ASN A 1 82 ? 15.196  18.084  -1.839  1.00 68.57  ? 160 ASN A ND2 1 
ATOM   527  N N   . SER A 1 83 ? 10.072  20.191  -3.544  1.00 45.75  ? 161 SER A N   1 
ATOM   528  C CA  . SER A 1 83 ? 9.240   20.788  -4.595  1.00 45.85  ? 161 SER A CA  1 
ATOM   529  C C   . SER A 1 83 ? 7.998   21.578  -4.097  1.00 52.20  ? 161 SER A C   1 
ATOM   530  O O   . SER A 1 83 ? 7.466   22.402  -4.842  1.00 52.46  ? 161 SER A O   1 
ATOM   531  C CB  . SER A 1 83 ? 8.845   19.738  -5.629  1.00 48.41  ? 161 SER A CB  1 
ATOM   532  O OG  . SER A 1 83 ? 9.964   19.061  -6.178  1.00 53.73  ? 161 SER A OG  1 
ATOM   533  N N   . PHE A 1 84 ? 7.537   21.316  -2.855  1.00 49.74  ? 162 PHE A N   1 
ATOM   534  C CA  . PHE A 1 84 ? 6.410   22.002  -2.202  1.00 49.43  ? 162 PHE A CA  1 
ATOM   535  C C   . PHE A 1 84 ? 6.760   22.154  -0.716  1.00 55.49  ? 162 PHE A C   1 
ATOM   536  O O   . PHE A 1 84 ? 6.256   21.423  0.137   1.00 55.91  ? 162 PHE A O   1 
ATOM   537  C CB  . PHE A 1 84 ? 5.050   21.287  -2.448  1.00 50.60  ? 162 PHE A CB  1 
ATOM   538  C CG  . PHE A 1 84 ? 3.851   21.880  -1.723  1.00 51.72  ? 162 PHE A CG  1 
ATOM   539  C CD1 . PHE A 1 84 ? 3.369   23.142  -2.051  1.00 54.46  ? 162 PHE A CD1 1 
ATOM   540  C CD2 . PHE A 1 84 ? 3.198   21.168  -0.724  1.00 53.78  ? 162 PHE A CD2 1 
ATOM   541  C CE1 . PHE A 1 84 ? 2.270   23.690  -1.378  1.00 55.17  ? 162 PHE A CE1 1 
ATOM   542  C CE2 . PHE A 1 84 ? 2.100   21.717  -0.052  1.00 56.36  ? 162 PHE A CE2 1 
ATOM   543  C CZ  . PHE A 1 84 ? 1.646   22.973  -0.380  1.00 54.24  ? 162 PHE A CZ  1 
ATOM   544  N N   . ALA A 1 85 ? 7.675   23.088  -0.423  1.00 53.72  ? 163 ALA A N   1 
ATOM   545  C CA  . ALA A 1 85 ? 8.206   23.371  0.918   1.00 54.03  ? 163 ALA A CA  1 
ATOM   546  C C   . ALA A 1 85 ? 7.175   23.739  2.008   1.00 58.63  ? 163 ALA A C   1 
ATOM   547  O O   . ALA A 1 85 ? 7.531   23.749  3.190   1.00 58.59  ? 163 ALA A O   1 
ATOM   548  C CB  . ALA A 1 85 ? 9.298   24.426  0.833   1.00 54.78  ? 163 ALA A CB  1 
ATOM   549  N N   . ASP A 1 86 ? 5.910   24.003  1.628   1.00 55.06  ? 164 ASP A N   1 
ATOM   550  C CA  . ASP A 1 86 ? 4.854   24.373  2.576   1.00 55.18  ? 164 ASP A CA  1 
ATOM   551  C C   . ASP A 1 86 ? 4.320   23.214  3.435   1.00 59.40  ? 164 ASP A C   1 
ATOM   552  O O   . ASP A 1 86 ? 3.728   23.465  4.493   1.00 58.82  ? 164 ASP A O   1 
ATOM   553  C CB  . ASP A 1 86 ? 3.714   25.117  1.864   1.00 57.18  ? 164 ASP A CB  1 
ATOM   554  N N   . VAL A 1 87 ? 4.533   21.953  2.994   1.00 56.03  ? 165 VAL A N   1 
ATOM   555  C CA  . VAL A 1 87 ? 4.064   20.762  3.721   1.00 55.68  ? 165 VAL A CA  1 
ATOM   556  C C   . VAL A 1 87 ? 5.111   20.209  4.714   1.00 57.53  ? 165 VAL A C   1 
ATOM   557  O O   . VAL A 1 87 ? 6.294   20.145  4.382   1.00 56.85  ? 165 VAL A O   1 
ATOM   558  C CB  . VAL A 1 87 ? 3.482   19.680  2.756   1.00 60.02  ? 165 VAL A CB  1 
ATOM   559  C CG1 . VAL A 1 87 ? 4.559   19.059  1.864   1.00 60.01  ? 165 VAL A CG1 1 
ATOM   560  C CG2 . VAL A 1 87 ? 2.691   18.602  3.506   1.00 59.74  ? 165 VAL A CG2 1 
ATOM   561  N N   . ASP A 1 88 ? 4.676   19.832  5.930   1.00 53.12  ? 166 ASP A N   1 
ATOM   562  C CA  . ASP A 1 88 ? 5.570   19.225  6.919   1.00 52.85  ? 166 ASP A CA  1 
ATOM   563  C C   . ASP A 1 88 ? 5.826   17.790  6.465   1.00 55.92  ? 166 ASP A C   1 
ATOM   564  O O   . ASP A 1 88 ? 4.869   17.097  6.083   1.00 55.93  ? 166 ASP A O   1 
ATOM   565  C CB  . ASP A 1 88 ? 4.962   19.245  8.331   1.00 55.02  ? 166 ASP A CB  1 
ATOM   566  C CG  . ASP A 1 88 ? 5.979   19.601  9.400   1.00 71.50  ? 166 ASP A CG  1 
ATOM   567  O OD1 . ASP A 1 88 ? 6.740   18.699  9.820   1.00 72.27  ? 166 ASP A OD1 1 
ATOM   568  O OD2 . ASP A 1 88 ? 6.052   20.798  9.782   1.00 79.99  ? 166 ASP A OD2 1 
ATOM   569  N N   . TYR A 1 89 ? 7.121   17.361  6.462   1.00 50.49  ? 167 TYR A N   1 
ATOM   570  C CA  . TYR A 1 89 ? 7.578   16.029  6.030   1.00 48.63  ? 167 TYR A CA  1 
ATOM   571  C C   . TYR A 1 89 ? 6.719   14.891  6.587   1.00 52.28  ? 167 TYR A C   1 
ATOM   572  O O   . TYR A 1 89 ? 6.321   14.014  5.823   1.00 52.39  ? 167 TYR A O   1 
ATOM   573  C CB  . TYR A 1 89 ? 9.075   15.814  6.346   1.00 48.23  ? 167 TYR A CB  1 
ATOM   574  C CG  . TYR A 1 89 ? 9.712   14.641  5.623   1.00 47.31  ? 167 TYR A CG  1 
ATOM   575  C CD1 . TYR A 1 89 ? 10.293  14.801  4.369   1.00 48.70  ? 167 TYR A CD1 1 
ATOM   576  C CD2 . TYR A 1 89 ? 9.761   13.378  6.208   1.00 47.07  ? 167 TYR A CD2 1 
ATOM   577  C CE1 . TYR A 1 89 ? 10.897  13.733  3.707   1.00 47.80  ? 167 TYR A CE1 1 
ATOM   578  C CE2 . TYR A 1 89 ? 10.348  12.298  5.550   1.00 47.67  ? 167 TYR A CE2 1 
ATOM   579  C CZ  . TYR A 1 89 ? 10.929  12.483  4.304   1.00 53.76  ? 167 TYR A CZ  1 
ATOM   580  O OH  . TYR A 1 89 ? 11.516  11.429  3.642   1.00 52.86  ? 167 TYR A OH  1 
ATOM   581  N N   . ASP A 1 90 ? 6.403   14.931  7.896   1.00 48.46  ? 168 ASP A N   1 
ATOM   582  C CA  . ASP A 1 90 ? 5.592   13.915  8.565   1.00 48.42  ? 168 ASP A CA  1 
ATOM   583  C C   . ASP A 1 90 ? 4.132   13.868  8.097   1.00 50.54  ? 168 ASP A C   1 
ATOM   584  O O   . ASP A 1 90 ? 3.478   12.839  8.270   1.00 50.48  ? 168 ASP A O   1 
ATOM   585  C CB  . ASP A 1 90 ? 5.705   14.033  10.098  1.00 51.04  ? 168 ASP A CB  1 
ATOM   586  C CG  . ASP A 1 90 ? 5.155   15.321  10.675  1.00 65.59  ? 168 ASP A CG  1 
ATOM   587  O OD1 . ASP A 1 90 ? 3.921   15.403  10.870  1.00 66.83  ? 168 ASP A OD1 1 
ATOM   588  O OD2 . ASP A 1 90 ? 5.961   16.229  10.975  1.00 71.85  ? 168 ASP A OD2 1 
ATOM   589  N N   . ASN A 1 91 ? 3.630   14.972  7.489   1.00 45.50  ? 169 ASN A N   1 
ATOM   590  C CA  . ASN A 1 91 ? 2.259   15.101  6.969   1.00 43.71  ? 169 ASN A CA  1 
ATOM   591  C C   . ASN A 1 91 ? 2.126   14.705  5.479   1.00 43.97  ? 169 ASN A C   1 
ATOM   592  O O   . ASN A 1 91 ? 1.071   14.943  4.875   1.00 42.34  ? 169 ASN A O   1 
ATOM   593  C CB  . ASN A 1 91 ? 1.743   16.522  7.194   1.00 43.23  ? 169 ASN A CB  1 
ATOM   594  C CG  . ASN A 1 91 ? 1.461   16.900  8.629   1.00 69.95  ? 169 ASN A CG  1 
ATOM   595  O OD1 . ASN A 1 91 ? 0.975   16.107  9.450   1.00 56.92  ? 169 ASN A OD1 1 
ATOM   596  N ND2 . ASN A 1 91 ? 1.688   18.168  8.940   1.00 67.07  ? 169 ASN A ND2 1 
ATOM   597  N N   . ILE A 1 92 ? 3.201   14.128  4.890   1.00 38.72  ? 170 ILE A N   1 
ATOM   598  C CA  . ILE A 1 92 ? 3.247   13.675  3.493   1.00 37.95  ? 170 ILE A CA  1 
ATOM   599  C C   . ILE A 1 92 ? 2.991   12.169  3.493   1.00 41.13  ? 170 ILE A C   1 
ATOM   600  O O   . ILE A 1 92 ? 3.557   11.468  4.328   1.00 41.73  ? 170 ILE A O   1 
ATOM   601  C CB  . ILE A 1 92 ? 4.592   14.007  2.784   1.00 40.70  ? 170 ILE A CB  1 
ATOM   602  C CG1 . ILE A 1 92 ? 5.008   15.469  2.982   1.00 41.42  ? 170 ILE A CG1 1 
ATOM   603  C CG2 . ILE A 1 92 ? 4.550   13.619  1.287   1.00 41.19  ? 170 ILE A CG2 1 
ATOM   604  C CD1 . ILE A 1 92 ? 6.458   15.796  2.528   1.00 50.79  ? 170 ILE A CD1 1 
ATOM   605  N N   . SER A 1 93 ? 2.146   11.676  2.570   1.00 35.71  ? 171 SER A N   1 
ATOM   606  C CA  . SER A 1 93 ? 1.812   10.256  2.488   1.00 34.97  ? 171 SER A CA  1 
ATOM   607  C C   . SER A 1 93 ? 1.997   9.730   1.073   1.00 38.79  ? 171 SER A C   1 
ATOM   608  O O   . SER A 1 93 ? 1.452   10.288  0.124   1.00 38.34  ? 171 SER A O   1 
ATOM   609  C CB  . SER A 1 93 ? 0.395   10.003  2.997   1.00 37.61  ? 171 SER A CB  1 
ATOM   610  O OG  . SER A 1 93 ? -0.196  8.855   2.410   1.00 47.62  ? 171 SER A OG  1 
ATOM   611  N N   . VAL A 1 94 ? 2.782   8.661   0.942   1.00 35.18  ? 172 VAL A N   1 
ATOM   612  C CA  . VAL A 1 94 ? 3.081   8.012   -0.328  1.00 34.50  ? 172 VAL A CA  1 
ATOM   613  C C   . VAL A 1 94 ? 2.615   6.567   -0.224  1.00 39.23  ? 172 VAL A C   1 
ATOM   614  O O   . VAL A 1 94 ? 3.023   5.852   0.697   1.00 39.44  ? 172 VAL A O   1 
ATOM   615  C CB  . VAL A 1 94 ? 4.595   8.095   -0.716  1.00 37.22  ? 172 VAL A CB  1 
ATOM   616  C CG1 . VAL A 1 94 ? 4.854   7.523   -2.104  1.00 36.32  ? 172 VAL A CG1 1 
ATOM   617  C CG2 . VAL A 1 94 ? 5.116   9.516   -0.635  1.00 36.98  ? 172 VAL A CG2 1 
ATOM   618  N N   . VAL A 1 95 ? 1.746   6.155   -1.152  1.00 35.65  ? 173 VAL A N   1 
ATOM   619  C CA  . VAL A 1 95 ? 1.277   4.780   -1.288  1.00 35.65  ? 173 VAL A CA  1 
ATOM   620  C C   . VAL A 1 95 ? 1.752   4.354   -2.685  1.00 41.27  ? 173 VAL A C   1 
ATOM   621  O O   . VAL A 1 95 ? 1.471   5.045   -3.675  1.00 40.55  ? 173 VAL A O   1 
ATOM   622  C CB  . VAL A 1 95 ? -0.258  4.615   -1.106  1.00 39.18  ? 173 VAL A CB  1 
ATOM   623  C CG1 . VAL A 1 95 ? -0.693  3.181   -1.408  1.00 39.02  ? 173 VAL A CG1 1 
ATOM   624  C CG2 . VAL A 1 95 ? -0.699  5.014   0.301   1.00 38.61  ? 173 VAL A CG2 1 
ATOM   625  N N   . LEU A 1 96 ? 2.518   3.262   -2.760  1.00 38.71  ? 174 LEU A N   1 
ATOM   626  C CA  . LEU A 1 96 ? 3.040   2.811   -4.048  1.00 38.67  ? 174 LEU A CA  1 
ATOM   627  C C   . LEU A 1 96 ? 2.339   1.588   -4.581  1.00 43.58  ? 174 LEU A C   1 
ATOM   628  O O   . LEU A 1 96 ? 2.073   0.654   -3.822  1.00 43.86  ? 174 LEU A O   1 
ATOM   629  C CB  . LEU A 1 96 ? 4.563   2.605   -4.007  1.00 38.58  ? 174 LEU A CB  1 
ATOM   630  C CG  . LEU A 1 96 ? 5.433   3.846   -3.746  1.00 43.52  ? 174 LEU A CG  1 
ATOM   631  C CD1 . LEU A 1 96 ? 6.886   3.458   -3.610  1.00 43.65  ? 174 LEU A CD1 1 
ATOM   632  C CD2 . LEU A 1 96 ? 5.286   4.884   -4.853  1.00 46.27  ? 174 LEU A CD2 1 
ATOM   633  N N   . SER A 1 97 ? 2.049   1.588   -5.893  1.00 40.70  ? 175 SER A N   1 
ATOM   634  C CA  . SER A 1 97 ? 1.389   0.463   -6.562  1.00 41.00  ? 175 SER A CA  1 
ATOM   635  C C   . SER A 1 97 ? 2.332   -0.274  -7.524  1.00 43.47  ? 175 SER A C   1 
ATOM   636  O O   . SER A 1 97 ? 3.381   0.265   -7.882  1.00 42.27  ? 175 SER A O   1 
ATOM   637  C CB  . SER A 1 97 ? 0.118   0.924   -7.264  1.00 46.17  ? 175 SER A CB  1 
ATOM   638  O OG  . SER A 1 97 ? -0.863  1.289   -6.306  1.00 56.04  ? 175 SER A OG  1 
ATOM   639  N N   . GLU A 1 98 ? 1.957   -1.522  -7.903  1.00 39.48  ? 176 GLU A N   1 
ATOM   640  C CA  . GLU A 1 98 ? 2.673   -2.473  -8.777  1.00 54.80  ? 176 GLU A CA  1 
ATOM   641  C C   . GLU A 1 98 ? 3.545   -1.882  -9.903  1.00 94.22  ? 176 GLU A C   1 
ATOM   642  O O   . GLU A 1 98 ? 4.558   -2.474  -10.294 1.00 52.21  ? 176 GLU A O   1 
ATOM   643  C CB  . GLU A 1 98 ? 1.709   -3.538  -9.334  1.00 55.86  ? 176 GLU A CB  1 
ATOM   644  C CG  . GLU A 1 98 ? 0.366   -3.013  -9.829  1.00 63.23  ? 176 GLU A CG  1 
ATOM   645  C CD  . GLU A 1 98 ? 0.391   -2.081  -11.026 1.00 85.80  ? 176 GLU A CD  1 
ATOM   646  O OE1 . GLU A 1 98 ? -0.117  -0.944  -10.893 1.00 88.44  ? 176 GLU A OE1 1 
ATOM   647  O OE2 . GLU A 1 98 ? 0.907   -2.482  -12.096 1.00 77.20  ? 176 GLU A OE2 1 
ATOM   648  N N   . MET B 1 4  ? -25.766 1.311   -3.427  1.00 58.93  ? 95  MET B N   1 
ATOM   649  C CA  . MET B 1 4  ? -24.932 2.476   -3.711  1.00 58.87  ? 95  MET B CA  1 
ATOM   650  C C   . MET B 1 4  ? -24.249 3.082   -2.462  1.00 64.22  ? 95  MET B C   1 
ATOM   651  O O   . MET B 1 4  ? -23.540 4.082   -2.591  1.00 64.61  ? 95  MET B O   1 
ATOM   652  C CB  . MET B 1 4  ? -25.732 3.536   -4.491  1.00 61.05  ? 95  MET B CB  1 
ATOM   653  N N   . SER B 1 5  ? -24.437 2.471   -1.267  1.00 60.81  ? 96  SER B N   1 
ATOM   654  C CA  . SER B 1 5  ? -23.850 2.927   0.004   1.00 60.67  ? 96  SER B CA  1 
ATOM   655  C C   . SER B 1 5  ? -23.914 1.838   1.089   1.00 65.99  ? 96  SER B C   1 
ATOM   656  O O   . SER B 1 5  ? -25.008 1.313   1.328   1.00 66.35  ? 96  SER B O   1 
ATOM   657  C CB  . SER B 1 5  ? -24.557 4.190   0.497   1.00 63.85  ? 96  SER B CB  1 
ATOM   658  O OG  . SER B 1 5  ? -25.969 4.097   0.386   1.00 70.73  ? 96  SER B OG  1 
ATOM   659  N N   . SER B 1 6  ? -22.759 1.495   1.748   1.00 62.63  ? 97  SER B N   1 
ATOM   660  C CA  . SER B 1 6  ? -22.695 0.491   2.833   1.00 62.82  ? 97  SER B CA  1 
ATOM   661  C C   . SER B 1 6  ? -21.446 0.605   3.723   1.00 68.33  ? 97  SER B C   1 
ATOM   662  O O   . SER B 1 6  ? -20.356 0.788   3.176   1.00 69.79  ? 97  SER B O   1 
ATOM   663  C CB  . SER B 1 6  ? -22.784 -0.929  2.282   1.00 66.46  ? 97  SER B CB  1 
ATOM   664  O OG  . SER B 1 6  ? -22.934 -1.878  3.326   1.00 73.64  ? 97  SER B OG  1 
ATOM   665  N N   . PRO B 1 7  ? -21.545 0.400   5.070   1.00 63.37  ? 98  PRO B N   1 
ATOM   666  C CA  . PRO B 1 7  ? -20.343 0.518   5.923   1.00 62.36  ? 98  PRO B CA  1 
ATOM   667  C C   . PRO B 1 7  ? -19.588 -0.783  6.217   1.00 64.12  ? 98  PRO B C   1 
ATOM   668  O O   . PRO B 1 7  ? -18.360 -0.800  6.114   1.00 64.06  ? 98  PRO B O   1 
ATOM   669  C CB  . PRO B 1 7  ? -20.886 1.161   7.206   1.00 64.26  ? 98  PRO B CB  1 
ATOM   670  C CG  . PRO B 1 7  ? -22.376 0.882   7.193   1.00 68.85  ? 98  PRO B CG  1 
ATOM   671  C CD  . PRO B 1 7  ? -22.750 0.206   5.898   1.00 64.54  ? 98  PRO B CD  1 
ATOM   672  N N   . ARG B 1 8  ? -20.304 -1.849  6.635   1.00 59.02  ? 99  ARG B N   1 
ATOM   673  C CA  . ARG B 1 8  ? -19.733 -3.165  6.964   1.00 57.45  ? 99  ARG B CA  1 
ATOM   674  C C   . ARG B 1 8  ? -19.169 -3.853  5.728   1.00 57.55  ? 99  ARG B C   1 
ATOM   675  O O   . ARG B 1 8  ? -18.099 -4.459  5.808   1.00 56.72  ? 99  ARG B O   1 
ATOM   676  C CB  . ARG B 1 8  ? -20.787 -4.063  7.629   1.00 57.58  ? 99  ARG B CB  1 
ATOM   677  C CG  . ARG B 1 8  ? -20.702 -4.077  9.138   1.00 65.78  ? 99  ARG B CG  1 
ATOM   678  C CD  . ARG B 1 8  ? -21.533 -2.989  9.792   1.00 74.90  ? 99  ARG B CD  1 
ATOM   679  N NE  . ARG B 1 8  ? -21.253 -2.934  11.227  1.00 78.78  ? 99  ARG B NE  1 
ATOM   680  C CZ  . ARG B 1 8  ? -22.091 -2.464  12.142  1.00 86.46  ? 99  ARG B CZ  1 
ATOM   681  N NH1 . ARG B 1 8  ? -23.279 -1.997  11.785  1.00 64.23  ? 99  ARG B NH1 1 
ATOM   682  N NH2 . ARG B 1 8  ? -21.756 -2.477  13.425  1.00 78.17  ? 99  ARG B NH2 1 
ATOM   683  N N   . ALA B 1 9  ? -19.888 -3.746  4.583   1.00 51.47  ? 100 ALA B N   1 
ATOM   684  C CA  . ALA B 1 9  ? -19.467 -4.309  3.297   1.00 50.30  ? 100 ALA B CA  1 
ATOM   685  C C   . ALA B 1 9  ? -18.208 -3.605  2.772   1.00 51.46  ? 100 ALA B C   1 
ATOM   686  O O   . ALA B 1 9  ? -17.443 -4.204  2.015   1.00 50.59  ? 100 ALA B O   1 
ATOM   687  C CB  . ALA B 1 9  ? -20.593 -4.216  2.280   1.00 50.98  ? 100 ALA B CB  1 
ATOM   688  N N   . GLU B 1 10 ? -17.989 -2.345  3.199   1.00 46.28  ? 101 GLU B N   1 
ATOM   689  C CA  . GLU B 1 10 ? -16.823 -1.553  2.817   1.00 45.02  ? 101 GLU B CA  1 
ATOM   690  C C   . GLU B 1 10 ? -15.559 -2.069  3.484   1.00 47.02  ? 101 GLU B C   1 
ATOM   691  O O   . GLU B 1 10 ? -14.574 -2.310  2.777   1.00 46.11  ? 101 GLU B O   1 
ATOM   692  C CB  . GLU B 1 10 ? -17.053 -0.051  3.048   1.00 46.10  ? 101 GLU B CB  1 
ATOM   693  C CG  . GLU B 1 10 ? -16.974 0.765   1.765   1.00 55.74  ? 101 GLU B CG  1 
ATOM   694  C CD  . GLU B 1 10 ? -17.764 0.237   0.577   1.00 76.90  ? 101 GLU B CD  1 
ATOM   695  O OE1 . GLU B 1 10 ? -17.132 -0.154  -0.431  1.00 59.40  ? 101 GLU B OE1 1 
ATOM   696  O OE2 . GLU B 1 10 ? -19.013 0.197   0.662   1.00 77.24  ? 101 GLU B OE2 1 
ATOM   697  N N   . LYS B 1 11 ? -15.607 -2.313  4.825   1.00 42.30  ? 102 LYS B N   1 
ATOM   698  C CA  . LYS B 1 11 ? -14.485 -2.893  5.588   1.00 40.46  ? 102 LYS B CA  1 
ATOM   699  C C   . LYS B 1 11 ? -14.171 -4.297  5.064   1.00 40.98  ? 102 LYS B C   1 
ATOM   700  O O   . LYS B 1 11 ? -13.001 -4.646  4.941   1.00 40.16  ? 102 LYS B O   1 
ATOM   701  C CB  . LYS B 1 11 ? -14.775 -2.946  7.099   1.00 41.87  ? 102 LYS B CB  1 
ATOM   702  C CG  . LYS B 1 11 ? -13.496 -2.974  7.933   1.00 49.10  ? 102 LYS B CG  1 
ATOM   703  C CD  . LYS B 1 11 ? -13.690 -3.611  9.294   1.00 58.75  ? 102 LYS B CD  1 
ATOM   704  C CE  . LYS B 1 11 ? -12.378 -3.786  10.020  1.00 70.47  ? 102 LYS B CE  1 
ATOM   705  N NZ  . LYS B 1 11 ? -12.570 -4.332  11.391  1.00 82.86  ? 102 LYS B NZ  1 
ATOM   706  N N   . ALA B 1 12 ? -15.220 -5.075  4.727   1.00 36.12  ? 103 ALA B N   1 
ATOM   707  C CA  . ALA B 1 12 ? -15.116 -6.423  4.165   1.00 35.57  ? 103 ALA B CA  1 
ATOM   708  C C   . ALA B 1 12 ? -14.427 -6.372  2.796   1.00 40.73  ? 103 ALA B C   1 
ATOM   709  O O   . ALA B 1 12 ? -13.501 -7.144  2.558   1.00 40.25  ? 103 ALA B O   1 
ATOM   710  C CB  . ALA B 1 12 ? -16.500 -7.044  4.035   1.00 35.83  ? 103 ALA B CB  1 
ATOM   711  N N   . ARG B 1 13 ? -14.861 -5.443  1.915   1.00 38.19  ? 104 ARG B N   1 
ATOM   712  C CA  . ARG B 1 13 ? -14.294 -5.260  0.578   1.00 38.41  ? 104 ARG B CA  1 
ATOM   713  C C   . ARG B 1 13 ? -12.873 -4.715  0.662   1.00 42.03  ? 104 ARG B C   1 
ATOM   714  O O   . ARG B 1 13 ? -12.027 -5.125  -0.140  1.00 41.56  ? 104 ARG B O   1 
ATOM   715  C CB  . ARG B 1 13 ? -15.176 -4.339  -0.294  1.00 38.66  ? 104 ARG B CB  1 
ATOM   716  C CG  . ARG B 1 13 ? -16.287 -5.077  -1.033  1.00 43.83  ? 104 ARG B CG  1 
ATOM   717  C CD  . ARG B 1 13 ? -17.066 -4.188  -1.993  1.00 39.06  ? 104 ARG B CD  1 
ATOM   718  N NE  . ARG B 1 13 ? -17.830 -3.170  -1.274  1.00 42.42  ? 104 ARG B NE  1 
ATOM   719  C CZ  . ARG B 1 13 ? -19.151 -3.154  -1.142  1.00 53.42  ? 104 ARG B CZ  1 
ATOM   720  N NH1 . ARG B 1 13 ? -19.894 -4.097  -1.714  1.00 36.30  ? 104 ARG B NH1 1 
ATOM   721  N NH2 . ARG B 1 13 ? -19.741 -2.196  -0.447  1.00 44.58  ? 104 ARG B NH2 1 
ATOM   722  N N   . LEU B 1 14 ? -12.606 -3.807  1.629   1.00 38.24  ? 105 LEU B N   1 
ATOM   723  C CA  . LEU B 1 14 ? -11.267 -3.247  1.819   1.00 38.77  ? 105 LEU B CA  1 
ATOM   724  C C   . LEU B 1 14 ? -10.286 -4.342  2.231   1.00 43.37  ? 105 LEU B C   1 
ATOM   725  O O   . LEU B 1 14 ? -9.244  -4.503  1.579   1.00 43.55  ? 105 LEU B O   1 
ATOM   726  C CB  . LEU B 1 14 ? -11.265 -2.065  2.815   1.00 39.03  ? 105 LEU B CB  1 
ATOM   727  C CG  . LEU B 1 14 ? -9.895  -1.523  3.279   1.00 44.30  ? 105 LEU B CG  1 
ATOM   728  C CD1 . LEU B 1 14 ? -9.106  -0.890  2.131   1.00 44.53  ? 105 LEU B CD1 1 
ATOM   729  C CD2 . LEU B 1 14 ? -10.066 -0.524  4.411   1.00 47.40  ? 105 LEU B CD2 1 
ATOM   730  N N   . TYR B 1 15 ? -10.649 -5.123  3.268   1.00 39.20  ? 106 TYR B N   1 
ATOM   731  C CA  . TYR B 1 15 ? -9.831  -6.227  3.777   1.00 38.88  ? 106 TYR B CA  1 
ATOM   732  C C   . TYR B 1 15 ? -9.658  -7.352  2.761   1.00 38.09  ? 106 TYR B C   1 
ATOM   733  O O   . TYR B 1 15 ? -8.561  -7.881  2.649   1.00 36.86  ? 106 TYR B O   1 
ATOM   734  C CB  . TYR B 1 15 ? -10.343 -6.725  5.141   1.00 41.71  ? 106 TYR B CB  1 
ATOM   735  C CG  . TYR B 1 15 ? -9.890  -5.872  6.313   1.00 46.19  ? 106 TYR B CG  1 
ATOM   736  C CD1 . TYR B 1 15 ? -10.199 -4.515  6.378   1.00 48.58  ? 106 TYR B CD1 1 
ATOM   737  C CD2 . TYR B 1 15 ? -9.173  -6.427  7.367   1.00 47.80  ? 106 TYR B CD2 1 
ATOM   738  C CE1 . TYR B 1 15 ? -9.790  -3.728  7.454   1.00 49.07  ? 106 TYR B CE1 1 
ATOM   739  C CE2 . TYR B 1 15 ? -8.759  -5.650  8.449   1.00 48.99  ? 106 TYR B CE2 1 
ATOM   740  C CZ  . TYR B 1 15 ? -9.083  -4.303  8.495   1.00 56.41  ? 106 TYR B CZ  1 
ATOM   741  O OH  . TYR B 1 15 ? -8.694  -3.536  9.565   1.00 60.16  ? 106 TYR B OH  1 
ATOM   742  N N   . SER B 1 16 ? -10.704 -7.651  1.964   1.00 32.98  ? 107 SER B N   1 
ATOM   743  C CA  . SER B 1 16 ? -10.661 -8.651  0.889   1.00 32.04  ? 107 SER B CA  1 
ATOM   744  C C   . SER B 1 16 ? -9.672  -8.234  -0.232  1.00 34.22  ? 107 SER B C   1 
ATOM   745  O O   . SER B 1 16 ? -9.016  -9.092  -0.819  1.00 33.85  ? 107 SER B O   1 
ATOM   746  C CB  . SER B 1 16 ? -12.059 -8.885  0.320   1.00 35.52  ? 107 SER B CB  1 
ATOM   747  O OG  . SER B 1 16 ? -12.051 -9.714  -0.835  1.00 45.05  ? 107 SER B OG  1 
ATOM   748  N N   . ALA B 1 17 ? -9.554  -6.919  -0.491  1.00 30.02  ? 108 ALA B N   1 
ATOM   749  C CA  . ALA B 1 17 ? -8.669  -6.336  -1.497  1.00 28.70  ? 108 ALA B CA  1 
ATOM   750  C C   . ALA B 1 17 ? -7.214  -6.482  -1.078  1.00 32.16  ? 108 ALA B C   1 
ATOM   751  O O   . ALA B 1 17 ? -6.358  -6.725  -1.942  1.00 33.11  ? 108 ALA B O   1 
ATOM   752  C CB  . ALA B 1 17 ? -9.020  -4.874  -1.711  1.00 29.04  ? 108 ALA B CB  1 
ATOM   753  N N   . ILE B 1 18 ? -6.944  -6.355  0.250   1.00 26.58  ? 109 ILE B N   1 
ATOM   754  C CA  . ILE B 1 18 ? -5.622  -6.513  0.872   1.00 26.13  ? 109 ILE B CA  1 
ATOM   755  C C   . ILE B 1 18 ? -5.238  -7.995  0.777   1.00 32.70  ? 109 ILE B C   1 
ATOM   756  O O   . ILE B 1 18 ? -4.100  -8.311  0.407   1.00 33.28  ? 109 ILE B O   1 
ATOM   757  C CB  . ILE B 1 18 ? -5.640  -6.041  2.353   1.00 29.39  ? 109 ILE B CB  1 
ATOM   758  C CG1 . ILE B 1 18 ? -5.931  -4.518  2.479   1.00 30.09  ? 109 ILE B CG1 1 
ATOM   759  C CG2 . ILE B 1 18 ? -4.340  -6.414  3.063   1.00 29.82  ? 109 ILE B CG2 1 
ATOM   760  C CD1 . ILE B 1 18 ? -6.481  -4.088  3.836   1.00 34.09  ? 109 ILE B CD1 1 
ATOM   761  N N   . GLU B 1 19 ? -6.199  -8.902  1.127   1.00 28.53  ? 110 GLU B N   1 
ATOM   762  C CA  . GLU B 1 19 ? -6.046  -10.358 1.064   1.00 27.72  ? 110 GLU B CA  1 
ATOM   763  C C   . GLU B 1 19 ? -5.596  -10.719 -0.349  1.00 31.88  ? 110 GLU B C   1 
ATOM   764  O O   . GLU B 1 19 ? -4.608  -11.426 -0.507  1.00 29.80  ? 110 GLU B O   1 
ATOM   765  C CB  . GLU B 1 19 ? -7.385  -11.061 1.367   1.00 28.95  ? 110 GLU B CB  1 
ATOM   766  C CG  . GLU B 1 19 ? -7.828  -11.049 2.821   1.00 34.40  ? 110 GLU B CG  1 
ATOM   767  C CD  . GLU B 1 19 ? -9.111  -11.812 3.071   1.00 48.69  ? 110 GLU B CD  1 
ATOM   768  O OE1 . GLU B 1 19 ? -9.748  -12.234 2.078   1.00 43.65  ? 110 GLU B OE1 1 
ATOM   769  O OE2 . GLU B 1 19 ? -9.486  -11.987 4.253   1.00 45.32  ? 110 GLU B OE2 1 
ATOM   770  N N   . GLN B 1 20 ? -6.300  -10.169 -1.371  1.00 30.57  ? 111 GLN B N   1 
ATOM   771  C CA  . GLN B 1 20 ? -6.011  -10.369 -2.791  1.00 31.24  ? 111 GLN B CA  1 
ATOM   772  C C   . GLN B 1 20 ? -4.636  -9.818  -3.166  1.00 35.84  ? 111 GLN B C   1 
ATOM   773  O O   . GLN B 1 20 ? -3.894  -10.475 -3.909  1.00 34.17  ? 111 GLN B O   1 
ATOM   774  C CB  . GLN B 1 20 ? -7.106  -9.748  -3.660  1.00 32.78  ? 111 GLN B CB  1 
ATOM   775  C CG  . GLN B 1 20 ? -8.396  -10.565 -3.688  1.00 47.85  ? 111 GLN B CG  1 
ATOM   776  C CD  . GLN B 1 20 ? -9.496  -9.822  -4.404  1.00 58.62  ? 111 GLN B CD  1 
ATOM   777  O OE1 . GLN B 1 20 ? -10.241 -9.040  -3.800  1.00 53.43  ? 111 GLN B OE1 1 
ATOM   778  N NE2 . GLN B 1 20 ? -9.592  -10.019 -5.715  1.00 44.59  ? 111 GLN B NE2 1 
ATOM   779  N N   . ARG B 1 21 ? -4.278  -8.636  -2.621  1.00 33.74  ? 112 ARG B N   1 
ATOM   780  C CA  . ARG B 1 21 ? -2.960  -8.032  -2.867  1.00 33.83  ? 112 ARG B CA  1 
ATOM   781  C C   . ARG B 1 21 ? -1.871  -8.950  -2.310  1.00 38.84  ? 112 ARG B C   1 
ATOM   782  O O   . ARG B 1 21 ? -0.929  -9.264  -3.034  1.00 39.67  ? 112 ARG B O   1 
ATOM   783  C CB  . ARG B 1 21 ? -2.864  -6.607  -2.274  1.00 32.67  ? 112 ARG B CB  1 
ATOM   784  C CG  . ARG B 1 21 ? -1.525  -5.910  -2.509  1.00 43.66  ? 112 ARG B CG  1 
ATOM   785  C CD  . ARG B 1 21 ? -1.589  -4.399  -2.343  1.00 51.29  ? 112 ARG B CD  1 
ATOM   786  N NE  . ARG B 1 21 ? -2.134  -3.740  -3.537  1.00 60.75  ? 112 ARG B NE  1 
ATOM   787  C CZ  . ARG B 1 21 ? -1.404  -3.316  -4.567  1.00 70.10  ? 112 ARG B CZ  1 
ATOM   788  N NH1 . ARG B 1 21 ? -0.082  -3.472  -4.567  1.00 44.73  ? 112 ARG B NH1 1 
ATOM   789  N NH2 . ARG B 1 21 ? -1.989  -2.732  -5.609  1.00 55.91  ? 112 ARG B NH2 1 
ATOM   790  N N   . LEU B 1 22 ? -2.039  -9.427  -1.056  1.00 35.19  ? 113 LEU B N   1 
ATOM   791  C CA  . LEU B 1 22 ? -1.067  -10.291 -0.378  1.00 35.01  ? 113 LEU B CA  1 
ATOM   792  C C   . LEU B 1 22 ? -0.890  -11.638 -1.069  1.00 39.46  ? 113 LEU B C   1 
ATOM   793  O O   . LEU B 1 22 ? 0.245   -12.087 -1.220  1.00 38.95  ? 113 LEU B O   1 
ATOM   794  C CB  . LEU B 1 22 ? -1.387  -10.473 1.122   1.00 34.77  ? 113 LEU B CB  1 
ATOM   795  C CG  . LEU B 1 22 ? -1.483  -9.214  2.023   1.00 38.68  ? 113 LEU B CG  1 
ATOM   796  C CD1 . LEU B 1 22 ? -2.174  -9.549  3.332   1.00 39.70  ? 113 LEU B CD1 1 
ATOM   797  C CD2 . LEU B 1 22 ? -0.122  -8.565  2.297   1.00 37.00  ? 113 LEU B CD2 1 
ATOM   798  N N   . GLU B 1 23 ? -2.012  -12.256 -1.516  1.00 36.49  ? 114 GLU B N   1 
ATOM   799  C CA  . GLU B 1 23 ? -2.050  -13.535 -2.243  1.00 35.85  ? 114 GLU B CA  1 
ATOM   800  C C   . GLU B 1 23 ? -1.296  -13.404 -3.544  1.00 41.99  ? 114 GLU B C   1 
ATOM   801  O O   . GLU B 1 23 ? -0.446  -14.238 -3.833  1.00 41.51  ? 114 GLU B O   1 
ATOM   802  C CB  . GLU B 1 23 ? -3.494  -13.966 -2.537  1.00 36.60  ? 114 GLU B CB  1 
ATOM   803  C CG  . GLU B 1 23 ? -4.208  -14.567 -1.342  1.00 45.52  ? 114 GLU B CG  1 
ATOM   804  C CD  . GLU B 1 23 ? -5.722  -14.672 -1.406  1.00 63.76  ? 114 GLU B CD  1 
ATOM   805  O OE1 . GLU B 1 23 ? -6.287  -14.786 -2.519  1.00 47.31  ? 114 GLU B OE1 1 
ATOM   806  O OE2 . GLU B 1 23 ? -6.345  -14.659 -0.321  1.00 59.86  ? 114 GLU B OE2 1 
ATOM   807  N N   . GLN B 1 24 ? -1.591  -12.339 -4.314  1.00 41.07  ? 115 GLN B N   1 
ATOM   808  C CA  . GLN B 1 24 ? -0.964  -12.026 -5.598  1.00 42.20  ? 115 GLN B CA  1 
ATOM   809  C C   . GLN B 1 24 ? 0.552   -11.922 -5.437  1.00 49.56  ? 115 GLN B C   1 
ATOM   810  O O   . GLN B 1 24 ? 1.314   -12.439 -6.266  1.00 49.55  ? 115 GLN B O   1 
ATOM   811  C CB  . GLN B 1 24 ? -1.566  -10.720 -6.175  1.00 43.44  ? 115 GLN B CB  1 
ATOM   812  C CG  . GLN B 1 24 ? -0.820  -10.074 -7.359  1.00 54.78  ? 115 GLN B CG  1 
ATOM   813  C CD  . GLN B 1 24 ? -0.587  -10.962 -8.572  1.00 60.06  ? 115 GLN B CD  1 
ATOM   814  O OE1 . GLN B 1 24 ? -1.107  -12.084 -8.691  1.00 54.06  ? 115 GLN B OE1 1 
ATOM   815  N NE2 . GLN B 1 24 ? 0.210   -10.459 -9.508  1.00 40.80  ? 115 GLN B NE2 1 
ATOM   816  N N   . SER B 1 25 ? 0.975   -11.278 -4.344  1.00 47.28  ? 116 SER B N   1 
ATOM   817  C CA  . SER B 1 25 ? 2.370   -11.075 -4.025  1.00 47.37  ? 116 SER B CA  1 
ATOM   818  C C   . SER B 1 25 ? 3.078   -12.366 -3.660  1.00 52.59  ? 116 SER B C   1 
ATOM   819  O O   . SER B 1 25 ? 4.190   -12.573 -4.138  1.00 53.85  ? 116 SER B O   1 
ATOM   820  C CB  . SER B 1 25 ? 2.517   -10.027 -2.941  1.00 51.34  ? 116 SER B CB  1 
ATOM   821  O OG  . SER B 1 25 ? 2.252   -8.736  -3.465  1.00 62.83  ? 116 SER B OG  1 
ATOM   822  N N   . LEU B 1 26 ? 2.452   -13.247 -2.856  1.00 48.45  ? 117 LEU B N   1 
ATOM   823  C CA  . LEU B 1 26 ? 3.067   -14.533 -2.498  1.00 48.60  ? 117 LEU B CA  1 
ATOM   824  C C   . LEU B 1 26 ? 3.301   -15.406 -3.735  1.00 53.99  ? 117 LEU B C   1 
ATOM   825  O O   . LEU B 1 26 ? 4.290   -16.124 -3.771  1.00 54.00  ? 117 LEU B O   1 
ATOM   826  C CB  . LEU B 1 26 ? 2.263   -15.296 -1.426  1.00 48.65  ? 117 LEU B CB  1 
ATOM   827  C CG  . LEU B 1 26 ? 2.194   -14.667 -0.021  1.00 52.69  ? 117 LEU B CG  1 
ATOM   828  C CD1 . LEU B 1 26 ? 1.241   -15.427 0.865   1.00 51.86  ? 117 LEU B CD1 1 
ATOM   829  C CD2 . LEU B 1 26 ? 3.567   -14.574 0.629   1.00 55.04  ? 117 LEU B CD2 1 
ATOM   830  N N   . GLN B 1 27 ? 2.435   -15.288 -4.772  1.00 51.82  ? 118 GLN B N   1 
ATOM   831  C CA  . GLN B 1 27 ? 2.571   -15.981 -6.062  1.00 51.83  ? 118 GLN B CA  1 
ATOM   832  C C   . GLN B 1 27 ? 3.665   -15.332 -6.940  1.00 57.86  ? 118 GLN B C   1 
ATOM   833  O O   . GLN B 1 27 ? 4.283   -16.026 -7.748  1.00 57.43  ? 118 GLN B O   1 
ATOM   834  C CB  . GLN B 1 27 ? 1.238   -16.013 -6.812  1.00 52.77  ? 118 GLN B CB  1 
ATOM   835  C CG  . GLN B 1 27 ? 0.234   -17.007 -6.227  1.00 69.71  ? 118 GLN B CG  1 
ATOM   836  C CD  . GLN B 1 27 ? -1.199  -16.843 -6.700  1.00 89.58  ? 118 GLN B CD  1 
ATOM   837  O OE1 . GLN B 1 27 ? -2.122  -17.442 -6.138  1.00 81.57  ? 118 GLN B OE1 1 
ATOM   838  N NE2 . GLN B 1 27 ? -1.434  -16.037 -7.735  1.00 86.11  ? 118 GLN B NE2 1 
ATOM   839  N N   . THR B 1 28 ? 3.911   -14.011 -6.775  1.00 56.16  ? 119 THR B N   1 
ATOM   840  C CA  . THR B 1 28 ? 4.939   -13.286 -7.537  1.00 56.73  ? 119 THR B CA  1 
ATOM   841  C C   . THR B 1 28 ? 6.324   -13.191 -6.847  1.00 62.20  ? 119 THR B C   1 
ATOM   842  O O   . THR B 1 28 ? 7.318   -12.908 -7.523  1.00 62.53  ? 119 THR B O   1 
ATOM   843  C CB  . THR B 1 28 ? 4.402   -11.973 -8.147  1.00 63.08  ? 119 THR B CB  1 
ATOM   844  O OG1 . THR B 1 28 ? 5.263   -11.586 -9.224  1.00 63.84  ? 119 THR B OG1 1 
ATOM   845  C CG2 . THR B 1 28 ? 4.305   -10.838 -7.134  1.00 60.72  ? 119 THR B CG2 1 
ATOM   846  N N   . MET B 1 29 ? 6.385   -13.432 -5.519  1.00 58.67  ? 120 MET B N   1 
ATOM   847  C CA  . MET B 1 29 ? 7.630   -13.388 -4.742  1.00 58.20  ? 120 MET B CA  1 
ATOM   848  C C   . MET B 1 29 ? 8.092   -14.794 -4.358  1.00 62.40  ? 120 MET B C   1 
ATOM   849  O O   . MET B 1 29 ? 9.224   -15.165 -4.663  1.00 63.11  ? 120 MET B O   1 
ATOM   850  C CB  . MET B 1 29 ? 7.488   -12.494 -3.497  1.00 60.42  ? 120 MET B CB  1 
ATOM   851  C CG  . MET B 1 29 ? 7.191   -11.048 -3.832  1.00 64.31  ? 120 MET B CG  1 
ATOM   852  S SD  . MET B 1 29 ? 6.875   -10.007 -2.387  1.00 68.71  ? 120 MET B SD  1 
ATOM   853  C CE  . MET B 1 29 ? 5.883   -8.725  -3.138  1.00 65.21  ? 120 MET B CE  1 
ATOM   854  N N   . GLU B 1 30 ? 7.216   -15.578 -3.709  1.00 58.17  ? 121 GLU B N   1 
ATOM   855  C CA  . GLU B 1 30 ? 7.525   -16.935 -3.262  1.00 57.74  ? 121 GLU B CA  1 
ATOM   856  C C   . GLU B 1 30 ? 7.097   -18.013 -4.275  1.00 61.61  ? 121 GLU B C   1 
ATOM   857  O O   . GLU B 1 30 ? 7.084   -19.204 -3.941  1.00 61.97  ? 121 GLU B O   1 
ATOM   858  C CB  . GLU B 1 30 ? 6.934   -17.194 -1.863  1.00 59.29  ? 121 GLU B CB  1 
ATOM   859  C CG  . GLU B 1 30 ? 7.583   -16.392 -0.745  1.00 72.91  ? 121 GLU B CG  1 
ATOM   860  C CD  . GLU B 1 30 ? 9.000   -16.792 -0.380  1.00 102.76 ? 121 GLU B CD  1 
ATOM   861  O OE1 . GLU B 1 30 ? 9.177   -17.860 0.249   1.00 104.51 ? 121 GLU B OE1 1 
ATOM   862  O OE2 . GLU B 1 30 ? 9.933   -16.022 -0.700  1.00 101.57 ? 121 GLU B OE2 1 
ATOM   863  N N   . GLY B 1 31 ? 6.769   -17.579 -5.497  1.00 57.22  ? 122 GLY B N   1 
ATOM   864  C CA  . GLY B 1 31 ? 6.380   -18.416 -6.629  1.00 56.97  ? 122 GLY B CA  1 
ATOM   865  C C   . GLY B 1 31 ? 5.550   -19.659 -6.350  1.00 61.11  ? 122 GLY B C   1 
ATOM   866  O O   . GLY B 1 31 ? 5.811   -20.712 -6.941  1.00 61.01  ? 122 GLY B O   1 
ATOM   867  N N   . VAL B 1 32 ? 4.536   -19.547 -5.461  1.00 56.86  ? 123 VAL B N   1 
ATOM   868  C CA  . VAL B 1 32 ? 3.639   -20.656 -5.103  1.00 56.14  ? 123 VAL B CA  1 
ATOM   869  C C   . VAL B 1 32 ? 2.610   -20.870 -6.231  1.00 60.51  ? 123 VAL B C   1 
ATOM   870  O O   . VAL B 1 32 ? 2.379   -19.945 -7.023  1.00 61.24  ? 123 VAL B O   1 
ATOM   871  C CB  . VAL B 1 32 ? 2.955   -20.463 -3.709  1.00 59.38  ? 123 VAL B CB  1 
ATOM   872  C CG1 . VAL B 1 32 ? 3.926   -19.925 -2.666  1.00 59.11  ? 123 VAL B CG1 1 
ATOM   873  C CG2 . VAL B 1 32 ? 1.727   -19.567 -3.794  1.00 59.03  ? 123 VAL B CG2 1 
ATOM   874  N N   . LEU B 1 33 ? 1.985   -22.070 -6.300  1.00 55.37  ? 124 LEU B N   1 
ATOM   875  C CA  . LEU B 1 33 ? 0.928   -22.355 -7.286  1.00 54.25  ? 124 LEU B CA  1 
ATOM   876  C C   . LEU B 1 33 ? -0.259  -21.409 -6.997  1.00 57.63  ? 124 LEU B C   1 
ATOM   877  O O   . LEU B 1 33 ? -0.632  -20.605 -7.856  1.00 57.42  ? 124 LEU B O   1 
ATOM   878  C CB  . LEU B 1 33 ? 0.454   -23.815 -7.168  1.00 53.85  ? 124 LEU B CB  1 
ATOM   879  C CG  . LEU B 1 33 ? 0.376   -24.638 -8.440  1.00 57.73  ? 124 LEU B CG  1 
ATOM   880  C CD1 . LEU B 1 33 ? 0.154   -26.091 -8.113  1.00 57.35  ? 124 LEU B CD1 1 
ATOM   881  C CD2 . LEU B 1 33 ? -0.715  -24.135 -9.372  1.00 60.00  ? 124 LEU B CD2 1 
ATOM   882  N N   . SER B 1 34 ? -0.808  -21.489 -5.760  1.00 52.79  ? 125 SER B N   1 
ATOM   883  C CA  . SER B 1 34 ? -1.912  -20.673 -5.266  1.00 51.55  ? 125 SER B CA  1 
ATOM   884  C C   . SER B 1 34 ? -1.788  -20.378 -3.773  1.00 51.65  ? 125 SER B C   1 
ATOM   885  O O   . SER B 1 34 ? -1.462  -21.260 -2.975  1.00 51.96  ? 125 SER B O   1 
ATOM   886  C CB  . SER B 1 34 ? -3.250  -21.330 -5.578  1.00 55.95  ? 125 SER B CB  1 
ATOM   887  O OG  . SER B 1 34 ? -3.479  -21.282 -6.976  1.00 69.02  ? 125 SER B OG  1 
ATOM   888  N N   . ALA B 1 35 ? -2.012  -19.124 -3.411  1.00 44.65  ? 126 ALA B N   1 
ATOM   889  C CA  . ALA B 1 35 ? -1.960  -18.677 -2.027  1.00 43.00  ? 126 ALA B CA  1 
ATOM   890  C C   . ALA B 1 35 ? -3.322  -18.154 -1.621  1.00 43.34  ? 126 ALA B C   1 
ATOM   891  O O   . ALA B 1 35 ? -4.009  -17.528 -2.427  1.00 43.38  ? 126 ALA B O   1 
ATOM   892  C CB  . ALA B 1 35 ? -0.911  -17.592 -1.860  1.00 43.53  ? 126 ALA B CB  1 
ATOM   893  N N   . ARG B 1 36 ? -3.723  -18.453 -0.385  1.00 36.28  ? 127 ARG B N   1 
ATOM   894  C CA  . ARG B 1 36 ? -4.992  -18.038 0.193   1.00 34.39  ? 127 ARG B CA  1 
ATOM   895  C C   . ARG B 1 36 ? -4.677  -17.342 1.499   1.00 36.00  ? 127 ARG B C   1 
ATOM   896  O O   . ARG B 1 36 ? -4.073  -17.937 2.396   1.00 33.78  ? 127 ARG B O   1 
ATOM   897  C CB  . ARG B 1 36 ? -5.887  -19.250 0.447   1.00 34.45  ? 127 ARG B CB  1 
ATOM   898  C CG  . ARG B 1 36 ? -6.320  -20.004 -0.805  1.00 37.72  ? 127 ARG B CG  1 
ATOM   899  C CD  . ARG B 1 36 ? -7.221  -21.160 -0.444  1.00 35.92  ? 127 ARG B CD  1 
ATOM   900  N NE  . ARG B 1 36 ? -8.373  -20.712 0.341   1.00 31.56  ? 127 ARG B NE  1 
ATOM   901  C CZ  . ARG B 1 36 ? -9.543  -20.372 -0.179  1.00 39.17  ? 127 ARG B CZ  1 
ATOM   902  N NH1 . ARG B 1 36 ? -9.733  -20.424 -1.498  1.00 17.82  ? 127 ARG B NH1 1 
ATOM   903  N NH2 . ARG B 1 36 ? -10.537 -19.977 0.607   1.00 27.09  ? 127 ARG B NH2 1 
ATOM   904  N N   . VAL B 1 37 ? -5.033  -16.058 1.579   1.00 32.67  ? 128 VAL B N   1 
ATOM   905  C CA  . VAL B 1 37 ? -4.777  -15.218 2.744   1.00 32.25  ? 128 VAL B CA  1 
ATOM   906  C C   . VAL B 1 37 ? -6.113  -14.737 3.282   1.00 37.90  ? 128 VAL B C   1 
ATOM   907  O O   . VAL B 1 37 ? -6.892  -14.119 2.556   1.00 37.63  ? 128 VAL B O   1 
ATOM   908  C CB  . VAL B 1 37 ? -3.791  -14.049 2.418   1.00 35.57  ? 128 VAL B CB  1 
ATOM   909  C CG1 . VAL B 1 37 ? -3.693  -13.044 3.567   1.00 35.12  ? 128 VAL B CG1 1 
ATOM   910  C CG2 . VAL B 1 37 ? -2.402  -14.575 2.052   1.00 35.27  ? 128 VAL B CG2 1 
ATOM   911  N N   . HIS B 1 38 ? -6.391  -15.059 4.535   1.00 35.71  ? 129 HIS B N   1 
ATOM   912  C CA  . HIS B 1 38 ? -7.595  -14.623 5.209   1.00 36.08  ? 129 HIS B CA  1 
ATOM   913  C C   . HIS B 1 38 ? -7.166  -13.802 6.388   1.00 40.11  ? 129 HIS B C   1 
ATOM   914  O O   . HIS B 1 38 ? -6.326  -14.231 7.180   1.00 39.26  ? 129 HIS B O   1 
ATOM   915  C CB  . HIS B 1 38 ? -8.456  -15.810 5.678   1.00 37.84  ? 129 HIS B CB  1 
ATOM   916  C CG  . HIS B 1 38 ? -9.019  -16.658 4.574   1.00 42.46  ? 129 HIS B CG  1 
ATOM   917  N ND1 . HIS B 1 38 ? -9.477  -17.956 4.823   1.00 44.84  ? 129 HIS B ND1 1 
ATOM   918  C CD2 . HIS B 1 38 ? -9.204  -16.369 3.259   1.00 44.65  ? 129 HIS B CD2 1 
ATOM   919  C CE1 . HIS B 1 38 ? -9.882  -18.413 3.647   1.00 44.70  ? 129 HIS B CE1 1 
ATOM   920  N NE2 . HIS B 1 38 ? -9.750  -17.487 2.679   1.00 44.80  ? 129 HIS B NE2 1 
ATOM   921  N N   . ILE B 1 39 ? -7.735  -12.616 6.509   1.00 38.40  ? 130 ILE B N   1 
ATOM   922  C CA  . ILE B 1 39 ? -7.449  -11.752 7.635   1.00 39.05  ? 130 ILE B CA  1 
ATOM   923  C C   . ILE B 1 39 ? -8.617  -11.900 8.581   1.00 44.76  ? 130 ILE B C   1 
ATOM   924  O O   . ILE B 1 39 ? -9.744  -11.616 8.210   1.00 43.70  ? 130 ILE B O   1 
ATOM   925  C CB  . ILE B 1 39 ? -7.175  -10.285 7.187   1.00 42.32  ? 130 ILE B CB  1 
ATOM   926  C CG1 . ILE B 1 39 ? -5.881  -10.213 6.339   1.00 42.95  ? 130 ILE B CG1 1 
ATOM   927  C CG2 . ILE B 1 39 ? -7.103  -9.324  8.391   1.00 42.45  ? 130 ILE B CG2 1 
ATOM   928  C CD1 . ILE B 1 39 ? -5.828  -9.051  5.311   1.00 53.22  ? 130 ILE B CD1 1 
ATOM   929  N N   . SER B 1 40 ? -8.356  -12.405 9.774   1.00 45.13  ? 131 SER B N   1 
ATOM   930  C CA  . SER B 1 40 ? -9.391  -12.559 10.781  1.00 46.80  ? 131 SER B CA  1 
ATOM   931  C C   . SER B 1 40 ? -9.435  -11.299 11.627  1.00 55.03  ? 131 SER B C   1 
ATOM   932  O O   . SER B 1 40 ? -8.529  -11.039 12.425  1.00 54.48  ? 131 SER B O   1 
ATOM   933  C CB  . SER B 1 40 ? -9.149  -13.804 11.633  1.00 50.38  ? 131 SER B CB  1 
ATOM   934  O OG  . SER B 1 40 ? -9.427  -14.979 10.890  1.00 58.05  ? 131 SER B OG  1 
ATOM   935  N N   . TYR B 1 41 ? -10.462 -10.480 11.395  1.00 55.70  ? 132 TYR B N   1 
ATOM   936  C CA  . TYR B 1 41 ? -10.678 -9.244  12.142  1.00 57.41  ? 132 TYR B CA  1 
ATOM   937  C C   . TYR B 1 41 ? -11.931 -9.356  13.017  1.00 65.88  ? 132 TYR B C   1 
ATOM   938  O O   . TYR B 1 41 ? -12.594 -10.399 12.997  1.00 65.96  ? 132 TYR B O   1 
ATOM   939  C CB  . TYR B 1 41 ? -10.698 -8.010  11.212  1.00 58.59  ? 132 TYR B CB  1 
ATOM   940  C CG  . TYR B 1 41 ? -11.797 -7.988  10.170  1.00 60.45  ? 132 TYR B CG  1 
ATOM   941  C CD1 . TYR B 1 41 ? -11.578 -8.477  8.887   1.00 62.84  ? 132 TYR B CD1 1 
ATOM   942  C CD2 . TYR B 1 41 ? -13.028 -7.398  10.442  1.00 60.78  ? 132 TYR B CD2 1 
ATOM   943  C CE1 . TYR B 1 41 ? -12.572 -8.420  7.909   1.00 63.67  ? 132 TYR B CE1 1 
ATOM   944  C CE2 . TYR B 1 41 ? -14.024 -7.323  9.470   1.00 61.46  ? 132 TYR B CE2 1 
ATOM   945  C CZ  . TYR B 1 41 ? -13.796 -7.843  8.206   1.00 68.12  ? 132 TYR B CZ  1 
ATOM   946  O OH  . TYR B 1 41 ? -14.778 -7.773  7.245   1.00 67.04  ? 132 TYR B OH  1 
ATOM   947  N N   . ASP B 1 42 ? -12.233 -8.310  13.814  1.00 65.41  ? 133 ASP B N   1 
ATOM   948  C CA  . ASP B 1 42 ? -13.402 -8.302  14.689  1.00 66.18  ? 133 ASP B CA  1 
ATOM   949  C C   . ASP B 1 42 ? -14.628 -7.767  13.957  1.00 71.46  ? 133 ASP B C   1 
ATOM   950  O O   . ASP B 1 42 ? -14.610 -6.644  13.444  1.00 71.01  ? 133 ASP B O   1 
ATOM   951  C CB  . ASP B 1 42 ? -13.135 -7.523  15.989  1.00 68.19  ? 133 ASP B CB  1 
ATOM   952  C CG  . ASP B 1 42 ? -13.851 -8.065  17.219  1.00 78.64  ? 133 ASP B CG  1 
ATOM   953  O OD1 . ASP B 1 42 ? -14.900 -8.738  17.057  1.00 78.37  ? 133 ASP B OD1 1 
ATOM   954  O OD2 . ASP B 1 42 ? -13.382 -7.793  18.344  1.00 85.38  ? 133 ASP B OD2 1 
ATOM   955  N N   . ILE B 1 43 ? -15.682 -8.602  13.889  1.00 68.70  ? 134 ILE B N   1 
ATOM   956  C CA  . ILE B 1 43 ? -16.963 -8.308  13.242  1.00 68.24  ? 134 ILE B CA  1 
ATOM   957  C C   . ILE B 1 43 ? -17.790 -7.353  14.134  1.00 71.76  ? 134 ILE B C   1 
ATOM   958  O O   . ILE B 1 43 ? -18.437 -6.442  13.609  1.00 71.35  ? 134 ILE B O   1 
ATOM   959  C CB  . ILE B 1 43 ? -17.702 -9.641  12.880  1.00 71.23  ? 134 ILE B CB  1 
ATOM   960  C CG1 . ILE B 1 43 ? -16.872 -10.498 11.879  1.00 71.57  ? 134 ILE B CG1 1 
ATOM   961  C CG2 . ILE B 1 43 ? -19.131 -9.412  12.350  1.00 71.23  ? 134 ILE B CG2 1 
ATOM   962  C CD1 . ILE B 1 43 ? -16.044 -11.669 12.517  1.00 74.91  ? 134 ILE B CD1 1 
ATOM   963  N N   . ASP B 1 44 ? -17.727 -7.550  15.480  1.00 67.78  ? 135 ASP B N   1 
ATOM   964  C CA  . ASP B 1 44 ? -18.419 -6.766  16.519  1.00 67.21  ? 135 ASP B CA  1 
ATOM   965  C C   . ASP B 1 44 ? -19.966 -6.829  16.418  1.00 70.17  ? 135 ASP B C   1 
ATOM   966  O O   . ASP B 1 44 ? -20.504 -7.920  16.213  1.00 69.93  ? 135 ASP B O   1 
ATOM   967  C CB  . ASP B 1 44 ? -17.879 -5.317  16.623  1.00 68.76  ? 135 ASP B CB  1 
ATOM   968  C CG  . ASP B 1 44 ? -16.462 -5.198  17.138  1.00 77.34  ? 135 ASP B CG  1 
ATOM   969  O OD1 . ASP B 1 44 ? -16.235 -5.499  18.328  1.00 78.03  ? 135 ASP B OD1 1 
ATOM   970  O OD2 . ASP B 1 44 ? -15.594 -4.731  16.374  1.00 83.49  ? 135 ASP B OD2 1 
ATOM   971  N N   . ALA B 1 45 ? -20.663 -5.675  16.612  1.00 65.25  ? 136 ALA B N   1 
ATOM   972  C CA  . ALA B 1 45 ? -22.121 -5.522  16.575  1.00 85.11  ? 136 ALA B CA  1 
ATOM   973  C C   . ALA B 1 45 ? -22.495 -4.072  16.279  1.00 123.12 ? 136 ALA B C   1 
ATOM   974  O O   . ALA B 1 45 ? -23.550 -3.804  15.706  1.00 85.84  ? 136 ALA B O   1 
ATOM   975  C CB  . ALA B 1 45 ? -22.741 -5.966  17.893  1.00 85.73  ? 136 ALA B CB  1 
ATOM   976  N N   . PRO B 1 52 ? -10.774 -3.311  18.411  1.00 79.07  ? 137 PRO B N   1 
ATOM   977  C CA  . PRO B 1 52 ? -10.986 -4.684  17.937  1.00 78.78  ? 137 PRO B CA  1 
ATOM   978  C C   . PRO B 1 52 ? -10.022 -5.700  18.551  1.00 81.64  ? 137 PRO B C   1 
ATOM   979  O O   . PRO B 1 52 ? -8.881  -5.345  18.870  1.00 81.32  ? 137 PRO B O   1 
ATOM   980  C CB  . PRO B 1 52 ? -10.808 -4.555  16.425  1.00 80.58  ? 137 PRO B CB  1 
ATOM   981  C CG  . PRO B 1 52 ? -11.273 -3.150  16.120  1.00 85.08  ? 137 PRO B CG  1 
ATOM   982  C CD  . PRO B 1 52 ? -11.174 -2.325  17.390  1.00 80.57  ? 137 PRO B CD  1 
ATOM   983  N N   . LYS B 1 53 ? -10.488 -6.970  18.715  1.00 76.54  ? 138 LYS B N   1 
ATOM   984  C CA  . LYS B 1 53 ? -9.717  -8.095  19.277  1.00 75.13  ? 138 LYS B CA  1 
ATOM   985  C C   . LYS B 1 53 ? -8.481  -8.425  18.413  1.00 75.61  ? 138 LYS B C   1 
ATOM   986  O O   . LYS B 1 53 ? -8.528  -8.166  17.203  1.00 75.22  ? 138 LYS B O   1 
ATOM   987  C CB  . LYS B 1 53 ? -10.610 -9.336  19.451  1.00 77.61  ? 138 LYS B CB  1 
ATOM   988  N N   . PRO B 1 54 ? -7.373  -8.968  19.002  1.00 69.12  ? 139 PRO B N   1 
ATOM   989  C CA  . PRO B 1 54 ? -6.157  -9.245  18.205  1.00 67.17  ? 139 PRO B CA  1 
ATOM   990  C C   . PRO B 1 54 ? -6.353  -9.855  16.817  1.00 64.43  ? 139 PRO B C   1 
ATOM   991  O O   . PRO B 1 54 ? -6.828  -10.979 16.680  1.00 63.52  ? 139 PRO B O   1 
ATOM   992  C CB  . PRO B 1 54 ? -5.325  -10.141 19.124  1.00 69.33  ? 139 PRO B CB  1 
ATOM   993  C CG  . PRO B 1 54 ? -5.696  -9.702  20.484  1.00 74.63  ? 139 PRO B CG  1 
ATOM   994  C CD  . PRO B 1 54 ? -7.152  -9.301  20.427  1.00 70.55  ? 139 PRO B CD  1 
ATOM   995  N N   . VAL B 1 55 ? -6.028  -9.056  15.790  1.00 56.57  ? 140 VAL B N   1 
ATOM   996  C CA  . VAL B 1 55 ? -6.087  -9.394  14.368  1.00 54.49  ? 140 VAL B CA  1 
ATOM   997  C C   . VAL B 1 55 ? -5.188  -10.586 14.084  1.00 54.86  ? 140 VAL B C   1 
ATOM   998  O O   . VAL B 1 55 ? -4.038  -10.634 14.536  1.00 54.30  ? 140 VAL B O   1 
ATOM   999  C CB  . VAL B 1 55 ? -5.762  -8.167  13.450  1.00 58.22  ? 140 VAL B CB  1 
ATOM   1000 C CG1 . VAL B 1 55 ? -4.512  -7.412  13.916  1.00 58.02  ? 140 VAL B CG1 1 
ATOM   1001 C CG2 . VAL B 1 55 ? -5.652  -8.556  11.972  1.00 57.67  ? 140 VAL B CG2 1 
ATOM   1002 N N   . HIS B 1 56 ? -5.736  -11.560 13.366  1.00 49.25  ? 141 HIS B N   1 
ATOM   1003 C CA  . HIS B 1 56 ? -5.010  -12.750 12.959  1.00 47.72  ? 141 HIS B CA  1 
ATOM   1004 C C   . HIS B 1 56 ? -4.963  -12.807 11.448  1.00 44.76  ? 141 HIS B C   1 
ATOM   1005 O O   . HIS B 1 56 ? -5.899  -12.383 10.768  1.00 42.75  ? 141 HIS B O   1 
ATOM   1006 C CB  . HIS B 1 56 ? -5.639  -14.024 13.544  1.00 49.23  ? 141 HIS B CB  1 
ATOM   1007 C CG  . HIS B 1 56 ? -5.369  -14.202 15.010  1.00 53.42  ? 141 HIS B CG  1 
ATOM   1008 N ND1 . HIS B 1 56 ? -6.116  -13.539 15.970  1.00 55.47  ? 141 HIS B ND1 1 
ATOM   1009 C CD2 . HIS B 1 56 ? -4.446  -14.969 15.633  1.00 55.68  ? 141 HIS B CD2 1 
ATOM   1010 C CE1 . HIS B 1 56 ? -5.622  -13.915 17.139  1.00 54.84  ? 141 HIS B CE1 1 
ATOM   1011 N NE2 . HIS B 1 56 ? -4.625  -14.781 16.989  1.00 55.40  ? 141 HIS B NE2 1 
ATOM   1012 N N   . LEU B 1 57 ? -3.847  -13.285 10.930  1.00 38.02  ? 142 LEU B N   1 
ATOM   1013 C CA  . LEU B 1 57 ? -3.658  -13.467 9.505   1.00 36.62  ? 142 LEU B CA  1 
ATOM   1014 C C   . LEU B 1 57 ? -3.297  -14.941 9.290   1.00 37.29  ? 142 LEU B C   1 
ATOM   1015 O O   . LEU B 1 57 ? -2.305  -15.410 9.849   1.00 36.05  ? 142 LEU B O   1 
ATOM   1016 C CB  . LEU B 1 57 ? -2.562  -12.525 8.986   1.00 36.66  ? 142 LEU B CB  1 
ATOM   1017 C CG  . LEU B 1 57 ? -2.526  -12.277 7.487   1.00 40.94  ? 142 LEU B CG  1 
ATOM   1018 C CD1 . LEU B 1 57 ? -1.856  -10.962 7.184   1.00 40.62  ? 142 LEU B CD1 1 
ATOM   1019 C CD2 . LEU B 1 57 ? -1.804  -13.404 6.755   1.00 43.37  ? 142 LEU B CD2 1 
ATOM   1020 N N   . SER B 1 58 ? -4.152  -15.680 8.552   1.00 32.14  ? 143 SER B N   1 
ATOM   1021 C CA  . SER B 1 58 ? -3.952  -17.092 8.239   1.00 31.46  ? 143 SER B CA  1 
ATOM   1022 C C   . SER B 1 58 ? -3.609  -17.213 6.774   1.00 33.94  ? 143 SER B C   1 
ATOM   1023 O O   . SER B 1 58 ? -4.330  -16.680 5.939   1.00 33.99  ? 143 SER B O   1 
ATOM   1024 C CB  . SER B 1 58 ? -5.195  -17.923 8.552   1.00 36.10  ? 143 SER B CB  1 
ATOM   1025 O OG  . SER B 1 58 ? -6.198  -17.208 9.256   1.00 49.92  ? 143 SER B OG  1 
ATOM   1026 N N   . ALA B 1 59 ? -2.501  -17.888 6.463   1.00 29.90  ? 144 ALA B N   1 
ATOM   1027 C CA  . ALA B 1 59 ? -2.036  -18.088 5.102   1.00 30.21  ? 144 ALA B CA  1 
ATOM   1028 C C   . ALA B 1 59 ? -1.866  -19.553 4.797   1.00 39.82  ? 144 ALA B C   1 
ATOM   1029 O O   . ALA B 1 59 ? -1.376  -20.312 5.639   1.00 40.90  ? 144 ALA B O   1 
ATOM   1030 C CB  . ALA B 1 59 ? -0.725  -17.368 4.886   1.00 30.67  ? 144 ALA B CB  1 
ATOM   1031 N N   . LEU B 1 60 ? -2.305  -19.956 3.594   1.00 38.68  ? 145 LEU B N   1 
ATOM   1032 C CA  . LEU B 1 60 ? -2.170  -21.299 3.064   1.00 39.39  ? 145 LEU B CA  1 
ATOM   1033 C C   . LEU B 1 60 ? -1.533  -21.202 1.690   1.00 44.89  ? 145 LEU B C   1 
ATOM   1034 O O   . LEU B 1 60 ? -2.109  -20.621 0.761   1.00 44.03  ? 145 LEU B O   1 
ATOM   1035 C CB  . LEU B 1 60 ? -3.492  -22.083 3.026   1.00 39.91  ? 145 LEU B CB  1 
ATOM   1036 C CG  . LEU B 1 60 ? -3.366  -23.522 2.466   1.00 45.38  ? 145 LEU B CG  1 
ATOM   1037 C CD1 . LEU B 1 60 ? -3.695  -24.576 3.521   1.00 45.44  ? 145 LEU B CD1 1 
ATOM   1038 C CD2 . LEU B 1 60 ? -4.199  -23.703 1.204   1.00 48.13  ? 145 LEU B CD2 1 
ATOM   1039 N N   . ALA B 1 61 ? -0.323  -21.755 1.579   1.00 43.41  ? 146 ALA B N   1 
ATOM   1040 C CA  . ALA B 1 61 ? 0.461   -21.758 0.356   1.00 43.96  ? 146 ALA B CA  1 
ATOM   1041 C C   . ALA B 1 61 ? 0.491   -23.151 -0.293  1.00 49.30  ? 146 ALA B C   1 
ATOM   1042 O O   . ALA B 1 61 ? 0.981   -24.112 0.311   1.00 48.12  ? 146 ALA B O   1 
ATOM   1043 C CB  . ALA B 1 61 ? 1.867   -21.273 0.655   1.00 44.72  ? 146 ALA B CB  1 
ATOM   1044 N N   . VAL B 1 62 ? -0.065  -23.262 -1.515  1.00 47.42  ? 147 VAL B N   1 
ATOM   1045 C CA  . VAL B 1 62 ? -0.058  -24.518 -2.260  1.00 48.02  ? 147 VAL B CA  1 
ATOM   1046 C C   . VAL B 1 62 ? 1.150   -24.485 -3.191  1.00 54.07  ? 147 VAL B C   1 
ATOM   1047 O O   . VAL B 1 62 ? 1.291   -23.546 -3.975  1.00 53.41  ? 147 VAL B O   1 
ATOM   1048 C CB  . VAL B 1 62 ? -1.387  -24.827 -2.999  1.00 52.04  ? 147 VAL B CB  1 
ATOM   1049 C CG1 . VAL B 1 62 ? -1.269  -26.097 -3.842  1.00 51.78  ? 147 VAL B CG1 1 
ATOM   1050 C CG2 . VAL B 1 62 ? -2.541  -24.960 -2.011  1.00 52.01  ? 147 VAL B CG2 1 
ATOM   1051 N N   . TYR B 1 63 ? 2.041   -25.487 -3.055  1.00 52.53  ? 148 TYR B N   1 
ATOM   1052 C CA  . TYR B 1 63 ? 3.282   -25.628 -3.825  1.00 53.01  ? 148 TYR B CA  1 
ATOM   1053 C C   . TYR B 1 63 ? 3.224   -26.789 -4.808  1.00 55.95  ? 148 TYR B C   1 
ATOM   1054 O O   . TYR B 1 63 ? 2.520   -27.776 -4.559  1.00 54.69  ? 148 TYR B O   1 
ATOM   1055 C CB  . TYR B 1 63 ? 4.483   -25.841 -2.875  1.00 54.93  ? 148 TYR B CB  1 
ATOM   1056 C CG  . TYR B 1 63 ? 4.985   -24.569 -2.230  1.00 57.82  ? 148 TYR B CG  1 
ATOM   1057 C CD1 . TYR B 1 63 ? 4.394   -24.070 -1.074  1.00 60.37  ? 148 TYR B CD1 1 
ATOM   1058 C CD2 . TYR B 1 63 ? 6.071   -23.878 -2.760  1.00 58.35  ? 148 TYR B CD2 1 
ATOM   1059 C CE1 . TYR B 1 63 ? 4.845   -22.892 -0.482  1.00 61.76  ? 148 TYR B CE1 1 
ATOM   1060 C CE2 . TYR B 1 63 ? 6.541   -22.707 -2.166  1.00 59.11  ? 148 TYR B CE2 1 
ATOM   1061 C CZ  . TYR B 1 63 ? 5.927   -22.220 -1.023  1.00 65.47  ? 148 TYR B CZ  1 
ATOM   1062 O OH  . TYR B 1 63 ? 6.342   -21.044 -0.446  1.00 62.01  ? 148 TYR B OH  1 
ATOM   1063 N N   . GLU B 1 64 ? 4.006   -26.686 -5.906  1.00 52.65  ? 149 GLU B N   1 
ATOM   1064 C CA  . GLU B 1 64 ? 4.152   -27.751 -6.895  1.00 52.89  ? 149 GLU B CA  1 
ATOM   1065 C C   . GLU B 1 64 ? 4.760   -28.940 -6.159  1.00 57.56  ? 149 GLU B C   1 
ATOM   1066 O O   . GLU B 1 64 ? 5.695   -28.744 -5.385  1.00 56.64  ? 149 GLU B O   1 
ATOM   1067 C CB  . GLU B 1 64 ? 5.073   -27.304 -8.039  1.00 54.21  ? 149 GLU B CB  1 
ATOM   1068 N N   . ARG B 1 65 ? 4.170   -30.145 -6.306  1.00 55.70  ? 150 ARG B N   1 
ATOM   1069 C CA  . ARG B 1 65 ? 4.635   -31.353 -5.611  1.00 56.15  ? 150 ARG B CA  1 
ATOM   1070 C C   . ARG B 1 65 ? 6.146   -31.565 -5.839  1.00 62.34  ? 150 ARG B C   1 
ATOM   1071 O O   . ARG B 1 65 ? 6.593   -31.662 -6.985  1.00 62.46  ? 150 ARG B O   1 
ATOM   1072 C CB  . ARG B 1 65 ? 3.784   -32.578 -6.011  1.00 55.35  ? 150 ARG B CB  1 
ATOM   1073 C CG  . ARG B 1 65 ? 4.143   -33.889 -5.311  1.00 63.22  ? 150 ARG B CG  1 
ATOM   1074 C CD  . ARG B 1 65 ? 3.442   -34.088 -3.981  1.00 69.27  ? 150 ARG B CD  1 
ATOM   1075 N NE  . ARG B 1 65 ? 3.694   -35.428 -3.444  1.00 74.94  ? 150 ARG B NE  1 
ATOM   1076 C CZ  . ARG B 1 65 ? 4.545   -35.698 -2.457  1.00 87.78  ? 150 ARG B CZ  1 
ATOM   1077 N NH1 . ARG B 1 65 ? 5.225   -34.719 -1.869  1.00 72.64  ? 150 ARG B NH1 1 
ATOM   1078 N NH2 . ARG B 1 65 ? 4.711   -36.947 -2.042  1.00 73.47  ? 150 ARG B NH2 1 
ATOM   1079 N N   . GLY B 1 66 ? 6.910   -31.521 -4.744  1.00 59.60  ? 151 GLY B N   1 
ATOM   1080 C CA  . GLY B 1 66 ? 8.363   -31.656 -4.764  1.00 59.81  ? 151 GLY B CA  1 
ATOM   1081 C C   . GLY B 1 66 ? 9.146   -30.352 -4.756  1.00 64.43  ? 151 GLY B C   1 
ATOM   1082 O O   . GLY B 1 66 ? 10.373  -30.382 -4.894  1.00 63.20  ? 151 GLY B O   1 
ATOM   1083 N N   . SER B 1 67 ? 8.446   -29.199 -4.579  1.00 62.49  ? 152 SER B N   1 
ATOM   1084 C CA  . SER B 1 67 ? 9.020   -27.839 -4.534  1.00 63.05  ? 152 SER B CA  1 
ATOM   1085 C C   . SER B 1 67 ? 9.944   -27.650 -3.321  1.00 68.06  ? 152 SER B C   1 
ATOM   1086 O O   . SER B 1 67 ? 9.647   -28.206 -2.258  1.00 67.46  ? 152 SER B O   1 
ATOM   1087 C CB  . SER B 1 67 ? 7.908   -26.793 -4.494  1.00 67.40  ? 152 SER B CB  1 
ATOM   1088 O OG  . SER B 1 67 ? 8.383   -25.473 -4.696  1.00 77.92  ? 152 SER B OG  1 
ATOM   1089 N N   . PRO B 1 68 ? 11.067  -26.889 -3.436  1.00 66.16  ? 153 PRO B N   1 
ATOM   1090 C CA  . PRO B 1 68 ? 11.951  -26.723 -2.271  1.00 66.50  ? 153 PRO B CA  1 
ATOM   1091 C C   . PRO B 1 68 ? 11.305  -25.864 -1.184  1.00 70.40  ? 153 PRO B C   1 
ATOM   1092 O O   . PRO B 1 68 ? 11.365  -24.630 -1.226  1.00 69.75  ? 153 PRO B O   1 
ATOM   1093 C CB  . PRO B 1 68 ? 13.231  -26.103 -2.860  1.00 68.34  ? 153 PRO B CB  1 
ATOM   1094 C CG  . PRO B 1 68 ? 13.060  -26.132 -4.355  1.00 72.67  ? 153 PRO B CG  1 
ATOM   1095 C CD  . PRO B 1 68 ? 11.592  -26.153 -4.604  1.00 68.12  ? 153 PRO B CD  1 
ATOM   1096 N N   . LEU B 1 69 ? 10.664  -26.541 -0.205  1.00 66.80  ? 154 LEU B N   1 
ATOM   1097 C CA  . LEU B 1 69 ? 9.974   -25.900 0.923   1.00 66.19  ? 154 LEU B CA  1 
ATOM   1098 C C   . LEU B 1 69 ? 10.953  -25.252 1.933   1.00 67.96  ? 154 LEU B C   1 
ATOM   1099 O O   . LEU B 1 69 ? 10.540  -24.823 3.018   1.00 66.20  ? 154 LEU B O   1 
ATOM   1100 C CB  . LEU B 1 69 ? 8.979   -26.865 1.619   1.00 66.26  ? 154 LEU B CB  1 
ATOM   1101 C CG  . LEU B 1 69 ? 7.837   -27.493 0.788   1.00 70.85  ? 154 LEU B CG  1 
ATOM   1102 C CD1 . LEU B 1 69 ? 6.765   -28.043 1.697   1.00 71.02  ? 154 LEU B CD1 1 
ATOM   1103 C CD2 . LEU B 1 69 ? 7.198   -26.496 -0.179  1.00 72.71  ? 154 LEU B CD2 1 
ATOM   1104 N N   . ALA B 1 70 ? 12.245  -25.153 1.531   1.00 63.88  ? 155 ALA B N   1 
ATOM   1105 C CA  . ALA B 1 70 ? 13.343  -24.555 2.283   1.00 63.18  ? 155 ALA B CA  1 
ATOM   1106 C C   . ALA B 1 70 ? 13.009  -23.115 2.644   1.00 65.97  ? 155 ALA B C   1 
ATOM   1107 O O   . ALA B 1 70 ? 12.725  -22.309 1.751   1.00 66.00  ? 155 ALA B O   1 
ATOM   1108 C CB  . ALA B 1 70 ? 14.624  -24.600 1.460   1.00 63.85  ? 155 ALA B CB  1 
ATOM   1109 N N   . HIS B 1 71 ? 12.996  -22.818 3.970   1.00 60.44  ? 156 HIS B N   1 
ATOM   1110 C CA  . HIS B 1 71 ? 12.741  -21.515 4.610   1.00 58.68  ? 156 HIS B CA  1 
ATOM   1111 C C   . HIS B 1 71 ? 11.474  -20.737 4.191   1.00 56.52  ? 156 HIS B C   1 
ATOM   1112 O O   . HIS B 1 71 ? 11.385  -19.537 4.467   1.00 56.12  ? 156 HIS B O   1 
ATOM   1113 C CB  . HIS B 1 71 ? 14.009  -20.631 4.607   1.00 59.99  ? 156 HIS B CB  1 
ATOM   1114 C CG  . HIS B 1 71 ? 14.510  -20.274 3.240   1.00 63.76  ? 156 HIS B CG  1 
ATOM   1115 N ND1 . HIS B 1 71 ? 14.028  -19.172 2.560   1.00 65.79  ? 156 HIS B ND1 1 
ATOM   1116 C CD2 . HIS B 1 71 ? 15.438  -20.890 2.470   1.00 65.72  ? 156 HIS B CD2 1 
ATOM   1117 C CE1 . HIS B 1 71 ? 14.668  -19.155 1.403   1.00 65.36  ? 156 HIS B CE1 1 
ATOM   1118 N NE2 . HIS B 1 71 ? 15.516  -20.179 1.298   1.00 65.65  ? 156 HIS B NE2 1 
ATOM   1119 N N   . GLN B 1 72 ? 10.480  -21.426 3.590   1.00 48.86  ? 157 GLN B N   1 
ATOM   1120 C CA  . GLN B 1 72 ? 9.239   -20.815 3.100   1.00 47.49  ? 157 GLN B CA  1 
ATOM   1121 C C   . GLN B 1 72 ? 8.332   -20.191 4.167   1.00 49.30  ? 157 GLN B C   1 
ATOM   1122 O O   . GLN B 1 72 ? 7.915   -19.048 3.966   1.00 49.79  ? 157 GLN B O   1 
ATOM   1123 C CB  . GLN B 1 72 ? 8.447   -21.743 2.153   1.00 48.90  ? 157 GLN B CB  1 
ATOM   1124 C CG  . GLN B 1 72 ? 9.199   -22.243 0.912   1.00 62.62  ? 157 GLN B CG  1 
ATOM   1125 C CD  . GLN B 1 72 ? 9.644   -21.157 -0.040  1.00 81.92  ? 157 GLN B CD  1 
ATOM   1126 O OE1 . GLN B 1 72 ? 8.870   -20.643 -0.852  1.00 75.97  ? 157 GLN B OE1 1 
ATOM   1127 N NE2 . GLN B 1 72 ? 10.925  -20.827 0.000   1.00 76.63  ? 157 GLN B NE2 1 
ATOM   1128 N N   . ILE B 1 73 ? 8.026   -20.917 5.287   1.00 42.87  ? 158 ILE B N   1 
ATOM   1129 C CA  . ILE B 1 73 ? 7.180   -20.418 6.394   1.00 41.61  ? 158 ILE B CA  1 
ATOM   1130 C C   . ILE B 1 73 ? 7.678   -19.061 6.908   1.00 44.81  ? 158 ILE B C   1 
ATOM   1131 O O   . ILE B 1 73 ? 6.884   -18.125 7.015   1.00 44.83  ? 158 ILE B O   1 
ATOM   1132 C CB  . ILE B 1 73 ? 6.973   -21.466 7.548   1.00 44.52  ? 158 ILE B CB  1 
ATOM   1133 C CG1 . ILE B 1 73 ? 6.098   -22.646 7.102   1.00 44.28  ? 158 ILE B CG1 1 
ATOM   1134 C CG2 . ILE B 1 73 ? 6.399   -20.843 8.850   1.00 44.59  ? 158 ILE B CG2 1 
ATOM   1135 C CD1 . ILE B 1 73 ? 6.744   -23.938 7.268   1.00 53.39  ? 158 ILE B CD1 1 
ATOM   1136 N N   . SER B 1 74 ? 8.988   -18.953 7.188   1.00 41.28  ? 159 SER B N   1 
ATOM   1137 C CA  . SER B 1 74 ? 9.637   -17.731 7.679   1.00 41.19  ? 159 SER B CA  1 
ATOM   1138 C C   . SER B 1 74 ? 9.517   -16.559 6.684   1.00 45.14  ? 159 SER B C   1 
ATOM   1139 O O   . SER B 1 74 ? 9.066   -15.477 7.070   1.00 44.04  ? 159 SER B O   1 
ATOM   1140 C CB  . SER B 1 74 ? 11.103  -18.000 8.017   1.00 44.14  ? 159 SER B CB  1 
ATOM   1141 O OG  . SER B 1 74 ? 11.229  -18.767 9.201   1.00 53.25  ? 159 SER B OG  1 
ATOM   1142 N N   . ASP B 1 75 ? 9.900   -16.793 5.409   1.00 42.42  ? 160 ASP B N   1 
ATOM   1143 C CA  . ASP B 1 75 ? 9.853   -15.814 4.320   1.00 42.71  ? 160 ASP B CA  1 
ATOM   1144 C C   . ASP B 1 75 ? 8.461   -15.250 4.085   1.00 46.40  ? 160 ASP B C   1 
ATOM   1145 O O   . ASP B 1 75 ? 8.331   -14.042 3.902   1.00 47.32  ? 160 ASP B O   1 
ATOM   1146 C CB  . ASP B 1 75 ? 10.432  -16.413 3.030   1.00 45.29  ? 160 ASP B CB  1 
ATOM   1147 C CG  . ASP B 1 75 ? 11.936  -16.654 3.055   1.00 59.38  ? 160 ASP B CG  1 
ATOM   1148 O OD1 . ASP B 1 75 ? 12.505  -16.806 4.171   1.00 59.23  ? 160 ASP B OD1 1 
ATOM   1149 O OD2 . ASP B 1 75 ? 12.544  -16.718 1.960   1.00 67.96  ? 160 ASP B OD2 1 
ATOM   1150 N N   . ILE B 1 76 ? 7.424   -16.109 4.123   1.00 42.50  ? 161 ILE B N   1 
ATOM   1151 C CA  . ILE B 1 76 ? 6.012   -15.733 3.973   1.00 42.10  ? 161 ILE B CA  1 
ATOM   1152 C C   . ILE B 1 76 ? 5.525   -14.942 5.212   1.00 46.73  ? 161 ILE B C   1 
ATOM   1153 O O   . ILE B 1 76 ? 4.849   -13.929 5.052   1.00 46.80  ? 161 ILE B O   1 
ATOM   1154 C CB  . ILE B 1 76 ? 5.125   -16.973 3.636   1.00 44.82  ? 161 ILE B CB  1 
ATOM   1155 C CG1 . ILE B 1 76 ? 5.465   -17.544 2.220   1.00 44.06  ? 161 ILE B CG1 1 
ATOM   1156 C CG2 . ILE B 1 76 ? 3.622   -16.645 3.765   1.00 45.90  ? 161 ILE B CG2 1 
ATOM   1157 C CD1 . ILE B 1 76 ? 4.721   -18.842 1.775   1.00 36.83  ? 161 ILE B CD1 1 
ATOM   1158 N N   . LYS B 1 77 ? 5.894   -15.395 6.426   1.00 43.51  ? 162 LYS B N   1 
ATOM   1159 C CA  . LYS B 1 77 ? 5.546   -14.771 7.713   1.00 43.19  ? 162 LYS B CA  1 
ATOM   1160 C C   . LYS B 1 77 ? 6.095   -13.341 7.803   1.00 46.75  ? 162 LYS B C   1 
ATOM   1161 O O   . LYS B 1 77 ? 5.412   -12.437 8.284   1.00 46.66  ? 162 LYS B O   1 
ATOM   1162 C CB  . LYS B 1 77 ? 6.096   -15.627 8.871   1.00 45.18  ? 162 LYS B CB  1 
ATOM   1163 C CG  . LYS B 1 77 ? 5.396   -15.434 10.204  1.00 49.80  ? 162 LYS B CG  1 
ATOM   1164 C CD  . LYS B 1 77 ? 6.024   -16.325 11.268  1.00 49.32  ? 162 LYS B CD  1 
ATOM   1165 C CE  . LYS B 1 77 ? 5.506   -16.053 12.657  1.00 47.49  ? 162 LYS B CE  1 
ATOM   1166 N NZ  . LYS B 1 77 ? 4.143   -16.611 12.878  1.00 52.68  ? 162 LYS B NZ  1 
ATOM   1167 N N   . ARG B 1 78 ? 7.322   -13.143 7.328   1.00 43.16  ? 163 ARG B N   1 
ATOM   1168 C CA  . ARG B 1 78 ? 8.006   -11.854 7.326   1.00 42.59  ? 163 ARG B CA  1 
ATOM   1169 C C   . ARG B 1 78 ? 7.368   -10.895 6.306   1.00 44.41  ? 163 ARG B C   1 
ATOM   1170 O O   . ARG B 1 78 ? 7.066   -9.747  6.660   1.00 44.69  ? 163 ARG B O   1 
ATOM   1171 C CB  . ARG B 1 78 ? 9.496   -12.073 7.035   1.00 43.59  ? 163 ARG B CB  1 
ATOM   1172 C CG  . ARG B 1 78 ? 10.413  -10.989 7.584   1.00 53.93  ? 163 ARG B CG  1 
ATOM   1173 C CD  . ARG B 1 78 ? 11.855  -11.461 7.663   1.00 53.77  ? 163 ARG B CD  1 
ATOM   1174 N NE  . ARG B 1 78 ? 12.356  -11.896 6.359   1.00 53.78  ? 163 ARG B NE  1 
ATOM   1175 C CZ  . ARG B 1 78 ? 12.782  -13.127 6.083   1.00 62.34  ? 163 ARG B CZ  1 
ATOM   1176 N NH1 . ARG B 1 78 ? 12.794  -14.062 7.028   1.00 58.84  ? 163 ARG B NH1 1 
ATOM   1177 N NH2 . ARG B 1 78 ? 13.210  -13.428 4.864   1.00 30.77  ? 163 ARG B NH2 1 
ATOM   1178 N N   . PHE B 1 79 ? 7.137   -11.368 5.053   1.00 37.35  ? 164 PHE B N   1 
ATOM   1179 C CA  . PHE B 1 79 ? 6.521   -10.539 4.022   1.00 35.79  ? 164 PHE B CA  1 
ATOM   1180 C C   . PHE B 1 79 ? 5.151   -10.049 4.461   1.00 38.87  ? 164 PHE B C   1 
ATOM   1181 O O   . PHE B 1 79 ? 4.843   -8.874  4.267   1.00 39.06  ? 164 PHE B O   1 
ATOM   1182 C CB  . PHE B 1 79 ? 6.444   -11.261 2.661   1.00 37.64  ? 164 PHE B CB  1 
ATOM   1183 C CG  . PHE B 1 79 ? 5.512   -10.561 1.701   1.00 39.30  ? 164 PHE B CG  1 
ATOM   1184 C CD1 . PHE B 1 79 ? 5.858   -9.336  1.137   1.00 42.55  ? 164 PHE B CD1 1 
ATOM   1185 C CD2 . PHE B 1 79 ? 4.250   -11.077 1.430   1.00 41.43  ? 164 PHE B CD2 1 
ATOM   1186 C CE1 . PHE B 1 79 ? 4.959   -8.640  0.325   1.00 43.49  ? 164 PHE B CE1 1 
ATOM   1187 C CE2 . PHE B 1 79 ? 3.355   -10.385 0.606   1.00 44.46  ? 164 PHE B CE2 1 
ATOM   1188 C CZ  . PHE B 1 79 ? 3.719   -9.172  0.061   1.00 42.60  ? 164 PHE B CZ  1 
ATOM   1189 N N   . LEU B 1 80 ? 4.326   -10.944 5.044   1.00 34.18  ? 165 LEU B N   1 
ATOM   1190 C CA  . LEU B 1 80 ? 2.987   -10.602 5.528   1.00 33.58  ? 165 LEU B CA  1 
ATOM   1191 C C   . LEU B 1 80 ? 3.008   -9.586  6.674   1.00 36.70  ? 165 LEU B C   1 
ATOM   1192 O O   . LEU B 1 80 ? 2.180   -8.681  6.698   1.00 34.15  ? 165 LEU B O   1 
ATOM   1193 C CB  . LEU B 1 80 ? 2.170   -11.858 5.877   1.00 33.70  ? 165 LEU B CB  1 
ATOM   1194 C CG  . LEU B 1 80 ? 1.800   -12.762 4.692   1.00 37.80  ? 165 LEU B CG  1 
ATOM   1195 C CD1 . LEU B 1 80 ? 1.399   -14.140 5.154   1.00 37.31  ? 165 LEU B CD1 1 
ATOM   1196 C CD2 . LEU B 1 80 ? 0.743   -12.123 3.800   1.00 40.21  ? 165 LEU B CD2 1 
ATOM   1197 N N   . LYS B 1 81 ? 4.000   -9.689  7.579   1.00 35.76  ? 166 LYS B N   1 
ATOM   1198 C CA  . LYS B 1 81 ? 4.159   -8.721  8.672   1.00 35.87  ? 166 LYS B CA  1 
ATOM   1199 C C   . LYS B 1 81 ? 4.578   -7.369  8.084   1.00 40.27  ? 166 LYS B C   1 
ATOM   1200 O O   . LYS B 1 81 ? 4.009   -6.342  8.451   1.00 39.28  ? 166 LYS B O   1 
ATOM   1201 C CB  . LYS B 1 81 ? 5.171   -9.223  9.728   1.00 37.43  ? 166 LYS B CB  1 
ATOM   1202 C CG  . LYS B 1 81 ? 5.579   -8.200  10.794  1.00 38.97  ? 166 LYS B CG  1 
ATOM   1203 C CD  . LYS B 1 81 ? 4.427   -7.706  11.677  1.00 35.47  ? 166 LYS B CD  1 
ATOM   1204 C CE  . LYS B 1 81 ? 4.820   -6.450  12.414  1.00 32.56  ? 166 LYS B CE  1 
ATOM   1205 N NZ  . LYS B 1 81 ? 3.650   -5.787  13.068  1.00 36.95  ? 166 LYS B NZ  1 
ATOM   1206 N N   . ASN B 1 82 ? 5.530   -7.390  7.138   1.00 37.60  ? 167 ASN B N   1 
ATOM   1207 C CA  . ASN B 1 82 ? 6.057   -6.188  6.489   1.00 37.68  ? 167 ASN B CA  1 
ATOM   1208 C C   . ASN B 1 82 ? 5.098   -5.473  5.558   1.00 40.99  ? 167 ASN B C   1 
ATOM   1209 O O   . ASN B 1 82 ? 5.180   -4.251  5.440   1.00 40.47  ? 167 ASN B O   1 
ATOM   1210 C CB  . ASN B 1 82 ? 7.385   -6.480  5.791   1.00 38.96  ? 167 ASN B CB  1 
ATOM   1211 C CG  . ASN B 1 82 ? 8.520   -6.717  6.759   1.00 52.06  ? 167 ASN B CG  1 
ATOM   1212 O OD1 . ASN B 1 82 ? 8.599   -6.084  7.828   1.00 42.89  ? 167 ASN B OD1 1 
ATOM   1213 N ND2 . ASN B 1 82 ? 9.430   -7.624  6.395   1.00 38.48  ? 167 ASN B ND2 1 
ATOM   1214 N N   . SER B 1 83 ? 4.213   -6.218  4.879   1.00 37.35  ? 168 SER B N   1 
ATOM   1215 C CA  . SER B 1 83 ? 3.275   -5.614  3.942   1.00 36.59  ? 168 SER B CA  1 
ATOM   1216 C C   . SER B 1 83 ? 1.958   -5.229  4.584   1.00 38.26  ? 168 SER B C   1 
ATOM   1217 O O   . SER B 1 83 ? 1.444   -4.153  4.294   1.00 38.45  ? 168 SER B O   1 
ATOM   1218 C CB  . SER B 1 83 ? 3.075   -6.499  2.718   1.00 41.26  ? 168 SER B CB  1 
ATOM   1219 O OG  . SER B 1 83 ? 3.417   -5.776  1.546   1.00 53.10  ? 168 SER B OG  1 
ATOM   1220 N N   . PHE B 1 84 ? 1.409   -6.079  5.451   1.00 33.06  ? 169 PHE B N   1 
ATOM   1221 C CA  . PHE B 1 84 ? 0.148   -5.743  6.107   1.00 32.47  ? 169 PHE B CA  1 
ATOM   1222 C C   . PHE B 1 84 ? 0.364   -4.834  7.311   1.00 37.18  ? 169 PHE B C   1 
ATOM   1223 O O   . PHE B 1 84 ? -0.534  -4.078  7.673   1.00 36.23  ? 169 PHE B O   1 
ATOM   1224 C CB  . PHE B 1 84 ? -0.652  -7.000  6.487   1.00 33.77  ? 169 PHE B CB  1 
ATOM   1225 C CG  . PHE B 1 84 ? -2.003  -6.675  7.069   1.00 34.95  ? 169 PHE B CG  1 
ATOM   1226 C CD1 . PHE B 1 84 ? -3.041  -6.242  6.255   1.00 37.32  ? 169 PHE B CD1 1 
ATOM   1227 C CD2 . PHE B 1 84 ? -2.222  -6.738  8.439   1.00 36.50  ? 169 PHE B CD2 1 
ATOM   1228 C CE1 . PHE B 1 84 ? -4.279  -5.910  6.793   1.00 37.95  ? 169 PHE B CE1 1 
ATOM   1229 C CE2 . PHE B 1 84 ? -3.462  -6.403  8.977   1.00 38.67  ? 169 PHE B CE2 1 
ATOM   1230 C CZ  . PHE B 1 84 ? -4.482  -5.994  8.153   1.00 36.67  ? 169 PHE B CZ  1 
ATOM   1231 N N   . ALA B 1 85 ? 1.558   -4.919  7.928   1.00 35.11  ? 170 ALA B N   1 
ATOM   1232 C CA  . ALA B 1 85 ? 2.003   -4.173  9.106   1.00 34.83  ? 170 ALA B CA  1 
ATOM   1233 C C   . ALA B 1 85 ? 1.134   -4.308  10.365  1.00 39.92  ? 170 ALA B C   1 
ATOM   1234 O O   . ALA B 1 85 ? 1.646   -4.738  11.392  1.00 39.42  ? 170 ALA B O   1 
ATOM   1235 C CB  . ALA B 1 85 ? 2.275   -2.714  8.763   1.00 35.09  ? 170 ALA B CB  1 
ATOM   1236 N N   . ASP B 1 86 ? -0.165  -3.961  10.278  1.00 37.85  ? 171 ASP B N   1 
ATOM   1237 C CA  . ASP B 1 86 ? -1.135  -3.926  11.386  1.00 38.12  ? 171 ASP B CA  1 
ATOM   1238 C C   . ASP B 1 86 ? -1.624  -5.303  11.874  1.00 42.14  ? 171 ASP B C   1 
ATOM   1239 O O   . ASP B 1 86 ? -2.821  -5.575  11.877  1.00 42.72  ? 171 ASP B O   1 
ATOM   1240 C CB  . ASP B 1 86 ? -2.306  -2.961  11.072  1.00 39.80  ? 171 ASP B CB  1 
ATOM   1241 C CG  . ASP B 1 86 ? -1.903  -1.715  10.294  1.00 48.93  ? 171 ASP B CG  1 
ATOM   1242 O OD1 . ASP B 1 86 ? -1.017  -0.958  10.781  1.00 46.25  ? 171 ASP B OD1 1 
ATOM   1243 O OD2 . ASP B 1 86 ? -2.468  -1.494  9.201   1.00 59.74  ? 171 ASP B OD2 1 
ATOM   1244 N N   . VAL B 1 87 ? -0.672  -6.149  12.325  1.00 37.28  ? 172 VAL B N   1 
ATOM   1245 C CA  . VAL B 1 87 ? -0.846  -7.513  12.848  1.00 35.72  ? 172 VAL B CA  1 
ATOM   1246 C C   . VAL B 1 87 ? 0.441   -7.880  13.613  1.00 38.98  ? 172 VAL B C   1 
ATOM   1247 O O   . VAL B 1 87 ? 1.509   -7.385  13.240  1.00 39.43  ? 172 VAL B O   1 
ATOM   1248 C CB  . VAL B 1 87 ? -1.190  -8.533  11.706  1.00 38.40  ? 172 VAL B CB  1 
ATOM   1249 C CG1 . VAL B 1 87 ? -0.057  -8.680  10.681  1.00 37.56  ? 172 VAL B CG1 1 
ATOM   1250 C CG2 . VAL B 1 87 ? -1.624  -9.894  12.258  1.00 38.00  ? 172 VAL B CG2 1 
ATOM   1251 N N   . ASP B 1 88 ? 0.357   -8.703  14.683  1.00 34.15  ? 173 ASP B N   1 
ATOM   1252 C CA  . ASP B 1 88 ? 1.583   -9.120  15.383  1.00 33.96  ? 173 ASP B CA  1 
ATOM   1253 C C   . ASP B 1 88 ? 2.217   -10.304 14.647  1.00 37.39  ? 173 ASP B C   1 
ATOM   1254 O O   . ASP B 1 88 ? 1.486   -11.167 14.133  1.00 36.89  ? 173 ASP B O   1 
ATOM   1255 C CB  . ASP B 1 88 ? 1.337   -9.459  16.864  1.00 35.85  ? 173 ASP B CB  1 
ATOM   1256 C CG  . ASP B 1 88 ? 1.209   -8.256  17.772  1.00 48.38  ? 173 ASP B CG  1 
ATOM   1257 O OD1 . ASP B 1 88 ? 2.051   -7.340  17.668  1.00 49.13  ? 173 ASP B OD1 1 
ATOM   1258 O OD2 . ASP B 1 88 ? 0.304   -8.256  18.629  1.00 58.24  ? 173 ASP B OD2 1 
ATOM   1259 N N   . TYR B 1 89 ? 3.569   -10.338 14.586  1.00 32.87  ? 174 TYR B N   1 
ATOM   1260 C CA  . TYR B 1 89 ? 4.323   -11.385 13.892  1.00 31.78  ? 174 TYR B CA  1 
ATOM   1261 C C   . TYR B 1 89 ? 3.861   -12.798 14.234  1.00 35.96  ? 174 TYR B C   1 
ATOM   1262 O O   . TYR B 1 89 ? 3.520   -13.544 13.321  1.00 34.25  ? 174 TYR B O   1 
ATOM   1263 C CB  . TYR B 1 89 ? 5.832   -11.208 14.078  1.00 32.09  ? 174 TYR B CB  1 
ATOM   1264 C CG  . TYR B 1 89 ? 6.694   -12.146 13.254  1.00 33.21  ? 174 TYR B CG  1 
ATOM   1265 C CD1 . TYR B 1 89 ? 6.793   -12.003 11.873  1.00 34.81  ? 174 TYR B CD1 1 
ATOM   1266 C CD2 . TYR B 1 89 ? 7.471   -13.125 13.864  1.00 33.84  ? 174 TYR B CD2 1 
ATOM   1267 C CE1 . TYR B 1 89 ? 7.630   -12.824 11.117  1.00 34.94  ? 174 TYR B CE1 1 
ATOM   1268 C CE2 . TYR B 1 89 ? 8.314   -13.949 13.120  1.00 34.90  ? 174 TYR B CE2 1 
ATOM   1269 C CZ  . TYR B 1 89 ? 8.386   -13.800 11.743  1.00 41.39  ? 174 TYR B CZ  1 
ATOM   1270 O OH  . TYR B 1 89 ? 9.197   -14.637 11.005  1.00 40.46  ? 174 TYR B OH  1 
ATOM   1271 N N   . ASP B 1 90 ? 3.779   -13.127 15.547  1.00 34.82  ? 175 ASP B N   1 
ATOM   1272 C CA  . ASP B 1 90 ? 3.340   -14.432 16.087  1.00 35.09  ? 175 ASP B CA  1 
ATOM   1273 C C   . ASP B 1 90 ? 1.866   -14.760 15.763  1.00 37.89  ? 175 ASP B C   1 
ATOM   1274 O O   . ASP B 1 90 ? 1.492   -15.929 15.786  1.00 37.31  ? 175 ASP B O   1 
ATOM   1275 C CB  . ASP B 1 90 ? 3.604   -14.501 17.611  1.00 37.20  ? 175 ASP B CB  1 
ATOM   1276 C CG  . ASP B 1 90 ? 3.533   -15.886 18.233  1.00 49.89  ? 175 ASP B CG  1 
ATOM   1277 O OD1 . ASP B 1 90 ? 4.380   -16.740 17.880  1.00 53.54  ? 175 ASP B OD1 1 
ATOM   1278 O OD2 . ASP B 1 90 ? 2.682   -16.093 19.127  1.00 50.92  ? 175 ASP B OD2 1 
ATOM   1279 N N   . ASN B 1 91 ? 1.045   -13.735 15.452  1.00 34.47  ? 176 ASN B N   1 
ATOM   1280 C CA  . ASN B 1 91 ? -0.364  -13.920 15.095  1.00 34.35  ? 176 ASN B CA  1 
ATOM   1281 C C   . ASN B 1 91 ? -0.610  -14.181 13.587  1.00 37.82  ? 176 ASN B C   1 
ATOM   1282 O O   . ASN B 1 91 ? -1.758  -14.271 13.146  1.00 37.71  ? 176 ASN B O   1 
ATOM   1283 C CB  . ASN B 1 91 ? -1.243  -12.820 15.691  1.00 33.37  ? 176 ASN B CB  1 
ATOM   1284 C CG  . ASN B 1 91 ? -1.326  -12.869 17.201  1.00 57.30  ? 176 ASN B CG  1 
ATOM   1285 O OD1 . ASN B 1 91 ? -0.732  -13.729 17.867  1.00 52.37  ? 176 ASN B OD1 1 
ATOM   1286 N ND2 . ASN B 1 91 ? -2.070  -11.939 17.782  1.00 50.02  ? 176 ASN B ND2 1 
ATOM   1287 N N   . ILE B 1 92 ? 0.480   -14.359 12.827  1.00 33.65  ? 177 ILE B N   1 
ATOM   1288 C CA  . ILE B 1 92 ? 0.474   -14.740 11.415  1.00 33.99  ? 177 ILE B CA  1 
ATOM   1289 C C   . ILE B 1 92 ? 0.684   -16.267 11.395  1.00 39.81  ? 177 ILE B C   1 
ATOM   1290 O O   . ILE B 1 92 ? 1.578   -16.781 12.075  1.00 40.64  ? 177 ILE B O   1 
ATOM   1291 C CB  . ILE B 1 92 ? 1.545   -13.965 10.588  1.00 36.80  ? 177 ILE B CB  1 
ATOM   1292 C CG1 . ILE B 1 92 ? 1.221   -12.456 10.554  1.00 37.19  ? 177 ILE B CG1 1 
ATOM   1293 C CG2 . ILE B 1 92 ? 1.696   -14.532 9.161   1.00 36.37  ? 177 ILE B CG2 1 
ATOM   1294 C CD1 . ILE B 1 92 ? 2.418   -11.552 10.637  1.00 42.69  ? 177 ILE B CD1 1 
ATOM   1295 N N   . SER B 1 93 ? -0.180  -16.991 10.678  1.00 36.66  ? 178 SER B N   1 
ATOM   1296 C CA  . SER B 1 93 ? -0.120  -18.452 10.591  1.00 36.18  ? 178 SER B CA  1 
ATOM   1297 C C   . SER B 1 93 ? 0.137   -18.847 9.159   1.00 40.21  ? 178 SER B C   1 
ATOM   1298 O O   . SER B 1 93 ? -0.594  -18.423 8.269   1.00 40.67  ? 178 SER B O   1 
ATOM   1299 C CB  . SER B 1 93 ? -1.428  -19.067 11.078  1.00 39.42  ? 178 SER B CB  1 
ATOM   1300 O OG  . SER B 1 93 ? -1.745  -18.645 12.395  1.00 49.56  ? 178 SER B OG  1 
ATOM   1301 N N   . VAL B 1 94 ? 1.216   -19.590 8.922   1.00 36.18  ? 179 VAL B N   1 
ATOM   1302 C CA  . VAL B 1 94 ? 1.573   -20.055 7.582   1.00 35.27  ? 179 VAL B CA  1 
ATOM   1303 C C   . VAL B 1 94 ? 1.471   -21.557 7.580   1.00 39.21  ? 179 VAL B C   1 
ATOM   1304 O O   . VAL B 1 94 ? 2.095   -22.229 8.410   1.00 38.79  ? 179 VAL B O   1 
ATOM   1305 C CB  . VAL B 1 94 ? 2.952   -19.553 7.079   1.00 38.31  ? 179 VAL B CB  1 
ATOM   1306 C CG1 . VAL B 1 94 ? 3.197   -19.977 5.634   1.00 37.68  ? 179 VAL B CG1 1 
ATOM   1307 C CG2 . VAL B 1 94 ? 3.060   -18.040 7.202   1.00 38.16  ? 179 VAL B CG2 1 
ATOM   1308 N N   . VAL B 1 95 ? 0.645   -22.079 6.675   1.00 36.16  ? 180 VAL B N   1 
ATOM   1309 C CA  . VAL B 1 95 ? 0.400   -23.516 6.506   1.00 35.80  ? 180 VAL B CA  1 
ATOM   1310 C C   . VAL B 1 95 ? 0.719   -23.852 5.050   1.00 41.38  ? 180 VAL B C   1 
ATOM   1311 O O   . VAL B 1 95 ? 0.251   -23.158 4.157   1.00 41.57  ? 180 VAL B O   1 
ATOM   1312 C CB  . VAL B 1 95 ? -1.059  -23.873 6.907   1.00 39.03  ? 180 VAL B CB  1 
ATOM   1313 C CG1 . VAL B 1 95 ? -1.471  -25.256 6.406   1.00 39.14  ? 180 VAL B CG1 1 
ATOM   1314 C CG2 . VAL B 1 95 ? -1.251  -23.770 8.416   1.00 38.50  ? 180 VAL B CG2 1 
ATOM   1315 N N   . LEU B 1 96 ? 1.534   -24.879 4.809   1.00 38.94  ? 181 LEU B N   1 
ATOM   1316 C CA  . LEU B 1 96 ? 1.890   -25.261 3.449   1.00 39.68  ? 181 LEU B CA  1 
ATOM   1317 C C   . LEU B 1 96 ? 1.124   -26.501 2.976   1.00 45.85  ? 181 LEU B C   1 
ATOM   1318 O O   . LEU B 1 96 ? 0.710   -27.323 3.800   1.00 45.15  ? 181 LEU B O   1 
ATOM   1319 C CB  . LEU B 1 96 ? 3.412   -25.430 3.315   1.00 40.02  ? 181 LEU B CB  1 
ATOM   1320 C CG  . LEU B 1 96 ? 4.215   -24.162 2.943   1.00 45.05  ? 181 LEU B CG  1 
ATOM   1321 C CD1 . LEU B 1 96 ? 4.161   -23.111 4.031   1.00 45.00  ? 181 LEU B CD1 1 
ATOM   1322 C CD2 . LEU B 1 96 ? 5.668   -24.492 2.681   1.00 47.15  ? 181 LEU B CD2 1 
ATOM   1323 N N   . SER B 1 97 ? 0.895   -26.596 1.647   1.00 43.85  ? 182 SER B N   1 
ATOM   1324 C CA  . SER B 1 97 ? 0.173   -27.684 0.978   1.00 44.25  ? 182 SER B CA  1 
ATOM   1325 C C   . SER B 1 97 ? 0.822   -28.043 -0.368  1.00 49.86  ? 182 SER B C   1 
ATOM   1326 O O   . SER B 1 97 ? 1.541   -27.215 -0.940  1.00 50.45  ? 182 SER B O   1 
ATOM   1327 C CB  . SER B 1 97 ? -1.285  -27.298 0.766   1.00 47.98  ? 182 SER B CB  1 
ATOM   1328 O OG  . SER B 1 97 ? -1.998  -27.291 1.991   1.00 59.27  ? 182 SER B OG  1 
ATOM   1329 N N   . GLU B 1 98 ? 0.573   -29.280 -0.869  1.00 45.92  ? 183 GLU B N   1 
ATOM   1330 C CA  . GLU B 1 98 ? 1.123   -29.759 -2.143  1.00 76.01  ? 183 GLU B CA  1 
ATOM   1331 C C   . GLU B 1 98 ? 0.111   -30.562 -2.954  1.00 94.41  ? 183 GLU B C   1 
ATOM   1332 O O   . GLU B 1 98 ? -0.030  -30.331 -4.155  1.00 51.34  ? 183 GLU B O   1 
ATOM   1333 C CB  . GLU B 1 98 ? 2.422   -30.560 -1.933  1.00 77.37  ? 183 GLU B CB  1 
ATOM   1334 C CG  . GLU B 1 98 ? 3.675   -29.694 -1.952  1.00 87.58  ? 183 GLU B CG  1 
ATOM   1335 C CD  . GLU B 1 98 ? 5.014   -30.400 -2.088  1.00 106.68 ? 183 GLU B CD  1 
ATOM   1336 O OE1 . GLU B 1 98 ? 5.035   -31.647 -2.200  1.00 102.58 ? 183 GLU B OE1 1 
ATOM   1337 O OE2 . GLU B 1 98 ? 6.050   -29.695 -2.103  1.00 96.86  ? 183 GLU B OE2 1 
HETATM 1338 O O   . HOH C 2 .  ? -3.669  11.213  -4.530  1.00 34.43  ? 201 HOH A O   1 
HETATM 1339 O O   . HOH C 2 .  ? 18.622  1.061   -2.406  1.00 42.34  ? 202 HOH A O   1 
HETATM 1340 O O   . HOH C 2 .  ? 3.002   6.672   -18.052 1.00 68.05  ? 203 HOH A O   1 
HETATM 1341 O O   . HOH D 2 .  ? -0.020  0.895   10.544  1.00 33.03  ? 201 HOH B O   1 
HETATM 1342 O O   . HOH D 2 .  ? 9.351   -23.608 5.087   1.00 46.55  ? 202 HOH B O   1 
HETATM 1343 O O   . HOH D 2 .  ? 11.269  -29.225 0.053   1.00 50.18  ? 203 HOH B O   1 
HETATM 1344 O O   . HOH D 2 .  ? 7.619   -1.147  5.727   1.00 41.94  ? 204 HOH B O   1 
# 
loop_
_pdbx_poly_seq_scheme.asym_id 
_pdbx_poly_seq_scheme.entity_id 
_pdbx_poly_seq_scheme.seq_id 
_pdbx_poly_seq_scheme.mon_id 
_pdbx_poly_seq_scheme.ndb_seq_num 
_pdbx_poly_seq_scheme.pdb_seq_num 
_pdbx_poly_seq_scheme.auth_seq_num 
_pdbx_poly_seq_scheme.pdb_mon_id 
_pdbx_poly_seq_scheme.auth_mon_id 
_pdbx_poly_seq_scheme.pdb_strand_id 
_pdbx_poly_seq_scheme.pdb_ins_code 
_pdbx_poly_seq_scheme.hetero 
A 1 1   GLY 1   92  ?   ?   ?   A . n 
A 1 2   SER 2   93  ?   ?   ?   A . n 
A 1 3   HIS 3   94  94  HIS HIS A . n 
A 1 4   MET 4   95  95  MET MET A . n 
A 1 5   SER 5   96  96  SER SER A . n 
A 1 6   SER 6   97  97  SER SER A . n 
A 1 7   PRO 7   98  98  PRO PRO A . n 
A 1 8   ARG 8   99  99  ARG ARG A . n 
A 1 9   ALA 9   100 100 ALA ALA A . n 
A 1 10  GLU 10  101 101 GLU GLU A . n 
A 1 11  LYS 11  102 102 LYS LYS A . n 
A 1 12  ALA 12  103 103 ALA ALA A . n 
A 1 13  ARG 13  104 104 ARG ARG A . n 
A 1 14  LEU 14  105 105 LEU LEU A . n 
A 1 15  TYR 15  106 106 TYR TYR A . n 
A 1 16  SER 16  107 107 SER SER A . n 
A 1 17  ALA 17  108 108 ALA ALA A . n 
A 1 18  ILE 18  109 109 ILE ILE A . n 
A 1 19  GLU 19  110 110 GLU GLU A . n 
A 1 20  GLN 20  111 111 GLN GLN A . n 
A 1 21  ARG 21  112 112 ARG ARG A . n 
A 1 22  LEU 22  113 113 LEU LEU A . n 
A 1 23  GLU 23  114 114 GLU GLU A . n 
A 1 24  GLN 24  115 115 GLN GLN A . n 
A 1 25  SER 25  116 116 SER SER A . n 
A 1 26  LEU 26  117 117 LEU LEU A . n 
A 1 27  GLN 27  118 118 GLN GLN A . n 
A 1 28  THR 28  119 119 THR THR A . n 
A 1 29  MET 29  120 120 MET MET A . n 
A 1 30  GLU 30  121 121 GLU GLU A . n 
A 1 31  GLY 31  122 122 GLY GLY A . n 
A 1 32  VAL 32  123 123 VAL VAL A . n 
A 1 33  LEU 33  124 124 LEU LEU A . n 
A 1 34  SER 34  125 125 SER SER A . n 
A 1 35  ALA 35  126 126 ALA ALA A . n 
A 1 36  ARG 36  127 127 ARG ARG A . n 
A 1 37  VAL 37  128 128 VAL VAL A . n 
A 1 38  HIS 38  129 129 HIS HIS A . n 
A 1 39  ILE 39  130 130 ILE ILE A . n 
A 1 40  SER 40  131 131 SER SER A . n 
A 1 41  TYR 41  132 132 TYR TYR A . n 
A 1 42  ASP 42  132 ?   ?   ?   A A n 
A 1 43  ILE 43  132 ?   ?   ?   A B n 
A 1 44  ASP 44  132 ?   ?   ?   A C n 
A 1 45  ALA 45  132 ?   ?   ?   A D n 
A 1 46  GLY 46  132 ?   ?   ?   A E n 
A 1 47  GLU 47  132 ?   ?   ?   A F n 
A 1 48  ASN 48  132 ?   ?   ?   A G n 
A 1 49  GLY 49  132 ?   ?   ?   A H n 
A 1 50  ARG 50  132 ?   ?   ?   A I n 
A 1 51  PRO 51  132 ?   ?   ?   A J n 
A 1 52  PRO 52  132 ?   ?   ?   A K n 
A 1 53  LYS 53  132 ?   ?   ?   A L n 
A 1 54  PRO 54  132 ?   ?   ?   A M n 
A 1 55  VAL 55  133 133 VAL VAL A . n 
A 1 56  HIS 56  134 134 HIS HIS A . n 
A 1 57  LEU 57  135 135 LEU LEU A . n 
A 1 58  SER 58  136 136 SER SER A . n 
A 1 59  ALA 59  137 137 ALA ALA A . n 
A 1 60  LEU 60  138 138 LEU LEU A . n 
A 1 61  ALA 61  139 139 ALA ALA A . n 
A 1 62  VAL 62  140 140 VAL VAL A . n 
A 1 63  TYR 63  141 141 TYR TYR A . n 
A 1 64  GLU 64  142 142 GLU GLU A . n 
A 1 65  ARG 65  143 143 ARG ARG A . n 
A 1 66  GLY 66  144 144 GLY GLY A . n 
A 1 67  SER 67  145 145 SER SER A . n 
A 1 68  PRO 68  146 146 PRO PRO A . n 
A 1 69  LEU 69  147 147 LEU LEU A . n 
A 1 70  ALA 70  148 148 ALA ALA A . n 
A 1 71  HIS 71  149 149 HIS HIS A . n 
A 1 72  GLN 72  150 150 GLN GLN A . n 
A 1 73  ILE 73  151 151 ILE ILE A . n 
A 1 74  SER 74  152 152 SER SER A . n 
A 1 75  ASP 75  153 153 ASP ASP A . n 
A 1 76  ILE 76  154 154 ILE ILE A . n 
A 1 77  LYS 77  155 155 LYS LYS A . n 
A 1 78  ARG 78  156 156 ARG ARG A . n 
A 1 79  PHE 79  157 157 PHE PHE A . n 
A 1 80  LEU 80  158 158 LEU LEU A . n 
A 1 81  LYS 81  159 159 LYS LYS A . n 
A 1 82  ASN 82  160 160 ASN ASN A . n 
A 1 83  SER 83  161 161 SER SER A . n 
A 1 84  PHE 84  162 162 PHE PHE A . n 
A 1 85  ALA 85  163 163 ALA ALA A . n 
A 1 86  ASP 86  164 164 ASP ASP A . n 
A 1 87  VAL 87  165 165 VAL VAL A . n 
A 1 88  ASP 88  166 166 ASP ASP A . n 
A 1 89  TYR 89  167 167 TYR TYR A . n 
A 1 90  ASP 90  168 168 ASP ASP A . n 
A 1 91  ASN 91  169 169 ASN ASN A . n 
A 1 92  ILE 92  170 170 ILE ILE A . n 
A 1 93  SER 93  171 171 SER SER A . n 
A 1 94  VAL 94  172 172 VAL VAL A . n 
A 1 95  VAL 95  173 173 VAL VAL A . n 
A 1 96  LEU 96  174 174 LEU LEU A . n 
A 1 97  SER 97  175 175 SER SER A . n 
A 1 98  GLU 98  176 176 GLU GLU A . n 
A 1 99  ARG 99  177 ?   ?   ?   A . n 
A 1 100 SER 100 178 ?   ?   ?   A . n 
A 1 101 ASP 101 179 ?   ?   ?   A . n 
A 1 102 ALA 102 180 ?   ?   ?   A . n 
A 1 103 GLN 103 181 ?   ?   ?   A . n 
A 1 104 LEU 104 182 ?   ?   ?   A . n 
A 1 105 GLN 105 183 ?   ?   ?   A . n 
A 1 106 ALA 106 184 ?   ?   ?   A . n 
A 1 107 PRO 107 185 ?   ?   ?   A . n 
A 1 108 GLY 108 186 ?   ?   ?   A . n 
A 1 109 THR 109 187 ?   ?   ?   A . n 
B 1 1   GLY 1   92  ?   ?   ?   B . n 
B 1 2   SER 2   93  ?   ?   ?   B . n 
B 1 3   HIS 3   94  ?   ?   ?   B . n 
B 1 4   MET 4   95  95  MET MET B . n 
B 1 5   SER 5   96  96  SER SER B . n 
B 1 6   SER 6   97  97  SER SER B . n 
B 1 7   PRO 7   98  98  PRO PRO B . n 
B 1 8   ARG 8   99  99  ARG ARG B . n 
B 1 9   ALA 9   100 100 ALA ALA B . n 
B 1 10  GLU 10  101 101 GLU GLU B . n 
B 1 11  LYS 11  102 102 LYS LYS B . n 
B 1 12  ALA 12  103 103 ALA ALA B . n 
B 1 13  ARG 13  104 104 ARG ARG B . n 
B 1 14  LEU 14  105 105 LEU LEU B . n 
B 1 15  TYR 15  106 106 TYR TYR B . n 
B 1 16  SER 16  107 107 SER SER B . n 
B 1 17  ALA 17  108 108 ALA ALA B . n 
B 1 18  ILE 18  109 109 ILE ILE B . n 
B 1 19  GLU 19  110 110 GLU GLU B . n 
B 1 20  GLN 20  111 111 GLN GLN B . n 
B 1 21  ARG 21  112 112 ARG ARG B . n 
B 1 22  LEU 22  113 113 LEU LEU B . n 
B 1 23  GLU 23  114 114 GLU GLU B . n 
B 1 24  GLN 24  115 115 GLN GLN B . n 
B 1 25  SER 25  116 116 SER SER B . n 
B 1 26  LEU 26  117 117 LEU LEU B . n 
B 1 27  GLN 27  118 118 GLN GLN B . n 
B 1 28  THR 28  119 119 THR THR B . n 
B 1 29  MET 29  120 120 MET MET B . n 
B 1 30  GLU 30  121 121 GLU GLU B . n 
B 1 31  GLY 31  122 122 GLY GLY B . n 
B 1 32  VAL 32  123 123 VAL VAL B . n 
B 1 33  LEU 33  124 124 LEU LEU B . n 
B 1 34  SER 34  125 125 SER SER B . n 
B 1 35  ALA 35  126 126 ALA ALA B . n 
B 1 36  ARG 36  127 127 ARG ARG B . n 
B 1 37  VAL 37  128 128 VAL VAL B . n 
B 1 38  HIS 38  129 129 HIS HIS B . n 
B 1 39  ILE 39  130 130 ILE ILE B . n 
B 1 40  SER 40  131 131 SER SER B . n 
B 1 41  TYR 41  132 132 TYR TYR B . n 
B 1 42  ASP 42  133 133 ASP ASP B . n 
B 1 43  ILE 43  134 134 ILE ILE B . n 
B 1 44  ASP 44  135 135 ASP ASP B . n 
B 1 45  ALA 45  136 136 ALA ALA B . n 
B 1 46  GLY 46  136 ?   ?   ?   B A n 
B 1 47  GLU 47  136 ?   ?   ?   B B n 
B 1 48  ASN 48  136 ?   ?   ?   B C n 
B 1 49  GLY 49  136 ?   ?   ?   B D n 
B 1 50  ARG 50  136 ?   ?   ?   B E n 
B 1 51  PRO 51  136 ?   ?   ?   B F n 
B 1 52  PRO 52  137 137 PRO PRO B . n 
B 1 53  LYS 53  138 138 LYS LYS B . n 
B 1 54  PRO 54  139 139 PRO PRO B . n 
B 1 55  VAL 55  140 140 VAL VAL B . n 
B 1 56  HIS 56  141 141 HIS HIS B . n 
B 1 57  LEU 57  142 142 LEU LEU B . n 
B 1 58  SER 58  143 143 SER SER B . n 
B 1 59  ALA 59  144 144 ALA ALA B . n 
B 1 60  LEU 60  145 145 LEU LEU B . n 
B 1 61  ALA 61  146 146 ALA ALA B . n 
B 1 62  VAL 62  147 147 VAL VAL B . n 
B 1 63  TYR 63  148 148 TYR TYR B . n 
B 1 64  GLU 64  149 149 GLU GLU B . n 
B 1 65  ARG 65  150 150 ARG ARG B . n 
B 1 66  GLY 66  151 151 GLY GLY B . n 
B 1 67  SER 67  152 152 SER SER B . n 
B 1 68  PRO 68  153 153 PRO PRO B . n 
B 1 69  LEU 69  154 154 LEU LEU B . n 
B 1 70  ALA 70  155 155 ALA ALA B . n 
B 1 71  HIS 71  156 156 HIS HIS B . n 
B 1 72  GLN 72  157 157 GLN GLN B . n 
B 1 73  ILE 73  158 158 ILE ILE B . n 
B 1 74  SER 74  159 159 SER SER B . n 
B 1 75  ASP 75  160 160 ASP ASP B . n 
B 1 76  ILE 76  161 161 ILE ILE B . n 
B 1 77  LYS 77  162 162 LYS LYS B . n 
B 1 78  ARG 78  163 163 ARG ARG B . n 
B 1 79  PHE 79  164 164 PHE PHE B . n 
B 1 80  LEU 80  165 165 LEU LEU B . n 
B 1 81  LYS 81  166 166 LYS LYS B . n 
B 1 82  ASN 82  167 167 ASN ASN B . n 
B 1 83  SER 83  168 168 SER SER B . n 
B 1 84  PHE 84  169 169 PHE PHE B . n 
B 1 85  ALA 85  170 170 ALA ALA B . n 
B 1 86  ASP 86  171 171 ASP ASP B . n 
B 1 87  VAL 87  172 172 VAL VAL B . n 
B 1 88  ASP 88  173 173 ASP ASP B . n 
B 1 89  TYR 89  174 174 TYR TYR B . n 
B 1 90  ASP 90  175 175 ASP ASP B . n 
B 1 91  ASN 91  176 176 ASN ASN B . n 
B 1 92  ILE 92  177 177 ILE ILE B . n 
B 1 93  SER 93  178 178 SER SER B . n 
B 1 94  VAL 94  179 179 VAL VAL B . n 
B 1 95  VAL 95  180 180 VAL VAL B . n 
B 1 96  LEU 96  181 181 LEU LEU B . n 
B 1 97  SER 97  182 182 SER SER B . n 
B 1 98  GLU 98  183 183 GLU GLU B . n 
B 1 99  ARG 99  184 ?   ?   ?   B . n 
B 1 100 SER 100 185 ?   ?   ?   B . n 
B 1 101 ASP 101 186 ?   ?   ?   B . n 
B 1 102 ALA 102 187 ?   ?   ?   B . n 
B 1 103 GLN 103 188 ?   ?   ?   B . n 
B 1 104 LEU 104 189 ?   ?   ?   B . n 
B 1 105 GLN 105 190 ?   ?   ?   B . n 
B 1 106 ALA 106 191 ?   ?   ?   B . n 
B 1 107 PRO 107 192 ?   ?   ?   B . n 
B 1 108 GLY 108 193 ?   ?   ?   B . n 
B 1 109 THR 109 194 ?   ?   ?   B . n 
# 
loop_
_pdbx_nonpoly_scheme.asym_id 
_pdbx_nonpoly_scheme.entity_id 
_pdbx_nonpoly_scheme.mon_id 
_pdbx_nonpoly_scheme.ndb_seq_num 
_pdbx_nonpoly_scheme.pdb_seq_num 
_pdbx_nonpoly_scheme.auth_seq_num 
_pdbx_nonpoly_scheme.pdb_mon_id 
_pdbx_nonpoly_scheme.auth_mon_id 
_pdbx_nonpoly_scheme.pdb_strand_id 
_pdbx_nonpoly_scheme.pdb_ins_code 
C 2 HOH 1 201 4 HOH HOH A . 
C 2 HOH 2 202 5 HOH HOH A . 
C 2 HOH 3 203 3 HOH HOH A . 
D 2 HOH 1 201 6 HOH HOH B . 
D 2 HOH 2 202 2 HOH HOH B . 
D 2 HOH 3 203 1 HOH HOH B . 
D 2 HOH 4 204 7 HOH HOH B . 
# 
loop_
_pdbx_struct_assembly.id 
_pdbx_struct_assembly.details 
_pdbx_struct_assembly.method_details 
_pdbx_struct_assembly.oligomeric_details 
_pdbx_struct_assembly.oligomeric_count 
1 software_defined_assembly PISA monomeric 1 
2 software_defined_assembly PISA monomeric 1 
# 
loop_
_pdbx_struct_assembly_gen.assembly_id 
_pdbx_struct_assembly_gen.oper_expression 
_pdbx_struct_assembly_gen.asym_id_list 
1 1 A,C 
2 1 B,D 
# 
_pdbx_struct_oper_list.id                   1 
_pdbx_struct_oper_list.type                 'identity operation' 
_pdbx_struct_oper_list.name                 1_555 
_pdbx_struct_oper_list.symmetry_operation   x,y,z 
_pdbx_struct_oper_list.matrix[1][1]         1.0000000000 
_pdbx_struct_oper_list.matrix[1][2]         0.0000000000 
_pdbx_struct_oper_list.matrix[1][3]         0.0000000000 
_pdbx_struct_oper_list.vector[1]            0.0000000000 
_pdbx_struct_oper_list.matrix[2][1]         0.0000000000 
_pdbx_struct_oper_list.matrix[2][2]         1.0000000000 
_pdbx_struct_oper_list.matrix[2][3]         0.0000000000 
_pdbx_struct_oper_list.vector[2]            0.0000000000 
_pdbx_struct_oper_list.matrix[3][1]         0.0000000000 
_pdbx_struct_oper_list.matrix[3][2]         0.0000000000 
_pdbx_struct_oper_list.matrix[3][3]         1.0000000000 
_pdbx_struct_oper_list.vector[3]            0.0000000000 
# 
loop_
_pdbx_audit_revision_history.ordinal 
_pdbx_audit_revision_history.data_content_type 
_pdbx_audit_revision_history.major_revision 
_pdbx_audit_revision_history.minor_revision 
_pdbx_audit_revision_history.revision_date 
1 'Structure model' 1 0 2014-12-03 
2 'Structure model' 1 1 2015-01-14 
3 'Structure model' 1 2 2015-01-21 
4 'Structure model' 1 3 2015-02-04 
5 'Structure model' 1 4 2023-09-27 
# 
_pdbx_audit_revision_details.ordinal             1 
_pdbx_audit_revision_details.revision_ordinal    1 
_pdbx_audit_revision_details.data_content_type   'Structure model' 
_pdbx_audit_revision_details.provider            repository 
_pdbx_audit_revision_details.type                'Initial release' 
_pdbx_audit_revision_details.description         ? 
_pdbx_audit_revision_details.details             ? 
# 
loop_
_pdbx_audit_revision_group.ordinal 
_pdbx_audit_revision_group.revision_ordinal 
_pdbx_audit_revision_group.data_content_type 
_pdbx_audit_revision_group.group 
1 2 'Structure model' 'Database references'    
2 3 'Structure model' 'Database references'    
3 4 'Structure model' 'Derived calculations'   
4 5 'Structure model' 'Data collection'        
5 5 'Structure model' 'Database references'    
6 5 'Structure model' 'Derived calculations'   
7 5 'Structure model' Other                    
8 5 'Structure model' 'Refinement description' 
9 5 'Structure model' 'Source and taxonomy'    
# 
loop_
_pdbx_audit_revision_category.ordinal 
_pdbx_audit_revision_category.revision_ordinal 
_pdbx_audit_revision_category.data_content_type 
_pdbx_audit_revision_category.category 
1 5 'Structure model' chem_comp_atom                
2 5 'Structure model' chem_comp_bond                
3 5 'Structure model' citation                      
4 5 'Structure model' database_2                    
5 5 'Structure model' entity_src_gen                
6 5 'Structure model' pdbx_database_status          
7 5 'Structure model' pdbx_initial_refinement_model 
8 5 'Structure model' pdbx_struct_assembly          
9 5 'Structure model' pdbx_struct_oper_list         
# 
loop_
_pdbx_audit_revision_item.ordinal 
_pdbx_audit_revision_item.revision_ordinal 
_pdbx_audit_revision_item.data_content_type 
_pdbx_audit_revision_item.item 
1 5 'Structure model' '_citation.journal_id_CSD'                    
2 5 'Structure model' '_database_2.pdbx_DOI'                        
3 5 'Structure model' '_database_2.pdbx_database_accession'         
4 5 'Structure model' '_entity_src_gen.pdbx_alt_source_flag'        
5 5 'Structure model' '_pdbx_database_status.pdb_format_compatible' 
6 5 'Structure model' '_pdbx_struct_assembly.oligomeric_details'    
7 5 'Structure model' '_pdbx_struct_oper_list.symmetry_operation'   
# 
loop_
_software.citation_id 
_software.classification 
_software.compiler_name 
_software.compiler_version 
_software.contact_author 
_software.contact_author_email 
_software.date 
_software.description 
_software.dependencies 
_software.hardware 
_software.language 
_software.location 
_software.mods 
_software.name 
_software.os 
_software.os_version 
_software.type 
_software.version 
_software.pdbx_ordinal 
? refinement       ? ? ? ? ? ? ? ? ? ? ? BUSTER ? ? ? 2.10.0 1 
? 'data reduction' ? ? ? ? ? ? ? ? ? ? ? XDS    ? ? ? .      2 
? 'data scaling'   ? ? ? ? ? ? ? ? ? ? ? XDS    ? ? ? .      3 
? phasing          ? ? ? ? ? ? ? ? ? ? ? PHASER ? ? ? .      4 
# 
_pdbx_validate_close_contact.id               1 
_pdbx_validate_close_contact.PDB_model_num    1 
_pdbx_validate_close_contact.auth_atom_id_1   OD1 
_pdbx_validate_close_contact.auth_asym_id_1   B 
_pdbx_validate_close_contact.auth_comp_id_1   ASP 
_pdbx_validate_close_contact.auth_seq_id_1    171 
_pdbx_validate_close_contact.PDB_ins_code_1   ? 
_pdbx_validate_close_contact.label_alt_id_1   ? 
_pdbx_validate_close_contact.auth_atom_id_2   O 
_pdbx_validate_close_contact.auth_asym_id_2   B 
_pdbx_validate_close_contact.auth_comp_id_2   HOH 
_pdbx_validate_close_contact.auth_seq_id_2    201 
_pdbx_validate_close_contact.PDB_ins_code_2   ? 
_pdbx_validate_close_contact.label_alt_id_2   ? 
_pdbx_validate_close_contact.dist             2.12 
# 
loop_
_pdbx_validate_symm_contact.id 
_pdbx_validate_symm_contact.PDB_model_num 
_pdbx_validate_symm_contact.auth_atom_id_1 
_pdbx_validate_symm_contact.auth_asym_id_1 
_pdbx_validate_symm_contact.auth_comp_id_1 
_pdbx_validate_symm_contact.auth_seq_id_1 
_pdbx_validate_symm_contact.PDB_ins_code_1 
_pdbx_validate_symm_contact.label_alt_id_1 
_pdbx_validate_symm_contact.site_symmetry_1 
_pdbx_validate_symm_contact.auth_atom_id_2 
_pdbx_validate_symm_contact.auth_asym_id_2 
_pdbx_validate_symm_contact.auth_comp_id_2 
_pdbx_validate_symm_contact.auth_seq_id_2 
_pdbx_validate_symm_contact.PDB_ins_code_2 
_pdbx_validate_symm_contact.label_alt_id_2 
_pdbx_validate_symm_contact.site_symmetry_2 
_pdbx_validate_symm_contact.dist 
1 1 OE1 A GLU 110 ? ? 1_555 CE1 A HIS 129 ? ? 2_7511 1.87 
2 1 CD2 B HIS 129 ? ? 1_555 NE2 B HIS 129 ? ? 2_7512 1.94 
3 1 CD2 B HIS 129 ? ? 1_555 CD2 B HIS 129 ? ? 2_7512 1.94 
4 1 OE1 B GLU 110 ? ? 1_555 CE1 B HIS 129 ? ? 2_7512 2.03 
5 1 OE2 A GLU 110 ? ? 1_555 NH2 A ARG 127 ? ? 2_7511 2.13 
# 
loop_
_pdbx_validate_torsion.id 
_pdbx_validate_torsion.PDB_model_num 
_pdbx_validate_torsion.auth_comp_id 
_pdbx_validate_torsion.auth_asym_id 
_pdbx_validate_torsion.auth_seq_id 
_pdbx_validate_torsion.PDB_ins_code 
_pdbx_validate_torsion.label_alt_id 
_pdbx_validate_torsion.phi 
_pdbx_validate_torsion.psi 
1 1 ARG A 143 ? ? -51.84 53.66   
2 1 ASP B 135 ? ? 62.05  -138.19 
3 1 PRO B 153 ? ? -69.97 94.83   
4 1 HIS B 156 ? ? 50.87  19.43   
5 1 ALA B 170 ? ? 56.90  -57.77  
# 
loop_
_pdbx_unobs_or_zero_occ_atoms.id 
_pdbx_unobs_or_zero_occ_atoms.PDB_model_num 
_pdbx_unobs_or_zero_occ_atoms.polymer_flag 
_pdbx_unobs_or_zero_occ_atoms.occupancy_flag 
_pdbx_unobs_or_zero_occ_atoms.auth_asym_id 
_pdbx_unobs_or_zero_occ_atoms.auth_comp_id 
_pdbx_unobs_or_zero_occ_atoms.auth_seq_id 
_pdbx_unobs_or_zero_occ_atoms.PDB_ins_code 
_pdbx_unobs_or_zero_occ_atoms.auth_atom_id 
_pdbx_unobs_or_zero_occ_atoms.label_alt_id 
_pdbx_unobs_or_zero_occ_atoms.label_asym_id 
_pdbx_unobs_or_zero_occ_atoms.label_comp_id 
_pdbx_unobs_or_zero_occ_atoms.label_seq_id 
_pdbx_unobs_or_zero_occ_atoms.label_atom_id 
1  1 Y 1 A HIS 94  ? CG  ? A HIS 3  CG  
2  1 Y 1 A HIS 94  ? ND1 ? A HIS 3  ND1 
3  1 Y 1 A HIS 94  ? CD2 ? A HIS 3  CD2 
4  1 Y 1 A HIS 94  ? CE1 ? A HIS 3  CE1 
5  1 Y 1 A HIS 94  ? NE2 ? A HIS 3  NE2 
6  1 Y 1 A ARG 99  ? NE  ? A ARG 8  NE  
7  1 Y 1 A ARG 99  ? CZ  ? A ARG 8  CZ  
8  1 Y 1 A ARG 99  ? NH1 ? A ARG 8  NH1 
9  1 Y 1 A ARG 99  ? NH2 ? A ARG 8  NH2 
10 1 Y 1 A ASP 164 ? CG  ? A ASP 86 CG  
11 1 Y 1 A ASP 164 ? OD1 ? A ASP 86 OD1 
12 1 Y 1 A ASP 164 ? OD2 ? A ASP 86 OD2 
13 1 Y 1 B MET 95  ? CG  ? B MET 4  CG  
14 1 Y 1 B MET 95  ? SD  ? B MET 4  SD  
15 1 Y 1 B MET 95  ? CE  ? B MET 4  CE  
16 1 Y 1 B LYS 138 ? CG  ? B LYS 53 CG  
17 1 Y 1 B LYS 138 ? CD  ? B LYS 53 CD  
18 1 Y 1 B LYS 138 ? CE  ? B LYS 53 CE  
19 1 Y 1 B LYS 138 ? NZ  ? B LYS 53 NZ  
20 1 Y 1 B GLU 149 ? CG  ? B GLU 64 CG  
21 1 Y 1 B GLU 149 ? CD  ? B GLU 64 CD  
22 1 Y 1 B GLU 149 ? OE1 ? B GLU 64 OE1 
23 1 Y 1 B GLU 149 ? OE2 ? B GLU 64 OE2 
# 
loop_
_pdbx_unobs_or_zero_occ_residues.id 
_pdbx_unobs_or_zero_occ_residues.PDB_model_num 
_pdbx_unobs_or_zero_occ_residues.polymer_flag 
_pdbx_unobs_or_zero_occ_residues.occupancy_flag 
_pdbx_unobs_or_zero_occ_residues.auth_asym_id 
_pdbx_unobs_or_zero_occ_residues.auth_comp_id 
_pdbx_unobs_or_zero_occ_residues.auth_seq_id 
_pdbx_unobs_or_zero_occ_residues.PDB_ins_code 
_pdbx_unobs_or_zero_occ_residues.label_asym_id 
_pdbx_unobs_or_zero_occ_residues.label_comp_id 
_pdbx_unobs_or_zero_occ_residues.label_seq_id 
1  1 Y 1 A GLY 92  ? A GLY 1   
2  1 Y 1 A SER 93  ? A SER 2   
3  1 Y 1 A ASP 132 A A ASP 42  
4  1 Y 1 A ILE 132 B A ILE 43  
5  1 Y 1 A ASP 132 C A ASP 44  
6  1 Y 1 A ALA 132 D A ALA 45  
7  1 Y 1 A GLY 132 E A GLY 46  
8  1 Y 1 A GLU 132 F A GLU 47  
9  1 Y 1 A ASN 132 G A ASN 48  
10 1 Y 1 A GLY 132 H A GLY 49  
11 1 Y 1 A ARG 132 I A ARG 50  
12 1 Y 1 A PRO 132 J A PRO 51  
13 1 Y 1 A PRO 132 K A PRO 52  
14 1 Y 1 A LYS 132 L A LYS 53  
15 1 Y 1 A PRO 132 M A PRO 54  
16 1 Y 1 A ARG 177 ? A ARG 99  
17 1 Y 1 A SER 178 ? A SER 100 
18 1 Y 1 A ASP 179 ? A ASP 101 
19 1 Y 1 A ALA 180 ? A ALA 102 
20 1 Y 1 A GLN 181 ? A GLN 103 
21 1 Y 1 A LEU 182 ? A LEU 104 
22 1 Y 1 A GLN 183 ? A GLN 105 
23 1 Y 1 A ALA 184 ? A ALA 106 
24 1 Y 1 A PRO 185 ? A PRO 107 
25 1 Y 1 A GLY 186 ? A GLY 108 
26 1 Y 1 A THR 187 ? A THR 109 
27 1 Y 1 B GLY 92  ? B GLY 1   
28 1 Y 1 B SER 93  ? B SER 2   
29 1 Y 1 B HIS 94  ? B HIS 3   
30 1 Y 1 B GLY 136 A B GLY 46  
31 1 Y 1 B GLU 136 B B GLU 47  
32 1 Y 1 B ASN 136 C B ASN 48  
33 1 Y 1 B GLY 136 D B GLY 49  
34 1 Y 1 B ARG 136 E B ARG 50  
35 1 Y 1 B PRO 136 F B PRO 51  
36 1 Y 1 B ARG 184 ? B ARG 99  
37 1 Y 1 B SER 185 ? B SER 100 
38 1 Y 1 B ASP 186 ? B ASP 101 
39 1 Y 1 B ALA 187 ? B ALA 102 
40 1 Y 1 B GLN 188 ? B GLN 103 
41 1 Y 1 B LEU 189 ? B LEU 104 
42 1 Y 1 B GLN 190 ? B GLN 105 
43 1 Y 1 B ALA 191 ? B ALA 106 
44 1 Y 1 B PRO 192 ? B PRO 107 
45 1 Y 1 B GLY 193 ? B GLY 108 
46 1 Y 1 B THR 194 ? B THR 109 
# 
loop_
_chem_comp_atom.comp_id 
_chem_comp_atom.atom_id 
_chem_comp_atom.type_symbol 
_chem_comp_atom.pdbx_aromatic_flag 
_chem_comp_atom.pdbx_stereo_config 
_chem_comp_atom.pdbx_ordinal 
ALA N    N N N 1   
ALA CA   C N S 2   
ALA C    C N N 3   
ALA O    O N N 4   
ALA CB   C N N 5   
ALA OXT  O N N 6   
ALA H    H N N 7   
ALA H2   H N N 8   
ALA HA   H N N 9   
ALA HB1  H N N 10  
ALA HB2  H N N 11  
ALA HB3  H N N 12  
ALA HXT  H N N 13  
ARG N    N N N 14  
ARG CA   C N S 15  
ARG C    C N N 16  
ARG O    O N N 17  
ARG CB   C N N 18  
ARG CG   C N N 19  
ARG CD   C N N 20  
ARG NE   N N N 21  
ARG CZ   C N N 22  
ARG NH1  N N N 23  
ARG NH2  N N N 24  
ARG OXT  O N N 25  
ARG H    H N N 26  
ARG H2   H N N 27  
ARG HA   H N N 28  
ARG HB2  H N N 29  
ARG HB3  H N N 30  
ARG HG2  H N N 31  
ARG HG3  H N N 32  
ARG HD2  H N N 33  
ARG HD3  H N N 34  
ARG HE   H N N 35  
ARG HH11 H N N 36  
ARG HH12 H N N 37  
ARG HH21 H N N 38  
ARG HH22 H N N 39  
ARG HXT  H N N 40  
ASN N    N N N 41  
ASN CA   C N S 42  
ASN C    C N N 43  
ASN O    O N N 44  
ASN CB   C N N 45  
ASN CG   C N N 46  
ASN OD1  O N N 47  
ASN ND2  N N N 48  
ASN OXT  O N N 49  
ASN H    H N N 50  
ASN H2   H N N 51  
ASN HA   H N N 52  
ASN HB2  H N N 53  
ASN HB3  H N N 54  
ASN HD21 H N N 55  
ASN HD22 H N N 56  
ASN HXT  H N N 57  
ASP N    N N N 58  
ASP CA   C N S 59  
ASP C    C N N 60  
ASP O    O N N 61  
ASP CB   C N N 62  
ASP CG   C N N 63  
ASP OD1  O N N 64  
ASP OD2  O N N 65  
ASP OXT  O N N 66  
ASP H    H N N 67  
ASP H2   H N N 68  
ASP HA   H N N 69  
ASP HB2  H N N 70  
ASP HB3  H N N 71  
ASP HD2  H N N 72  
ASP HXT  H N N 73  
GLN N    N N N 74  
GLN CA   C N S 75  
GLN C    C N N 76  
GLN O    O N N 77  
GLN CB   C N N 78  
GLN CG   C N N 79  
GLN CD   C N N 80  
GLN OE1  O N N 81  
GLN NE2  N N N 82  
GLN OXT  O N N 83  
GLN H    H N N 84  
GLN H2   H N N 85  
GLN HA   H N N 86  
GLN HB2  H N N 87  
GLN HB3  H N N 88  
GLN HG2  H N N 89  
GLN HG3  H N N 90  
GLN HE21 H N N 91  
GLN HE22 H N N 92  
GLN HXT  H N N 93  
GLU N    N N N 94  
GLU CA   C N S 95  
GLU C    C N N 96  
GLU O    O N N 97  
GLU CB   C N N 98  
GLU CG   C N N 99  
GLU CD   C N N 100 
GLU OE1  O N N 101 
GLU OE2  O N N 102 
GLU OXT  O N N 103 
GLU H    H N N 104 
GLU H2   H N N 105 
GLU HA   H N N 106 
GLU HB2  H N N 107 
GLU HB3  H N N 108 
GLU HG2  H N N 109 
GLU HG3  H N N 110 
GLU HE2  H N N 111 
GLU HXT  H N N 112 
GLY N    N N N 113 
GLY CA   C N N 114 
GLY C    C N N 115 
GLY O    O N N 116 
GLY OXT  O N N 117 
GLY H    H N N 118 
GLY H2   H N N 119 
GLY HA2  H N N 120 
GLY HA3  H N N 121 
GLY HXT  H N N 122 
HIS N    N N N 123 
HIS CA   C N S 124 
HIS C    C N N 125 
HIS O    O N N 126 
HIS CB   C N N 127 
HIS CG   C Y N 128 
HIS ND1  N Y N 129 
HIS CD2  C Y N 130 
HIS CE1  C Y N 131 
HIS NE2  N Y N 132 
HIS OXT  O N N 133 
HIS H    H N N 134 
HIS H2   H N N 135 
HIS HA   H N N 136 
HIS HB2  H N N 137 
HIS HB3  H N N 138 
HIS HD1  H N N 139 
HIS HD2  H N N 140 
HIS HE1  H N N 141 
HIS HE2  H N N 142 
HIS HXT  H N N 143 
HOH O    O N N 144 
HOH H1   H N N 145 
HOH H2   H N N 146 
ILE N    N N N 147 
ILE CA   C N S 148 
ILE C    C N N 149 
ILE O    O N N 150 
ILE CB   C N S 151 
ILE CG1  C N N 152 
ILE CG2  C N N 153 
ILE CD1  C N N 154 
ILE OXT  O N N 155 
ILE H    H N N 156 
ILE H2   H N N 157 
ILE HA   H N N 158 
ILE HB   H N N 159 
ILE HG12 H N N 160 
ILE HG13 H N N 161 
ILE HG21 H N N 162 
ILE HG22 H N N 163 
ILE HG23 H N N 164 
ILE HD11 H N N 165 
ILE HD12 H N N 166 
ILE HD13 H N N 167 
ILE HXT  H N N 168 
LEU N    N N N 169 
LEU CA   C N S 170 
LEU C    C N N 171 
LEU O    O N N 172 
LEU CB   C N N 173 
LEU CG   C N N 174 
LEU CD1  C N N 175 
LEU CD2  C N N 176 
LEU OXT  O N N 177 
LEU H    H N N 178 
LEU H2   H N N 179 
LEU HA   H N N 180 
LEU HB2  H N N 181 
LEU HB3  H N N 182 
LEU HG   H N N 183 
LEU HD11 H N N 184 
LEU HD12 H N N 185 
LEU HD13 H N N 186 
LEU HD21 H N N 187 
LEU HD22 H N N 188 
LEU HD23 H N N 189 
LEU HXT  H N N 190 
LYS N    N N N 191 
LYS CA   C N S 192 
LYS C    C N N 193 
LYS O    O N N 194 
LYS CB   C N N 195 
LYS CG   C N N 196 
LYS CD   C N N 197 
LYS CE   C N N 198 
LYS NZ   N N N 199 
LYS OXT  O N N 200 
LYS H    H N N 201 
LYS H2   H N N 202 
LYS HA   H N N 203 
LYS HB2  H N N 204 
LYS HB3  H N N 205 
LYS HG2  H N N 206 
LYS HG3  H N N 207 
LYS HD2  H N N 208 
LYS HD3  H N N 209 
LYS HE2  H N N 210 
LYS HE3  H N N 211 
LYS HZ1  H N N 212 
LYS HZ2  H N N 213 
LYS HZ3  H N N 214 
LYS HXT  H N N 215 
MET N    N N N 216 
MET CA   C N S 217 
MET C    C N N 218 
MET O    O N N 219 
MET CB   C N N 220 
MET CG   C N N 221 
MET SD   S N N 222 
MET CE   C N N 223 
MET OXT  O N N 224 
MET H    H N N 225 
MET H2   H N N 226 
MET HA   H N N 227 
MET HB2  H N N 228 
MET HB3  H N N 229 
MET HG2  H N N 230 
MET HG3  H N N 231 
MET HE1  H N N 232 
MET HE2  H N N 233 
MET HE3  H N N 234 
MET HXT  H N N 235 
PHE N    N N N 236 
PHE CA   C N S 237 
PHE C    C N N 238 
PHE O    O N N 239 
PHE CB   C N N 240 
PHE CG   C Y N 241 
PHE CD1  C Y N 242 
PHE CD2  C Y N 243 
PHE CE1  C Y N 244 
PHE CE2  C Y N 245 
PHE CZ   C Y N 246 
PHE OXT  O N N 247 
PHE H    H N N 248 
PHE H2   H N N 249 
PHE HA   H N N 250 
PHE HB2  H N N 251 
PHE HB3  H N N 252 
PHE HD1  H N N 253 
PHE HD2  H N N 254 
PHE HE1  H N N 255 
PHE HE2  H N N 256 
PHE HZ   H N N 257 
PHE HXT  H N N 258 
PRO N    N N N 259 
PRO CA   C N S 260 
PRO C    C N N 261 
PRO O    O N N 262 
PRO CB   C N N 263 
PRO CG   C N N 264 
PRO CD   C N N 265 
PRO OXT  O N N 266 
PRO H    H N N 267 
PRO HA   H N N 268 
PRO HB2  H N N 269 
PRO HB3  H N N 270 
PRO HG2  H N N 271 
PRO HG3  H N N 272 
PRO HD2  H N N 273 
PRO HD3  H N N 274 
PRO HXT  H N N 275 
SER N    N N N 276 
SER CA   C N S 277 
SER C    C N N 278 
SER O    O N N 279 
SER CB   C N N 280 
SER OG   O N N 281 
SER OXT  O N N 282 
SER H    H N N 283 
SER H2   H N N 284 
SER HA   H N N 285 
SER HB2  H N N 286 
SER HB3  H N N 287 
SER HG   H N N 288 
SER HXT  H N N 289 
THR N    N N N 290 
THR CA   C N S 291 
THR C    C N N 292 
THR O    O N N 293 
THR CB   C N R 294 
THR OG1  O N N 295 
THR CG2  C N N 296 
THR OXT  O N N 297 
THR H    H N N 298 
THR H2   H N N 299 
THR HA   H N N 300 
THR HB   H N N 301 
THR HG1  H N N 302 
THR HG21 H N N 303 
THR HG22 H N N 304 
THR HG23 H N N 305 
THR HXT  H N N 306 
TYR N    N N N 307 
TYR CA   C N S 308 
TYR C    C N N 309 
TYR O    O N N 310 
TYR CB   C N N 311 
TYR CG   C Y N 312 
TYR CD1  C Y N 313 
TYR CD2  C Y N 314 
TYR CE1  C Y N 315 
TYR CE2  C Y N 316 
TYR CZ   C Y N 317 
TYR OH   O N N 318 
TYR OXT  O N N 319 
TYR H    H N N 320 
TYR H2   H N N 321 
TYR HA   H N N 322 
TYR HB2  H N N 323 
TYR HB3  H N N 324 
TYR HD1  H N N 325 
TYR HD2  H N N 326 
TYR HE1  H N N 327 
TYR HE2  H N N 328 
TYR HH   H N N 329 
TYR HXT  H N N 330 
VAL N    N N N 331 
VAL CA   C N S 332 
VAL C    C N N 333 
VAL O    O N N 334 
VAL CB   C N N 335 
VAL CG1  C N N 336 
VAL CG2  C N N 337 
VAL OXT  O N N 338 
VAL H    H N N 339 
VAL H2   H N N 340 
VAL HA   H N N 341 
VAL HB   H N N 342 
VAL HG11 H N N 343 
VAL HG12 H N N 344 
VAL HG13 H N N 345 
VAL HG21 H N N 346 
VAL HG22 H N N 347 
VAL HG23 H N N 348 
VAL HXT  H N N 349 
# 
loop_
_chem_comp_bond.comp_id 
_chem_comp_bond.atom_id_1 
_chem_comp_bond.atom_id_2 
_chem_comp_bond.value_order 
_chem_comp_bond.pdbx_aromatic_flag 
_chem_comp_bond.pdbx_stereo_config 
_chem_comp_bond.pdbx_ordinal 
ALA N   CA   sing N N 1   
ALA N   H    sing N N 2   
ALA N   H2   sing N N 3   
ALA CA  C    sing N N 4   
ALA CA  CB   sing N N 5   
ALA CA  HA   sing N N 6   
ALA C   O    doub N N 7   
ALA C   OXT  sing N N 8   
ALA CB  HB1  sing N N 9   
ALA CB  HB2  sing N N 10  
ALA CB  HB3  sing N N 11  
ALA OXT HXT  sing N N 12  
ARG N   CA   sing N N 13  
ARG N   H    sing N N 14  
ARG N   H2   sing N N 15  
ARG CA  C    sing N N 16  
ARG CA  CB   sing N N 17  
ARG CA  HA   sing N N 18  
ARG C   O    doub N N 19  
ARG C   OXT  sing N N 20  
ARG CB  CG   sing N N 21  
ARG CB  HB2  sing N N 22  
ARG CB  HB3  sing N N 23  
ARG CG  CD   sing N N 24  
ARG CG  HG2  sing N N 25  
ARG CG  HG3  sing N N 26  
ARG CD  NE   sing N N 27  
ARG CD  HD2  sing N N 28  
ARG CD  HD3  sing N N 29  
ARG NE  CZ   sing N N 30  
ARG NE  HE   sing N N 31  
ARG CZ  NH1  sing N N 32  
ARG CZ  NH2  doub N N 33  
ARG NH1 HH11 sing N N 34  
ARG NH1 HH12 sing N N 35  
ARG NH2 HH21 sing N N 36  
ARG NH2 HH22 sing N N 37  
ARG OXT HXT  sing N N 38  
ASN N   CA   sing N N 39  
ASN N   H    sing N N 40  
ASN N   H2   sing N N 41  
ASN CA  C    sing N N 42  
ASN CA  CB   sing N N 43  
ASN CA  HA   sing N N 44  
ASN C   O    doub N N 45  
ASN C   OXT  sing N N 46  
ASN CB  CG   sing N N 47  
ASN CB  HB2  sing N N 48  
ASN CB  HB3  sing N N 49  
ASN CG  OD1  doub N N 50  
ASN CG  ND2  sing N N 51  
ASN ND2 HD21 sing N N 52  
ASN ND2 HD22 sing N N 53  
ASN OXT HXT  sing N N 54  
ASP N   CA   sing N N 55  
ASP N   H    sing N N 56  
ASP N   H2   sing N N 57  
ASP CA  C    sing N N 58  
ASP CA  CB   sing N N 59  
ASP CA  HA   sing N N 60  
ASP C   O    doub N N 61  
ASP C   OXT  sing N N 62  
ASP CB  CG   sing N N 63  
ASP CB  HB2  sing N N 64  
ASP CB  HB3  sing N N 65  
ASP CG  OD1  doub N N 66  
ASP CG  OD2  sing N N 67  
ASP OD2 HD2  sing N N 68  
ASP OXT HXT  sing N N 69  
GLN N   CA   sing N N 70  
GLN N   H    sing N N 71  
GLN N   H2   sing N N 72  
GLN CA  C    sing N N 73  
GLN CA  CB   sing N N 74  
GLN CA  HA   sing N N 75  
GLN C   O    doub N N 76  
GLN C   OXT  sing N N 77  
GLN CB  CG   sing N N 78  
GLN CB  HB2  sing N N 79  
GLN CB  HB3  sing N N 80  
GLN CG  CD   sing N N 81  
GLN CG  HG2  sing N N 82  
GLN CG  HG3  sing N N 83  
GLN CD  OE1  doub N N 84  
GLN CD  NE2  sing N N 85  
GLN NE2 HE21 sing N N 86  
GLN NE2 HE22 sing N N 87  
GLN OXT HXT  sing N N 88  
GLU N   CA   sing N N 89  
GLU N   H    sing N N 90  
GLU N   H2   sing N N 91  
GLU CA  C    sing N N 92  
GLU CA  CB   sing N N 93  
GLU CA  HA   sing N N 94  
GLU C   O    doub N N 95  
GLU C   OXT  sing N N 96  
GLU CB  CG   sing N N 97  
GLU CB  HB2  sing N N 98  
GLU CB  HB3  sing N N 99  
GLU CG  CD   sing N N 100 
GLU CG  HG2  sing N N 101 
GLU CG  HG3  sing N N 102 
GLU CD  OE1  doub N N 103 
GLU CD  OE2  sing N N 104 
GLU OE2 HE2  sing N N 105 
GLU OXT HXT  sing N N 106 
GLY N   CA   sing N N 107 
GLY N   H    sing N N 108 
GLY N   H2   sing N N 109 
GLY CA  C    sing N N 110 
GLY CA  HA2  sing N N 111 
GLY CA  HA3  sing N N 112 
GLY C   O    doub N N 113 
GLY C   OXT  sing N N 114 
GLY OXT HXT  sing N N 115 
HIS N   CA   sing N N 116 
HIS N   H    sing N N 117 
HIS N   H2   sing N N 118 
HIS CA  C    sing N N 119 
HIS CA  CB   sing N N 120 
HIS CA  HA   sing N N 121 
HIS C   O    doub N N 122 
HIS C   OXT  sing N N 123 
HIS CB  CG   sing N N 124 
HIS CB  HB2  sing N N 125 
HIS CB  HB3  sing N N 126 
HIS CG  ND1  sing Y N 127 
HIS CG  CD2  doub Y N 128 
HIS ND1 CE1  doub Y N 129 
HIS ND1 HD1  sing N N 130 
HIS CD2 NE2  sing Y N 131 
HIS CD2 HD2  sing N N 132 
HIS CE1 NE2  sing Y N 133 
HIS CE1 HE1  sing N N 134 
HIS NE2 HE2  sing N N 135 
HIS OXT HXT  sing N N 136 
HOH O   H1   sing N N 137 
HOH O   H2   sing N N 138 
ILE N   CA   sing N N 139 
ILE N   H    sing N N 140 
ILE N   H2   sing N N 141 
ILE CA  C    sing N N 142 
ILE CA  CB   sing N N 143 
ILE CA  HA   sing N N 144 
ILE C   O    doub N N 145 
ILE C   OXT  sing N N 146 
ILE CB  CG1  sing N N 147 
ILE CB  CG2  sing N N 148 
ILE CB  HB   sing N N 149 
ILE CG1 CD1  sing N N 150 
ILE CG1 HG12 sing N N 151 
ILE CG1 HG13 sing N N 152 
ILE CG2 HG21 sing N N 153 
ILE CG2 HG22 sing N N 154 
ILE CG2 HG23 sing N N 155 
ILE CD1 HD11 sing N N 156 
ILE CD1 HD12 sing N N 157 
ILE CD1 HD13 sing N N 158 
ILE OXT HXT  sing N N 159 
LEU N   CA   sing N N 160 
LEU N   H    sing N N 161 
LEU N   H2   sing N N 162 
LEU CA  C    sing N N 163 
LEU CA  CB   sing N N 164 
LEU CA  HA   sing N N 165 
LEU C   O    doub N N 166 
LEU C   OXT  sing N N 167 
LEU CB  CG   sing N N 168 
LEU CB  HB2  sing N N 169 
LEU CB  HB3  sing N N 170 
LEU CG  CD1  sing N N 171 
LEU CG  CD2  sing N N 172 
LEU CG  HG   sing N N 173 
LEU CD1 HD11 sing N N 174 
LEU CD1 HD12 sing N N 175 
LEU CD1 HD13 sing N N 176 
LEU CD2 HD21 sing N N 177 
LEU CD2 HD22 sing N N 178 
LEU CD2 HD23 sing N N 179 
LEU OXT HXT  sing N N 180 
LYS N   CA   sing N N 181 
LYS N   H    sing N N 182 
LYS N   H2   sing N N 183 
LYS CA  C    sing N N 184 
LYS CA  CB   sing N N 185 
LYS CA  HA   sing N N 186 
LYS C   O    doub N N 187 
LYS C   OXT  sing N N 188 
LYS CB  CG   sing N N 189 
LYS CB  HB2  sing N N 190 
LYS CB  HB3  sing N N 191 
LYS CG  CD   sing N N 192 
LYS CG  HG2  sing N N 193 
LYS CG  HG3  sing N N 194 
LYS CD  CE   sing N N 195 
LYS CD  HD2  sing N N 196 
LYS CD  HD3  sing N N 197 
LYS CE  NZ   sing N N 198 
LYS CE  HE2  sing N N 199 
LYS CE  HE3  sing N N 200 
LYS NZ  HZ1  sing N N 201 
LYS NZ  HZ2  sing N N 202 
LYS NZ  HZ3  sing N N 203 
LYS OXT HXT  sing N N 204 
MET N   CA   sing N N 205 
MET N   H    sing N N 206 
MET N   H2   sing N N 207 
MET CA  C    sing N N 208 
MET CA  CB   sing N N 209 
MET CA  HA   sing N N 210 
MET C   O    doub N N 211 
MET C   OXT  sing N N 212 
MET CB  CG   sing N N 213 
MET CB  HB2  sing N N 214 
MET CB  HB3  sing N N 215 
MET CG  SD   sing N N 216 
MET CG  HG2  sing N N 217 
MET CG  HG3  sing N N 218 
MET SD  CE   sing N N 219 
MET CE  HE1  sing N N 220 
MET CE  HE2  sing N N 221 
MET CE  HE3  sing N N 222 
MET OXT HXT  sing N N 223 
PHE N   CA   sing N N 224 
PHE N   H    sing N N 225 
PHE N   H2   sing N N 226 
PHE CA  C    sing N N 227 
PHE CA  CB   sing N N 228 
PHE CA  HA   sing N N 229 
PHE C   O    doub N N 230 
PHE C   OXT  sing N N 231 
PHE CB  CG   sing N N 232 
PHE CB  HB2  sing N N 233 
PHE CB  HB3  sing N N 234 
PHE CG  CD1  doub Y N 235 
PHE CG  CD2  sing Y N 236 
PHE CD1 CE1  sing Y N 237 
PHE CD1 HD1  sing N N 238 
PHE CD2 CE2  doub Y N 239 
PHE CD2 HD2  sing N N 240 
PHE CE1 CZ   doub Y N 241 
PHE CE1 HE1  sing N N 242 
PHE CE2 CZ   sing Y N 243 
PHE CE2 HE2  sing N N 244 
PHE CZ  HZ   sing N N 245 
PHE OXT HXT  sing N N 246 
PRO N   CA   sing N N 247 
PRO N   CD   sing N N 248 
PRO N   H    sing N N 249 
PRO CA  C    sing N N 250 
PRO CA  CB   sing N N 251 
PRO CA  HA   sing N N 252 
PRO C   O    doub N N 253 
PRO C   OXT  sing N N 254 
PRO CB  CG   sing N N 255 
PRO CB  HB2  sing N N 256 
PRO CB  HB3  sing N N 257 
PRO CG  CD   sing N N 258 
PRO CG  HG2  sing N N 259 
PRO CG  HG3  sing N N 260 
PRO CD  HD2  sing N N 261 
PRO CD  HD3  sing N N 262 
PRO OXT HXT  sing N N 263 
SER N   CA   sing N N 264 
SER N   H    sing N N 265 
SER N   H2   sing N N 266 
SER CA  C    sing N N 267 
SER CA  CB   sing N N 268 
SER CA  HA   sing N N 269 
SER C   O    doub N N 270 
SER C   OXT  sing N N 271 
SER CB  OG   sing N N 272 
SER CB  HB2  sing N N 273 
SER CB  HB3  sing N N 274 
SER OG  HG   sing N N 275 
SER OXT HXT  sing N N 276 
THR N   CA   sing N N 277 
THR N   H    sing N N 278 
THR N   H2   sing N N 279 
THR CA  C    sing N N 280 
THR CA  CB   sing N N 281 
THR CA  HA   sing N N 282 
THR C   O    doub N N 283 
THR C   OXT  sing N N 284 
THR CB  OG1  sing N N 285 
THR CB  CG2  sing N N 286 
THR CB  HB   sing N N 287 
THR OG1 HG1  sing N N 288 
THR CG2 HG21 sing N N 289 
THR CG2 HG22 sing N N 290 
THR CG2 HG23 sing N N 291 
THR OXT HXT  sing N N 292 
TYR N   CA   sing N N 293 
TYR N   H    sing N N 294 
TYR N   H2   sing N N 295 
TYR CA  C    sing N N 296 
TYR CA  CB   sing N N 297 
TYR CA  HA   sing N N 298 
TYR C   O    doub N N 299 
TYR C   OXT  sing N N 300 
TYR CB  CG   sing N N 301 
TYR CB  HB2  sing N N 302 
TYR CB  HB3  sing N N 303 
TYR CG  CD1  doub Y N 304 
TYR CG  CD2  sing Y N 305 
TYR CD1 CE1  sing Y N 306 
TYR CD1 HD1  sing N N 307 
TYR CD2 CE2  doub Y N 308 
TYR CD2 HD2  sing N N 309 
TYR CE1 CZ   doub Y N 310 
TYR CE1 HE1  sing N N 311 
TYR CE2 CZ   sing Y N 312 
TYR CE2 HE2  sing N N 313 
TYR CZ  OH   sing N N 314 
TYR OH  HH   sing N N 315 
TYR OXT HXT  sing N N 316 
VAL N   CA   sing N N 317 
VAL N   H    sing N N 318 
VAL N   H2   sing N N 319 
VAL CA  C    sing N N 320 
VAL CA  CB   sing N N 321 
VAL CA  HA   sing N N 322 
VAL C   O    doub N N 323 
VAL C   OXT  sing N N 324 
VAL CB  CG1  sing N N 325 
VAL CB  CG2  sing N N 326 
VAL CB  HB   sing N N 327 
VAL CG1 HG11 sing N N 328 
VAL CG1 HG12 sing N N 329 
VAL CG1 HG13 sing N N 330 
VAL CG2 HG21 sing N N 331 
VAL CG2 HG22 sing N N 332 
VAL CG2 HG23 sing N N 333 
VAL OXT HXT  sing N N 334 
# 
_pdbx_entity_nonpoly.entity_id   2 
_pdbx_entity_nonpoly.name        water 
_pdbx_entity_nonpoly.comp_id     HOH 
# 
_pdbx_initial_refinement_model.id               1 
_pdbx_initial_refinement_model.entity_id_list   ? 
_pdbx_initial_refinement_model.type             'experimental model' 
_pdbx_initial_refinement_model.source_name      PDB 
_pdbx_initial_refinement_model.accession_code   1YJ7 
_pdbx_initial_refinement_model.details          'PDB entry 1YJ7' 
# 
